data_2DZJ
#
_entry.id   2DZJ
#
_entity_poly.entity_id   1
_entity_poly.type   'polypeptide(L)'
_entity_poly.pdbx_seq_one_letter_code
;GSSGSSGMKHYEVEILDAKTREKLCFLDKVEPHATIAEIKNLFTKTHPQWYPARQSLRLDPKGKSLKDEDVLQKLPVGTT
ATLYFRDL
;
_entity_poly.pdbx_strand_id   A
#
# COMPACT_ATOMS: atom_id res chain seq x y z
N GLY A 1 28.76 10.29 -9.29
CA GLY A 1 28.28 10.80 -10.55
C GLY A 1 27.02 10.10 -11.03
N SER A 2 26.83 10.07 -12.35
CA SER A 2 25.66 9.43 -12.94
C SER A 2 26.02 8.06 -13.49
N SER A 3 27.10 8.00 -14.26
CA SER A 3 27.55 6.74 -14.86
C SER A 3 26.35 5.87 -15.23
N GLY A 4 25.32 6.48 -15.80
CA GLY A 4 24.14 5.74 -16.19
C GLY A 4 23.36 5.23 -14.99
N SER A 5 22.03 5.28 -15.10
CA SER A 5 21.17 4.83 -14.02
C SER A 5 19.80 4.41 -14.54
N SER A 6 19.24 3.35 -13.96
CA SER A 6 17.94 2.85 -14.38
C SER A 6 16.81 3.55 -13.62
N GLY A 7 15.85 4.10 -14.37
CA GLY A 7 14.74 4.78 -13.75
C GLY A 7 13.47 3.96 -13.77
N MET A 8 12.91 3.69 -12.60
CA MET A 8 11.68 2.91 -12.48
C MET A 8 10.49 3.81 -12.17
N LYS A 9 9.47 3.75 -13.01
CA LYS A 9 8.27 4.55 -12.83
C LYS A 9 7.19 3.76 -12.08
N HIS A 10 7.60 3.06 -11.03
CA HIS A 10 6.67 2.27 -10.24
C HIS A 10 5.89 3.15 -9.27
N TYR A 11 4.92 2.55 -8.58
CA TYR A 11 4.11 3.29 -7.63
C TYR A 11 4.71 3.23 -6.23
N GLU A 12 4.54 4.30 -5.47
CA GLU A 12 5.07 4.37 -4.11
C GLU A 12 3.95 4.26 -3.08
N VAL A 13 3.91 3.14 -2.37
CA VAL A 13 2.89 2.91 -1.35
C VAL A 13 3.51 2.72 0.03
N GLU A 14 3.33 3.72 0.90
CA GLU A 14 3.88 3.66 2.25
C GLU A 14 2.81 3.25 3.25
N ILE A 15 2.84 1.99 3.65
CA ILE A 15 1.86 1.47 4.61
C ILE A 15 2.17 1.94 6.02
N LEU A 16 1.46 2.96 6.48
CA LEU A 16 1.66 3.52 7.81
C LEU A 16 0.62 2.97 8.79
N ASP A 17 0.84 3.22 10.08
CA ASP A 17 -0.08 2.75 11.10
C ASP A 17 -1.23 3.73 11.30
N ALA A 18 -2.35 3.24 11.82
CA ALA A 18 -3.52 4.08 12.06
C ALA A 18 -3.49 4.69 13.45
N LYS A 19 -2.40 4.43 14.19
CA LYS A 19 -2.25 4.95 15.53
C LYS A 19 -0.96 5.74 15.67
N THR A 20 0.18 5.05 15.53
CA THR A 20 1.48 5.69 15.63
C THR A 20 1.95 6.19 14.27
N ARG A 21 1.18 5.89 13.23
CA ARG A 21 1.52 6.31 11.88
C ARG A 21 3.02 6.15 11.62
N GLU A 22 3.56 4.99 12.01
CA GLU A 22 4.97 4.71 11.82
C GLU A 22 5.20 3.85 10.58
N LYS A 23 6.24 4.15 9.83
CA LYS A 23 6.57 3.41 8.61
C LYS A 23 6.79 1.93 8.93
N LEU A 24 5.89 1.09 8.43
CA LEU A 24 5.98 -0.35 8.66
C LEU A 24 6.57 -1.06 7.43
N CYS A 25 6.15 -0.62 6.26
CA CYS A 25 6.62 -1.21 5.01
C CYS A 25 6.54 -0.20 3.87
N PHE A 26 7.53 -0.24 2.98
CA PHE A 26 7.58 0.67 1.84
C PHE A 26 7.70 -0.10 0.53
N LEU A 27 6.65 -0.07 -0.27
CA LEU A 27 6.66 -0.77 -1.56
C LEU A 27 6.70 0.23 -2.72
N ASP A 28 7.90 0.54 -3.18
CA ASP A 28 8.08 1.47 -4.29
C ASP A 28 8.10 0.73 -5.63
N LYS A 29 7.69 -0.53 -5.60
CA LYS A 29 7.67 -1.35 -6.81
C LYS A 29 6.31 -2.00 -7.01
N VAL A 30 5.25 -1.22 -6.80
CA VAL A 30 3.89 -1.71 -6.96
C VAL A 30 3.30 -1.27 -8.30
N GLU A 31 2.47 -2.13 -8.88
CA GLU A 31 1.83 -1.83 -10.16
C GLU A 31 0.59 -0.98 -9.97
N PRO A 32 0.31 -0.11 -10.95
CA PRO A 32 -0.86 0.78 -10.92
C PRO A 32 -2.16 0.02 -11.07
N HIS A 33 -2.17 -0.99 -11.94
CA HIS A 33 -3.37 -1.78 -12.17
C HIS A 33 -3.58 -2.79 -11.04
N ALA A 34 -2.60 -2.89 -10.15
CA ALA A 34 -2.68 -3.81 -9.02
C ALA A 34 -3.81 -3.41 -8.08
N THR A 35 -4.66 -4.38 -7.73
CA THR A 35 -5.78 -4.14 -6.83
C THR A 35 -5.35 -4.26 -5.38
N ILE A 36 -6.07 -3.58 -4.49
CA ILE A 36 -5.77 -3.61 -3.07
C ILE A 36 -5.42 -5.03 -2.62
N ALA A 37 -6.17 -6.00 -3.10
CA ALA A 37 -5.94 -7.39 -2.75
C ALA A 37 -4.47 -7.77 -2.94
N GLU A 38 -3.93 -7.46 -4.11
CA GLU A 38 -2.54 -7.76 -4.42
C GLU A 38 -1.61 -7.09 -3.43
N ILE A 39 -1.89 -5.84 -3.11
CA ILE A 39 -1.08 -5.08 -2.17
C ILE A 39 -0.77 -5.90 -0.92
N LYS A 40 -1.80 -6.49 -0.33
CA LYS A 40 -1.63 -7.31 0.86
C LYS A 40 -0.58 -8.40 0.64
N ASN A 41 -0.77 -9.16 -0.44
CA ASN A 41 0.16 -10.24 -0.77
C ASN A 41 1.61 -9.77 -0.64
N LEU A 42 1.91 -8.62 -1.24
CA LEU A 42 3.26 -8.06 -1.19
C LEU A 42 3.77 -8.00 0.24
N PHE A 43 3.10 -7.22 1.08
CA PHE A 43 3.49 -7.08 2.48
C PHE A 43 3.79 -8.44 3.10
N THR A 44 3.12 -9.47 2.62
CA THR A 44 3.31 -10.83 3.12
C THR A 44 4.70 -11.35 2.75
N LYS A 45 5.11 -11.08 1.52
CA LYS A 45 6.41 -11.53 1.03
C LYS A 45 7.46 -11.45 2.14
N THR A 46 7.79 -10.23 2.55
CA THR A 46 8.78 -10.01 3.59
C THR A 46 8.38 -10.73 4.87
N HIS A 47 7.19 -10.42 5.39
CA HIS A 47 6.70 -11.03 6.61
C HIS A 47 5.60 -12.04 6.30
N PRO A 48 6.00 -13.32 6.15
CA PRO A 48 5.05 -14.41 5.85
C PRO A 48 4.14 -14.72 7.02
N GLN A 49 4.68 -14.63 8.23
CA GLN A 49 3.90 -14.90 9.44
C GLN A 49 2.64 -14.04 9.48
N TRP A 50 2.70 -12.87 8.88
CA TRP A 50 1.56 -11.95 8.84
C TRP A 50 0.66 -12.25 7.64
N TYR A 51 -0.56 -12.70 7.92
CA TYR A 51 -1.51 -13.03 6.87
C TYR A 51 -2.38 -11.82 6.53
N PRO A 52 -3.02 -11.86 5.35
CA PRO A 52 -3.88 -10.78 4.88
C PRO A 52 -5.17 -10.68 5.69
N ALA A 53 -5.64 -11.81 6.19
CA ALA A 53 -6.86 -11.85 6.98
C ALA A 53 -6.80 -10.85 8.13
N ARG A 54 -5.59 -10.40 8.45
CA ARG A 54 -5.41 -9.43 9.53
C ARG A 54 -5.15 -8.04 8.97
N GLN A 55 -4.06 -7.89 8.22
CA GLN A 55 -3.71 -6.60 7.64
C GLN A 55 -4.95 -5.86 7.16
N SER A 56 -5.29 -4.78 7.85
CA SER A 56 -6.46 -3.98 7.50
C SER A 56 -6.05 -2.64 6.93
N LEU A 57 -6.29 -2.44 5.63
CA LEU A 57 -5.94 -1.19 4.97
C LEU A 57 -7.13 -0.24 4.93
N ARG A 58 -6.86 1.05 5.06
CA ARG A 58 -7.91 2.06 5.04
C ARG A 58 -7.39 3.37 4.47
N LEU A 59 -8.15 3.94 3.53
CA LEU A 59 -7.77 5.20 2.89
C LEU A 59 -7.54 6.29 3.94
N ASP A 60 -8.17 6.14 5.09
CA ASP A 60 -8.02 7.10 6.18
C ASP A 60 -8.15 6.42 7.54
N PRO A 61 -7.51 7.01 8.56
CA PRO A 61 -7.53 6.48 9.92
C PRO A 61 -8.91 6.60 10.57
N LYS A 62 -9.80 7.33 9.91
CA LYS A 62 -11.16 7.52 10.42
C LYS A 62 -12.20 7.23 9.34
N GLY A 63 -11.85 6.33 8.42
CA GLY A 63 -12.76 5.98 7.35
C GLY A 63 -13.28 4.56 7.47
N LYS A 64 -13.04 3.76 6.42
CA LYS A 64 -13.47 2.37 6.41
C LYS A 64 -12.39 1.47 5.81
N SER A 65 -12.66 0.16 5.80
CA SER A 65 -11.72 -0.80 5.26
C SER A 65 -11.77 -0.82 3.74
N LEU A 66 -10.61 -0.83 3.10
CA LEU A 66 -10.53 -0.86 1.65
C LEU A 66 -10.91 -2.23 1.11
N LYS A 67 -11.29 -2.26 -0.17
CA LYS A 67 -11.69 -3.51 -0.81
C LYS A 67 -10.94 -3.71 -2.13
N ASP A 68 -10.60 -4.96 -2.43
CA ASP A 68 -9.88 -5.27 -3.67
C ASP A 68 -10.37 -4.39 -4.82
N GLU A 69 -11.68 -4.27 -4.94
CA GLU A 69 -12.27 -3.46 -6.01
C GLU A 69 -11.42 -2.24 -6.30
N ASP A 70 -11.00 -1.55 -5.24
CA ASP A 70 -10.17 -0.36 -5.37
C ASP A 70 -8.84 -0.70 -6.04
N VAL A 71 -8.30 0.25 -6.80
CA VAL A 71 -7.03 0.06 -7.48
C VAL A 71 -6.09 1.24 -7.26
N LEU A 72 -4.80 1.00 -7.39
CA LEU A 72 -3.80 2.04 -7.20
C LEU A 72 -3.95 3.13 -8.26
N GLN A 73 -4.77 2.87 -9.26
CA GLN A 73 -4.99 3.83 -10.34
C GLN A 73 -6.42 4.36 -10.29
N LYS A 74 -7.30 3.63 -9.62
CA LYS A 74 -8.70 4.04 -9.50
C LYS A 74 -8.93 4.84 -8.22
N LEU A 75 -8.11 4.58 -7.20
CA LEU A 75 -8.22 5.28 -5.93
C LEU A 75 -8.02 6.78 -6.12
N PRO A 76 -8.59 7.57 -5.19
CA PRO A 76 -8.48 9.03 -5.24
C PRO A 76 -7.08 9.52 -4.93
N VAL A 77 -6.09 8.67 -5.19
CA VAL A 77 -4.69 9.01 -4.94
C VAL A 77 -3.88 8.97 -6.22
N GLY A 78 -2.64 9.44 -6.16
CA GLY A 78 -1.78 9.44 -7.33
C GLY A 78 -0.68 8.41 -7.24
N THR A 79 0.45 8.69 -7.88
CA THR A 79 1.58 7.77 -7.87
C THR A 79 1.95 7.36 -6.45
N THR A 80 1.88 8.32 -5.53
CA THR A 80 2.20 8.07 -4.13
C THR A 80 0.95 7.80 -3.31
N ALA A 81 0.62 6.53 -3.12
CA ALA A 81 -0.55 6.14 -2.35
C ALA A 81 -0.20 5.89 -0.88
N THR A 82 -1.15 6.17 0.01
CA THR A 82 -0.92 5.96 1.44
C THR A 82 -2.01 5.07 2.03
N LEU A 83 -1.58 4.00 2.68
CA LEU A 83 -2.51 3.06 3.30
C LEU A 83 -2.28 2.97 4.80
N TYR A 84 -3.36 2.87 5.57
CA TYR A 84 -3.27 2.78 7.01
C TYR A 84 -3.55 1.35 7.49
N PHE A 85 -2.69 0.85 8.38
CA PHE A 85 -2.83 -0.49 8.90
C PHE A 85 -3.54 -0.47 10.26
N ARG A 86 -4.33 -1.49 10.54
CA ARG A 86 -5.07 -1.59 11.79
C ARG A 86 -4.98 -3.01 12.36
N ASP A 87 -4.39 -3.13 13.54
CA ASP A 87 -4.25 -4.42 14.21
C ASP A 87 -5.61 -5.01 14.54
N LEU A 88 -5.80 -6.28 14.19
CA LEU A 88 -7.06 -6.96 14.46
C LEU A 88 -6.96 -7.83 15.71
N GLY A 1 21.04 -3.03 -24.81
CA GLY A 1 21.79 -1.94 -24.19
C GLY A 1 21.01 -0.65 -24.15
N SER A 2 21.10 0.06 -23.03
CA SER A 2 20.40 1.33 -22.86
C SER A 2 21.36 2.44 -22.44
N SER A 3 21.59 3.38 -23.34
CA SER A 3 22.49 4.50 -23.07
C SER A 3 21.87 5.46 -22.07
N GLY A 4 22.34 5.40 -20.82
CA GLY A 4 21.82 6.28 -19.79
C GLY A 4 21.45 5.53 -18.53
N SER A 5 21.13 6.26 -17.47
CA SER A 5 20.75 5.65 -16.19
C SER A 5 19.54 4.76 -16.35
N SER A 6 19.29 3.92 -15.35
CA SER A 6 18.16 3.01 -15.38
C SER A 6 16.89 3.70 -14.91
N GLY A 7 16.07 4.14 -15.87
CA GLY A 7 14.83 4.82 -15.52
C GLY A 7 13.76 3.87 -15.04
N MET A 8 13.14 4.21 -13.92
CA MET A 8 12.09 3.38 -13.35
C MET A 8 10.94 4.24 -12.81
N LYS A 9 9.76 4.07 -13.39
CA LYS A 9 8.58 4.83 -12.97
C LYS A 9 7.52 3.90 -12.37
N HIS A 10 7.57 3.74 -11.06
CA HIS A 10 6.61 2.88 -10.36
C HIS A 10 5.80 3.68 -9.35
N TYR A 11 4.88 3.01 -8.66
CA TYR A 11 4.04 3.65 -7.67
C TYR A 11 4.67 3.56 -6.28
N GLU A 12 4.58 4.64 -5.51
CA GLU A 12 5.13 4.68 -4.18
C GLU A 12 4.03 4.53 -3.12
N VAL A 13 4.03 3.38 -2.45
CA VAL A 13 3.03 3.10 -1.41
C VAL A 13 3.69 2.91 -0.06
N GLU A 14 3.31 3.75 0.90
CA GLU A 14 3.86 3.67 2.25
C GLU A 14 2.80 3.25 3.26
N ILE A 15 2.88 2.01 3.71
CA ILE A 15 1.92 1.48 4.67
C ILE A 15 2.25 1.93 6.09
N LEU A 16 1.54 2.95 6.56
CA LEU A 16 1.76 3.48 7.91
C LEU A 16 0.75 2.90 8.89
N ASP A 17 0.97 3.14 10.18
CA ASP A 17 0.08 2.65 11.22
C ASP A 17 -1.06 3.64 11.47
N ALA A 18 -2.16 3.13 12.01
CA ALA A 18 -3.32 3.97 12.30
C ALA A 18 -3.25 4.53 13.71
N LYS A 19 -2.16 4.23 14.41
CA LYS A 19 -1.97 4.70 15.77
C LYS A 19 -0.66 5.47 15.91
N THR A 20 0.45 4.80 15.62
CA THR A 20 1.77 5.42 15.71
C THR A 20 2.19 6.00 14.37
N ARG A 21 1.40 5.73 13.33
CA ARG A 21 1.70 6.21 12.00
C ARG A 21 3.18 6.04 11.67
N GLU A 22 3.71 4.84 11.94
CA GLU A 22 5.11 4.55 11.68
C GLU A 22 5.26 3.72 10.40
N LYS A 23 6.30 4.02 9.63
CA LYS A 23 6.56 3.30 8.39
C LYS A 23 6.86 1.83 8.66
N LEU A 24 5.94 0.96 8.27
CA LEU A 24 6.10 -0.47 8.45
C LEU A 24 6.62 -1.14 7.19
N CYS A 25 6.26 -0.57 6.04
CA CYS A 25 6.69 -1.12 4.76
C CYS A 25 6.70 -0.04 3.68
N PHE A 26 7.67 -0.10 2.78
CA PHE A 26 7.79 0.88 1.70
C PHE A 26 7.92 0.18 0.35
N LEU A 27 6.86 0.25 -0.45
CA LEU A 27 6.86 -0.37 -1.77
C LEU A 27 6.89 0.69 -2.87
N ASP A 28 8.06 0.89 -3.46
CA ASP A 28 8.22 1.87 -4.53
C ASP A 28 8.20 1.19 -5.90
N LYS A 29 8.00 -0.13 -5.89
CA LYS A 29 7.96 -0.90 -7.13
C LYS A 29 6.60 -1.55 -7.32
N VAL A 30 5.54 -0.81 -7.02
CA VAL A 30 4.17 -1.33 -7.16
C VAL A 30 3.57 -0.94 -8.50
N GLU A 31 2.69 -1.79 -9.01
CA GLU A 31 2.04 -1.54 -10.29
C GLU A 31 0.74 -0.75 -10.10
N PRO A 32 0.41 0.11 -11.08
CA PRO A 32 -0.80 0.93 -11.04
C PRO A 32 -2.06 0.10 -11.21
N HIS A 33 -1.96 -1.00 -11.96
CA HIS A 33 -3.09 -1.88 -12.19
C HIS A 33 -3.26 -2.87 -11.05
N ALA A 34 -2.32 -2.86 -10.12
CA ALA A 34 -2.36 -3.75 -8.97
C ALA A 34 -3.53 -3.42 -8.05
N THR A 35 -4.35 -4.42 -7.75
CA THR A 35 -5.50 -4.23 -6.89
C THR A 35 -5.12 -4.37 -5.41
N ILE A 36 -5.93 -3.77 -4.55
CA ILE A 36 -5.67 -3.84 -3.11
C ILE A 36 -5.33 -5.25 -2.67
N ALA A 37 -6.06 -6.23 -3.21
CA ALA A 37 -5.84 -7.63 -2.87
C ALA A 37 -4.37 -8.01 -3.06
N GLU A 38 -3.80 -7.58 -4.18
CA GLU A 38 -2.40 -7.88 -4.48
C GLU A 38 -1.48 -7.20 -3.48
N ILE A 39 -1.77 -5.94 -3.17
CA ILE A 39 -0.97 -5.18 -2.23
C ILE A 39 -0.76 -5.95 -0.93
N LYS A 40 -1.86 -6.41 -0.34
CA LYS A 40 -1.80 -7.16 0.91
C LYS A 40 -0.82 -8.32 0.80
N ASN A 41 -0.84 -9.00 -0.35
CA ASN A 41 0.05 -10.13 -0.58
C ASN A 41 1.51 -9.70 -0.49
N LEU A 42 1.86 -8.62 -1.18
CA LEU A 42 3.22 -8.12 -1.17
C LEU A 42 3.76 -8.01 0.25
N PHE A 43 3.05 -7.24 1.09
CA PHE A 43 3.45 -7.06 2.47
C PHE A 43 3.73 -8.40 3.14
N THR A 44 3.01 -9.43 2.71
CA THR A 44 3.18 -10.77 3.27
C THR A 44 4.56 -11.33 2.93
N LYS A 45 4.99 -11.12 1.69
CA LYS A 45 6.29 -11.61 1.23
C LYS A 45 7.32 -11.55 2.37
N THR A 46 7.69 -10.34 2.75
CA THR A 46 8.66 -10.15 3.83
C THR A 46 8.18 -10.79 5.13
N HIS A 47 6.98 -10.41 5.56
CA HIS A 47 6.41 -10.95 6.79
C HIS A 47 5.32 -11.96 6.48
N PRO A 48 5.69 -13.24 6.38
CA PRO A 48 4.76 -14.33 6.10
C PRO A 48 3.80 -14.60 7.25
N GLN A 49 4.29 -14.40 8.48
CA GLN A 49 3.47 -14.61 9.67
C GLN A 49 2.20 -13.77 9.62
N TRP A 50 2.30 -12.60 8.98
CA TRP A 50 1.16 -11.70 8.87
C TRP A 50 0.31 -12.04 7.66
N TYR A 51 -0.93 -12.45 7.91
CA TYR A 51 -1.85 -12.81 6.84
C TYR A 51 -2.74 -11.63 6.45
N PRO A 52 -3.31 -11.69 5.24
CA PRO A 52 -4.19 -10.64 4.73
C PRO A 52 -5.53 -10.59 5.46
N ALA A 53 -5.90 -11.69 6.08
CA ALA A 53 -7.15 -11.78 6.82
C ALA A 53 -7.07 -10.99 8.12
N ARG A 54 -5.86 -10.83 8.64
CA ARG A 54 -5.65 -10.11 9.88
C ARG A 54 -5.27 -8.65 9.61
N GLN A 55 -4.51 -8.43 8.53
CA GLN A 55 -4.08 -7.10 8.15
C GLN A 55 -5.25 -6.30 7.59
N SER A 56 -5.41 -5.07 8.07
CA SER A 56 -6.49 -4.20 7.61
C SER A 56 -5.92 -2.92 6.99
N LEU A 57 -6.34 -2.65 5.76
CA LEU A 57 -5.88 -1.46 5.06
C LEU A 57 -7.02 -0.45 4.88
N ARG A 58 -6.69 0.83 5.02
CA ARG A 58 -7.69 1.89 4.88
C ARG A 58 -7.05 3.17 4.36
N LEU A 59 -7.75 3.85 3.46
CA LEU A 59 -7.25 5.09 2.88
C LEU A 59 -7.07 6.16 3.96
N ASP A 60 -7.85 6.06 5.02
CA ASP A 60 -7.77 7.01 6.12
C ASP A 60 -7.95 6.31 7.47
N PRO A 61 -7.35 6.89 8.52
CA PRO A 61 -7.43 6.33 9.88
C PRO A 61 -8.83 6.46 10.47
N LYS A 62 -9.65 7.31 9.86
CA LYS A 62 -11.02 7.52 10.33
C LYS A 62 -12.03 7.27 9.21
N GLY A 63 -11.61 6.48 8.23
CA GLY A 63 -12.50 6.17 7.11
C GLY A 63 -13.11 4.78 7.22
N LYS A 64 -12.92 3.97 6.19
CA LYS A 64 -13.46 2.62 6.18
C LYS A 64 -12.45 1.63 5.61
N SER A 65 -12.80 0.35 5.63
CA SER A 65 -11.92 -0.70 5.12
C SER A 65 -11.92 -0.71 3.59
N LEU A 66 -10.73 -0.79 3.01
CA LEU A 66 -10.59 -0.80 1.55
C LEU A 66 -11.05 -2.13 0.98
N LYS A 67 -11.48 -2.12 -0.29
CA LYS A 67 -11.94 -3.33 -0.95
C LYS A 67 -11.05 -3.66 -2.15
N ASP A 68 -10.94 -4.96 -2.45
CA ASP A 68 -10.12 -5.41 -3.57
C ASP A 68 -10.44 -4.61 -4.84
N GLU A 69 -11.73 -4.44 -5.11
CA GLU A 69 -12.17 -3.70 -6.29
C GLU A 69 -11.32 -2.44 -6.49
N ASP A 70 -10.91 -1.83 -5.39
CA ASP A 70 -10.09 -0.63 -5.44
C ASP A 70 -8.74 -0.92 -6.09
N VAL A 71 -8.22 0.06 -6.83
CA VAL A 71 -6.93 -0.09 -7.50
C VAL A 71 -6.06 1.14 -7.28
N LEU A 72 -4.75 0.96 -7.47
CA LEU A 72 -3.80 2.05 -7.29
C LEU A 72 -3.98 3.11 -8.38
N GLN A 73 -4.77 2.77 -9.41
CA GLN A 73 -5.01 3.69 -10.50
C GLN A 73 -6.47 4.14 -10.51
N LYS A 74 -7.27 3.57 -9.62
CA LYS A 74 -8.69 3.91 -9.52
C LYS A 74 -9.00 4.60 -8.20
N LEU A 75 -8.17 4.35 -7.19
CA LEU A 75 -8.35 4.96 -5.88
C LEU A 75 -8.28 6.47 -5.97
N PRO A 76 -8.91 7.15 -5.00
CA PRO A 76 -8.94 8.61 -4.94
C PRO A 76 -7.58 9.21 -4.60
N VAL A 77 -6.52 8.46 -4.91
CA VAL A 77 -5.16 8.91 -4.63
C VAL A 77 -4.34 9.00 -5.91
N GLY A 78 -3.16 9.60 -5.81
CA GLY A 78 -2.30 9.73 -6.98
C GLY A 78 -1.15 8.74 -6.96
N THR A 79 -0.06 9.09 -7.64
CA THR A 79 1.12 8.23 -7.70
C THR A 79 1.54 7.78 -6.31
N THR A 80 1.57 8.72 -5.36
CA THR A 80 1.97 8.41 -4.00
C THR A 80 0.75 8.05 -3.14
N ALA A 81 0.47 6.75 -3.05
CA ALA A 81 -0.66 6.28 -2.27
C ALA A 81 -0.23 5.92 -0.84
N THR A 82 -1.09 6.24 0.12
CA THR A 82 -0.79 5.95 1.53
C THR A 82 -1.88 5.07 2.14
N LEU A 83 -1.45 3.98 2.78
CA LEU A 83 -2.39 3.06 3.40
C LEU A 83 -2.10 2.94 4.90
N TYR A 84 -3.16 2.79 5.69
CA TYR A 84 -3.02 2.66 7.14
C TYR A 84 -3.28 1.23 7.58
N PHE A 85 -2.46 0.74 8.51
CA PHE A 85 -2.59 -0.62 9.01
C PHE A 85 -3.41 -0.64 10.31
N ARG A 86 -4.23 -1.67 10.46
CA ARG A 86 -5.07 -1.81 11.65
C ARG A 86 -5.04 -3.24 12.18
N ASP A 87 -4.77 -3.39 13.47
CA ASP A 87 -4.72 -4.71 14.09
C ASP A 87 -6.12 -5.27 14.28
N LEU A 88 -6.33 -6.50 13.82
CA LEU A 88 -7.62 -7.15 13.95
C LEU A 88 -7.52 -8.40 14.81
N GLY A 1 20.66 0.99 -23.84
CA GLY A 1 21.86 0.56 -24.53
C GLY A 1 22.78 1.72 -24.87
N SER A 2 22.21 2.80 -25.38
CA SER A 2 22.99 3.98 -25.74
C SER A 2 22.70 5.13 -24.79
N SER A 3 23.44 6.23 -24.96
CA SER A 3 23.26 7.40 -24.12
C SER A 3 21.79 7.70 -23.90
N GLY A 4 21.37 7.67 -22.64
CA GLY A 4 19.98 7.94 -22.32
C GLY A 4 19.73 8.00 -20.82
N SER A 5 18.48 7.79 -20.42
CA SER A 5 18.11 7.82 -19.01
C SER A 5 17.55 6.47 -18.57
N SER A 6 17.79 6.13 -17.30
CA SER A 6 17.31 4.86 -16.75
C SER A 6 16.48 5.10 -15.50
N GLY A 7 15.66 4.12 -15.14
CA GLY A 7 14.82 4.24 -13.96
C GLY A 7 13.36 4.42 -14.31
N MET A 8 12.53 3.48 -13.87
CA MET A 8 11.10 3.55 -14.13
C MET A 8 10.36 4.26 -13.00
N LYS A 9 9.32 5.01 -13.35
CA LYS A 9 8.55 5.75 -12.36
C LYS A 9 7.41 4.88 -11.82
N HIS A 10 7.74 4.00 -10.89
CA HIS A 10 6.75 3.12 -10.28
C HIS A 10 5.92 3.86 -9.25
N TYR A 11 4.94 3.17 -8.68
CA TYR A 11 4.07 3.77 -7.67
C TYR A 11 4.69 3.67 -6.28
N GLU A 12 4.58 4.74 -5.51
CA GLU A 12 5.13 4.77 -4.15
C GLU A 12 4.02 4.60 -3.11
N VAL A 13 4.02 3.44 -2.45
CA VAL A 13 3.02 3.16 -1.43
C VAL A 13 3.67 3.01 -0.05
N GLU A 14 3.38 3.96 0.82
CA GLU A 14 3.93 3.94 2.18
C GLU A 14 2.88 3.51 3.19
N ILE A 15 2.92 2.23 3.58
CA ILE A 15 1.97 1.70 4.54
C ILE A 15 2.33 2.11 5.97
N LEU A 16 1.56 3.04 6.52
CA LEU A 16 1.79 3.53 7.87
C LEU A 16 0.80 2.91 8.85
N ASP A 17 1.02 3.16 10.14
CA ASP A 17 0.14 2.64 11.17
C ASP A 17 -1.00 3.60 11.48
N ALA A 18 -2.10 3.08 12.02
CA ALA A 18 -3.25 3.90 12.35
C ALA A 18 -3.15 4.42 13.79
N LYS A 19 -2.06 4.11 14.45
CA LYS A 19 -1.84 4.54 15.84
C LYS A 19 -0.57 5.37 15.96
N THR A 20 0.58 4.74 15.67
CA THR A 20 1.86 5.43 15.75
C THR A 20 2.25 6.01 14.40
N ARG A 21 1.50 5.66 13.37
CA ARG A 21 1.76 6.15 12.02
C ARG A 21 3.24 6.00 11.67
N GLU A 22 3.77 4.80 11.88
CA GLU A 22 5.17 4.52 11.58
C GLU A 22 5.31 3.69 10.31
N LYS A 23 6.28 4.05 9.48
CA LYS A 23 6.52 3.34 8.23
C LYS A 23 6.88 1.88 8.49
N LEU A 24 5.94 0.98 8.22
CA LEU A 24 6.15 -0.44 8.43
C LEU A 24 6.62 -1.12 7.14
N CYS A 25 6.15 -0.60 6.01
CA CYS A 25 6.53 -1.15 4.71
C CYS A 25 6.49 -0.07 3.64
N PHE A 26 7.55 0.00 2.83
CA PHE A 26 7.64 0.98 1.76
C PHE A 26 7.84 0.30 0.41
N LEU A 27 6.78 0.30 -0.40
CA LEU A 27 6.84 -0.32 -1.72
C LEU A 27 6.86 0.75 -2.82
N ASP A 28 8.04 0.99 -3.37
CA ASP A 28 8.19 1.98 -4.43
C ASP A 28 8.23 1.31 -5.80
N LYS A 29 7.92 0.02 -5.83
CA LYS A 29 7.92 -0.73 -7.08
C LYS A 29 6.57 -1.42 -7.31
N VAL A 30 5.50 -0.74 -6.90
CA VAL A 30 4.15 -1.28 -7.07
C VAL A 30 3.55 -0.86 -8.39
N GLU A 31 2.59 -1.64 -8.88
CA GLU A 31 1.93 -1.34 -10.14
C GLU A 31 0.62 -0.59 -9.91
N PRO A 32 0.26 0.28 -10.88
CA PRO A 32 -0.97 1.07 -10.81
C PRO A 32 -2.22 0.22 -10.96
N HIS A 33 -2.21 -0.70 -11.91
CA HIS A 33 -3.33 -1.58 -12.15
C HIS A 33 -3.47 -2.62 -11.03
N ALA A 34 -2.52 -2.61 -10.11
CA ALA A 34 -2.53 -3.55 -9.00
C ALA A 34 -3.70 -3.28 -8.06
N THR A 35 -4.43 -4.33 -7.70
CA THR A 35 -5.57 -4.21 -6.81
C THR A 35 -5.18 -4.44 -5.36
N ILE A 36 -5.93 -3.83 -4.45
CA ILE A 36 -5.66 -3.98 -3.03
C ILE A 36 -5.29 -5.41 -2.67
N ALA A 37 -6.01 -6.36 -3.26
CA ALA A 37 -5.74 -7.78 -3.01
C ALA A 37 -4.26 -8.11 -3.20
N GLU A 38 -3.69 -7.62 -4.30
CA GLU A 38 -2.29 -7.87 -4.59
C GLU A 38 -1.39 -7.19 -3.58
N ILE A 39 -1.71 -5.93 -3.26
CA ILE A 39 -0.92 -5.17 -2.30
C ILE A 39 -0.72 -5.95 -1.01
N LYS A 40 -1.78 -6.62 -0.55
CA LYS A 40 -1.71 -7.42 0.67
C LYS A 40 -0.70 -8.55 0.53
N ASN A 41 -0.70 -9.20 -0.64
CA ASN A 41 0.20 -10.31 -0.90
C ASN A 41 1.66 -9.87 -0.72
N LEU A 42 1.97 -8.67 -1.20
CA LEU A 42 3.32 -8.14 -1.09
C LEU A 42 3.77 -8.06 0.36
N PHE A 43 3.04 -7.29 1.16
CA PHE A 43 3.35 -7.14 2.58
C PHE A 43 3.62 -8.48 3.23
N THR A 44 2.90 -9.51 2.77
CA THR A 44 3.05 -10.86 3.31
C THR A 44 4.44 -11.41 3.00
N LYS A 45 4.88 -11.22 1.77
CA LYS A 45 6.20 -11.71 1.34
C LYS A 45 7.20 -11.62 2.48
N THR A 46 7.56 -10.40 2.86
CA THR A 46 8.51 -10.17 3.94
C THR A 46 8.01 -10.80 5.25
N HIS A 47 6.81 -10.41 5.66
CA HIS A 47 6.22 -10.93 6.89
C HIS A 47 5.12 -11.93 6.58
N PRO A 48 5.50 -13.21 6.49
CA PRO A 48 4.56 -14.30 6.19
C PRO A 48 3.60 -14.56 7.36
N GLN A 49 4.08 -14.33 8.58
CA GLN A 49 3.27 -14.55 9.77
C GLN A 49 2.03 -13.67 9.74
N TRP A 50 2.14 -12.50 9.12
CA TRP A 50 1.02 -11.56 9.03
C TRP A 50 0.15 -11.87 7.81
N TYR A 51 -0.93 -12.60 8.04
CA TYR A 51 -1.85 -12.97 6.96
C TYR A 51 -2.73 -11.79 6.58
N PRO A 52 -3.32 -11.85 5.38
CA PRO A 52 -4.21 -10.80 4.86
C PRO A 52 -5.54 -10.75 5.61
N ALA A 53 -5.92 -11.88 6.20
CA ALA A 53 -7.17 -11.97 6.94
C ALA A 53 -7.11 -11.12 8.21
N ARG A 54 -5.90 -10.74 8.60
CA ARG A 54 -5.71 -9.92 9.80
C ARG A 54 -5.37 -8.48 9.42
N GLN A 55 -4.40 -8.31 8.54
CA GLN A 55 -3.98 -6.98 8.11
C GLN A 55 -5.17 -6.18 7.58
N SER A 56 -5.43 -5.04 8.20
CA SER A 56 -6.55 -4.18 7.80
C SER A 56 -6.03 -2.89 7.17
N LEU A 57 -6.33 -2.70 5.88
CA LEU A 57 -5.90 -1.51 5.16
C LEU A 57 -7.04 -0.49 5.07
N ARG A 58 -6.70 0.78 5.16
CA ARG A 58 -7.68 1.85 5.09
C ARG A 58 -7.07 3.13 4.54
N LEU A 59 -7.78 3.78 3.62
CA LEU A 59 -7.29 5.02 3.02
C LEU A 59 -6.99 6.06 4.09
N ASP A 60 -7.69 5.97 5.21
CA ASP A 60 -7.49 6.90 6.32
C ASP A 60 -7.64 6.20 7.67
N PRO A 61 -7.01 6.76 8.71
CA PRO A 61 -7.06 6.21 10.06
C PRO A 61 -8.44 6.34 10.69
N LYS A 62 -9.35 7.04 10.00
CA LYS A 62 -10.70 7.23 10.50
C LYS A 62 -11.72 6.89 9.42
N GLY A 63 -11.28 6.16 8.40
CA GLY A 63 -12.17 5.77 7.32
C GLY A 63 -12.72 4.36 7.50
N LYS A 64 -12.45 3.50 6.53
CA LYS A 64 -12.91 2.12 6.57
C LYS A 64 -11.94 1.18 5.88
N SER A 65 -12.22 -0.11 5.93
CA SER A 65 -11.35 -1.11 5.30
C SER A 65 -11.49 -1.07 3.78
N LEU A 66 -10.37 -1.16 3.08
CA LEU A 66 -10.37 -1.13 1.63
C LEU A 66 -10.74 -2.50 1.06
N LYS A 67 -11.28 -2.50 -0.16
CA LYS A 67 -11.69 -3.73 -0.81
C LYS A 67 -10.86 -3.96 -2.08
N ASP A 68 -10.71 -5.22 -2.46
CA ASP A 68 -9.95 -5.57 -3.65
C ASP A 68 -10.37 -4.71 -4.83
N GLU A 69 -11.67 -4.47 -4.96
CA GLU A 69 -12.20 -3.66 -6.04
C GLU A 69 -11.35 -2.42 -6.26
N ASP A 70 -10.90 -1.82 -5.16
CA ASP A 70 -10.08 -0.62 -5.23
C ASP A 70 -8.76 -0.89 -5.94
N VAL A 71 -8.25 0.11 -6.63
CA VAL A 71 -6.98 -0.03 -7.35
C VAL A 71 -6.07 1.17 -7.11
N LEU A 72 -4.77 0.96 -7.26
CA LEU A 72 -3.79 2.01 -7.06
C LEU A 72 -3.95 3.12 -8.11
N GLN A 73 -4.79 2.85 -9.11
CA GLN A 73 -5.03 3.82 -10.17
C GLN A 73 -6.47 4.33 -10.13
N LYS A 74 -7.34 3.59 -9.44
CA LYS A 74 -8.73 3.97 -9.32
C LYS A 74 -8.99 4.72 -8.01
N LEU A 75 -8.16 4.44 -7.00
CA LEU A 75 -8.29 5.09 -5.71
C LEU A 75 -8.16 6.60 -5.84
N PRO A 76 -8.76 7.33 -4.87
CA PRO A 76 -8.72 8.80 -4.86
C PRO A 76 -7.33 9.34 -4.55
N VAL A 77 -6.31 8.54 -4.85
CA VAL A 77 -4.93 8.94 -4.61
C VAL A 77 -4.13 8.98 -5.91
N GLY A 78 -2.93 9.53 -5.84
CA GLY A 78 -2.08 9.62 -7.02
C GLY A 78 -0.88 8.70 -6.94
N THR A 79 0.09 8.92 -7.81
CA THR A 79 1.30 8.10 -7.84
C THR A 79 1.71 7.68 -6.43
N THR A 80 1.66 8.62 -5.50
CA THR A 80 2.03 8.36 -4.12
C THR A 80 0.81 7.99 -3.28
N ALA A 81 0.60 6.69 -3.09
CA ALA A 81 -0.53 6.21 -2.30
C ALA A 81 -0.13 5.96 -0.86
N THR A 82 -1.05 6.22 0.06
CA THR A 82 -0.79 6.02 1.49
C THR A 82 -1.88 5.18 2.13
N LEU A 83 -1.47 4.06 2.75
CA LEU A 83 -2.41 3.17 3.41
C LEU A 83 -2.11 3.06 4.90
N TYR A 84 -3.14 2.77 5.68
CA TYR A 84 -2.98 2.64 7.13
C TYR A 84 -3.27 1.21 7.58
N PHE A 85 -2.38 0.67 8.41
CA PHE A 85 -2.53 -0.69 8.91
C PHE A 85 -3.21 -0.69 10.28
N ARG A 86 -4.10 -1.66 10.49
CA ARG A 86 -4.81 -1.77 11.76
C ARG A 86 -4.87 -3.22 12.23
N ASP A 87 -4.53 -3.44 13.50
CA ASP A 87 -4.54 -4.77 14.07
C ASP A 87 -5.97 -5.25 14.32
N LEU A 88 -6.26 -6.48 13.92
CA LEU A 88 -7.59 -7.06 14.10
C LEU A 88 -7.52 -8.33 14.93
N GLY A 1 19.81 -2.01 -11.48
CA GLY A 1 20.76 -0.99 -11.06
C GLY A 1 20.73 0.24 -11.93
N SER A 2 20.81 1.41 -11.31
CA SER A 2 20.78 2.67 -12.04
C SER A 2 21.90 3.59 -11.58
N SER A 3 22.09 4.70 -12.31
CA SER A 3 23.13 5.65 -11.97
C SER A 3 22.53 7.00 -11.61
N GLY A 4 22.28 7.20 -10.31
CA GLY A 4 21.71 8.45 -9.85
C GLY A 4 20.19 8.40 -9.79
N SER A 5 19.55 8.63 -10.93
CA SER A 5 18.10 8.62 -11.00
C SER A 5 17.56 7.21 -10.80
N SER A 6 16.84 7.01 -9.70
CA SER A 6 16.26 5.71 -9.39
C SER A 6 14.76 5.70 -9.62
N GLY A 7 14.16 4.52 -9.56
CA GLY A 7 12.73 4.40 -9.77
C GLY A 7 12.37 4.28 -11.24
N MET A 8 11.79 3.13 -11.61
CA MET A 8 11.39 2.90 -12.99
C MET A 8 9.97 3.41 -13.24
N LYS A 9 9.68 4.60 -12.73
CA LYS A 9 8.36 5.19 -12.91
C LYS A 9 7.28 4.30 -12.32
N HIS A 10 7.50 3.81 -11.11
CA HIS A 10 6.54 2.95 -10.43
C HIS A 10 5.73 3.72 -9.40
N TYR A 11 4.81 3.03 -8.73
CA TYR A 11 3.97 3.66 -7.72
C TYR A 11 4.60 3.55 -6.34
N GLU A 12 4.43 4.59 -5.53
CA GLU A 12 4.98 4.62 -4.18
C GLU A 12 3.88 4.42 -3.14
N VAL A 13 3.91 3.27 -2.47
CA VAL A 13 2.93 2.96 -1.45
C VAL A 13 3.58 2.76 -0.08
N GLU A 14 3.30 3.68 0.84
CA GLU A 14 3.87 3.60 2.18
C GLU A 14 2.80 3.18 3.20
N ILE A 15 2.87 1.92 3.62
CA ILE A 15 1.92 1.38 4.58
C ILE A 15 2.28 1.82 6.00
N LEU A 16 1.58 2.82 6.51
CA LEU A 16 1.83 3.33 7.85
C LEU A 16 0.78 2.79 8.84
N ASP A 17 1.01 3.04 10.12
CA ASP A 17 0.08 2.60 11.16
C ASP A 17 -1.03 3.61 11.36
N ALA A 18 -2.16 3.14 11.88
CA ALA A 18 -3.31 4.02 12.12
C ALA A 18 -3.27 4.58 13.54
N LYS A 19 -2.21 4.28 14.26
CA LYS A 19 -2.05 4.75 15.63
C LYS A 19 -0.75 5.54 15.79
N THR A 20 0.38 4.86 15.63
CA THR A 20 1.68 5.50 15.75
C THR A 20 2.16 6.04 14.40
N ARG A 21 1.42 5.71 13.34
CA ARG A 21 1.77 6.16 12.00
C ARG A 21 3.27 5.94 11.73
N GLU A 22 3.74 4.73 11.97
CA GLU A 22 5.14 4.39 11.76
C GLU A 22 5.32 3.62 10.45
N LYS A 23 6.36 3.96 9.71
CA LYS A 23 6.65 3.30 8.44
C LYS A 23 6.83 1.79 8.64
N LEU A 24 5.83 1.02 8.23
CA LEU A 24 5.89 -0.44 8.37
C LEU A 24 6.44 -1.07 7.10
N CYS A 25 6.07 -0.53 5.94
CA CYS A 25 6.53 -1.05 4.67
C CYS A 25 6.53 0.05 3.60
N PHE A 26 7.46 -0.05 2.65
CA PHE A 26 7.56 0.93 1.59
C PHE A 26 7.77 0.24 0.24
N LEU A 27 6.72 0.23 -0.58
CA LEU A 27 6.78 -0.40 -1.90
C LEU A 27 6.83 0.66 -2.99
N ASP A 28 8.04 0.91 -3.51
CA ASP A 28 8.21 1.89 -4.57
C ASP A 28 8.26 1.22 -5.94
N LYS A 29 7.79 -0.02 -5.99
CA LYS A 29 7.76 -0.78 -7.23
C LYS A 29 6.42 -1.49 -7.42
N VAL A 30 5.33 -0.78 -7.11
CA VAL A 30 4.00 -1.34 -7.23
C VAL A 30 3.35 -0.93 -8.55
N GLU A 31 2.44 -1.75 -9.04
CA GLU A 31 1.75 -1.47 -10.30
C GLU A 31 0.48 -0.66 -10.05
N PRO A 32 0.12 0.20 -11.01
CA PRO A 32 -1.06 1.05 -10.92
C PRO A 32 -2.36 0.26 -11.03
N HIS A 33 -2.31 -0.84 -11.78
CA HIS A 33 -3.48 -1.69 -11.96
C HIS A 33 -3.64 -2.66 -10.79
N ALA A 34 -2.57 -2.81 -10.01
CA ALA A 34 -2.59 -3.70 -8.86
C ALA A 34 -3.69 -3.33 -7.88
N THR A 35 -4.52 -4.30 -7.52
CA THR A 35 -5.63 -4.07 -6.60
C THR A 35 -5.17 -4.25 -5.15
N ILE A 36 -5.96 -3.72 -4.22
CA ILE A 36 -5.65 -3.83 -2.81
C ILE A 36 -5.31 -5.26 -2.42
N ALA A 37 -6.09 -6.21 -2.94
CA ALA A 37 -5.87 -7.61 -2.65
C ALA A 37 -4.41 -8.01 -2.87
N GLU A 38 -3.87 -7.61 -4.02
CA GLU A 38 -2.48 -7.91 -4.35
C GLU A 38 -1.53 -7.23 -3.39
N ILE A 39 -1.79 -5.95 -3.11
CA ILE A 39 -0.96 -5.18 -2.21
C ILE A 39 -0.71 -5.93 -0.91
N LYS A 40 -1.72 -6.65 -0.43
CA LYS A 40 -1.61 -7.43 0.80
C LYS A 40 -0.63 -8.58 0.62
N ASN A 41 -0.70 -9.25 -0.52
CA ASN A 41 0.19 -10.37 -0.81
C ASN A 41 1.65 -9.96 -0.70
N LEU A 42 1.97 -8.79 -1.26
CA LEU A 42 3.33 -8.28 -1.22
C LEU A 42 3.84 -8.19 0.21
N PHE A 43 3.27 -7.27 0.99
CA PHE A 43 3.67 -7.09 2.38
C PHE A 43 3.96 -8.43 3.04
N THR A 44 3.04 -9.38 2.86
CA THR A 44 3.20 -10.71 3.44
C THR A 44 4.60 -11.24 3.24
N LYS A 45 5.11 -11.10 2.02
CA LYS A 45 6.45 -11.57 1.69
C LYS A 45 7.40 -11.38 2.87
N THR A 46 7.67 -10.12 3.21
CA THR A 46 8.56 -9.79 4.32
C THR A 46 8.07 -10.44 5.61
N HIS A 47 6.79 -10.23 5.93
CA HIS A 47 6.20 -10.79 7.14
C HIS A 47 5.16 -11.86 6.80
N PRO A 48 5.58 -13.12 6.85
CA PRO A 48 4.69 -14.26 6.55
C PRO A 48 3.63 -14.46 7.62
N GLN A 49 4.00 -14.22 8.87
CA GLN A 49 3.07 -14.38 9.98
C GLN A 49 1.86 -13.46 9.82
N TRP A 50 2.08 -12.31 9.19
CA TRP A 50 1.01 -11.34 8.97
C TRP A 50 0.17 -11.72 7.76
N TYR A 51 -0.91 -12.46 7.99
CA TYR A 51 -1.78 -12.89 6.90
C TYR A 51 -2.65 -11.74 6.41
N PRO A 52 -3.17 -11.87 5.18
CA PRO A 52 -4.03 -10.85 4.56
C PRO A 52 -5.38 -10.74 5.25
N ALA A 53 -5.85 -11.84 5.84
CA ALA A 53 -7.13 -11.85 6.53
C ALA A 53 -7.16 -10.85 7.66
N ARG A 54 -5.98 -10.53 8.20
CA ARG A 54 -5.87 -9.58 9.30
C ARG A 54 -5.41 -8.21 8.79
N GLN A 55 -4.39 -8.23 7.94
CA GLN A 55 -3.85 -7.00 7.37
C GLN A 55 -4.98 -6.11 6.83
N SER A 56 -5.38 -5.12 7.63
CA SER A 56 -6.45 -4.21 7.23
C SER A 56 -5.87 -2.91 6.69
N LEU A 57 -6.37 -2.48 5.54
CA LEU A 57 -5.90 -1.24 4.91
C LEU A 57 -7.04 -0.22 4.81
N ARG A 58 -6.70 1.05 4.98
CA ARG A 58 -7.68 2.12 4.90
C ARG A 58 -7.06 3.40 4.35
N LEU A 59 -7.77 4.05 3.43
CA LEU A 59 -7.28 5.28 2.82
C LEU A 59 -7.05 6.35 3.88
N ASP A 60 -7.70 6.20 5.03
CA ASP A 60 -7.56 7.15 6.12
C ASP A 60 -7.78 6.47 7.46
N PRO A 61 -7.17 7.03 8.52
CA PRO A 61 -7.30 6.49 9.89
C PRO A 61 -8.69 6.69 10.46
N LYS A 62 -9.51 7.48 9.78
CA LYS A 62 -10.88 7.76 10.22
C LYS A 62 -11.87 7.51 9.09
N GLY A 63 -11.49 6.65 8.15
CA GLY A 63 -12.37 6.34 7.04
C GLY A 63 -13.06 5.01 7.20
N LYS A 64 -12.88 4.12 6.22
CA LYS A 64 -13.50 2.81 6.26
C LYS A 64 -12.50 1.73 5.83
N SER A 65 -12.98 0.49 5.76
CA SER A 65 -12.13 -0.63 5.36
C SER A 65 -12.04 -0.74 3.85
N LEU A 66 -10.81 -0.73 3.34
CA LEU A 66 -10.59 -0.83 1.90
C LEU A 66 -10.97 -2.20 1.37
N LYS A 67 -11.15 -2.30 0.06
CA LYS A 67 -11.52 -3.57 -0.58
C LYS A 67 -10.77 -3.77 -1.88
N ASP A 68 -10.53 -5.02 -2.24
CA ASP A 68 -9.82 -5.35 -3.47
C ASP A 68 -10.30 -4.47 -4.62
N GLU A 69 -11.62 -4.39 -4.79
CA GLU A 69 -12.20 -3.59 -5.86
C GLU A 69 -11.38 -2.32 -6.10
N ASP A 70 -10.87 -1.74 -5.02
CA ASP A 70 -10.06 -0.53 -5.11
C ASP A 70 -8.76 -0.80 -5.84
N VAL A 71 -8.27 0.22 -6.54
CA VAL A 71 -7.02 0.10 -7.30
C VAL A 71 -6.13 1.32 -7.09
N LEU A 72 -4.83 1.12 -7.17
CA LEU A 72 -3.86 2.20 -7.00
C LEU A 72 -4.07 3.29 -8.04
N GLN A 73 -4.91 3.00 -9.03
CA GLN A 73 -5.20 3.95 -10.09
C GLN A 73 -6.63 4.45 -10.01
N LYS A 74 -7.48 3.68 -9.32
CA LYS A 74 -8.88 4.05 -9.16
C LYS A 74 -9.08 4.89 -7.90
N LEU A 75 -8.26 4.66 -6.90
CA LEU A 75 -8.34 5.39 -5.64
C LEU A 75 -8.13 6.89 -5.87
N PRO A 76 -8.69 7.71 -4.97
CA PRO A 76 -8.57 9.17 -5.05
C PRO A 76 -7.14 9.65 -4.77
N VAL A 77 -6.17 8.78 -5.01
CA VAL A 77 -4.78 9.12 -4.78
C VAL A 77 -3.97 9.05 -6.08
N GLY A 78 -2.74 9.56 -6.04
CA GLY A 78 -1.89 9.54 -7.21
C GLY A 78 -0.77 8.52 -7.12
N THR A 79 0.32 8.78 -7.83
CA THR A 79 1.47 7.88 -7.81
C THR A 79 1.87 7.52 -6.39
N THR A 80 1.88 8.53 -5.51
CA THR A 80 2.24 8.32 -4.11
C THR A 80 1.02 7.96 -3.28
N ALA A 81 0.72 6.67 -3.18
CA ALA A 81 -0.43 6.20 -2.41
C ALA A 81 -0.03 5.93 -0.96
N THR A 82 -0.97 6.15 -0.05
CA THR A 82 -0.72 5.94 1.37
C THR A 82 -1.82 5.08 1.99
N LEU A 83 -1.42 4.00 2.65
CA LEU A 83 -2.36 3.10 3.29
C LEU A 83 -2.09 2.99 4.78
N TYR A 84 -3.14 2.75 5.56
CA TYR A 84 -3.01 2.63 7.01
C TYR A 84 -3.32 1.20 7.46
N PHE A 85 -2.47 0.66 8.33
CA PHE A 85 -2.63 -0.69 8.84
C PHE A 85 -3.34 -0.67 10.20
N ARG A 86 -4.23 -1.63 10.40
CA ARG A 86 -4.97 -1.73 11.66
C ARG A 86 -4.96 -3.16 12.19
N ASP A 87 -4.46 -3.33 13.41
CA ASP A 87 -4.40 -4.65 14.03
C ASP A 87 -5.79 -5.19 14.29
N LEU A 88 -6.10 -6.34 13.68
CA LEU A 88 -7.40 -6.97 13.85
C LEU A 88 -7.32 -8.14 14.82
N GLY A 1 28.52 11.41 -11.39
CA GLY A 1 27.64 10.24 -11.46
C GLY A 1 26.29 10.50 -10.82
N SER A 2 25.68 11.62 -11.17
CA SER A 2 24.37 11.99 -10.62
C SER A 2 23.26 11.16 -11.27
N SER A 3 22.12 11.09 -10.59
CA SER A 3 20.97 10.34 -11.10
C SER A 3 20.69 10.70 -12.56
N GLY A 4 19.79 9.95 -13.18
CA GLY A 4 19.45 10.20 -14.57
C GLY A 4 18.23 11.09 -14.71
N SER A 5 17.67 11.12 -15.91
CA SER A 5 16.49 11.94 -16.18
C SER A 5 15.21 11.14 -15.95
N SER A 6 15.07 10.04 -16.67
CA SER A 6 13.88 9.20 -16.55
C SER A 6 14.27 7.71 -16.57
N GLY A 7 13.29 6.85 -16.42
CA GLY A 7 13.55 5.42 -16.43
C GLY A 7 12.53 4.64 -15.60
N MET A 8 12.99 4.08 -14.49
CA MET A 8 12.11 3.32 -13.61
C MET A 8 11.08 4.22 -12.94
N LYS A 9 9.82 4.05 -13.33
CA LYS A 9 8.74 4.85 -12.77
C LYS A 9 7.63 3.96 -12.21
N HIS A 10 7.70 3.69 -10.91
CA HIS A 10 6.71 2.85 -10.25
C HIS A 10 5.89 3.66 -9.25
N TYR A 11 4.92 3.00 -8.62
CA TYR A 11 4.06 3.67 -7.64
C TYR A 11 4.67 3.57 -6.25
N GLU A 12 4.59 4.68 -5.51
CA GLU A 12 5.14 4.72 -4.15
C GLU A 12 4.02 4.55 -3.11
N VAL A 13 4.02 3.41 -2.44
CA VAL A 13 3.02 3.12 -1.42
C VAL A 13 3.65 2.96 -0.05
N GLU A 14 3.33 3.89 0.85
CA GLU A 14 3.88 3.85 2.21
C GLU A 14 2.83 3.35 3.20
N ILE A 15 2.93 2.08 3.57
CA ILE A 15 1.99 1.48 4.51
C ILE A 15 2.29 1.92 5.94
N LEU A 16 1.56 2.92 6.41
CA LEU A 16 1.76 3.42 7.77
C LEU A 16 0.72 2.84 8.73
N ASP A 17 0.90 3.10 10.02
CA ASP A 17 -0.03 2.60 11.03
C ASP A 17 -1.15 3.61 11.29
N ALA A 18 -2.26 3.11 11.82
CA ALA A 18 -3.40 3.96 12.11
C ALA A 18 -3.32 4.54 13.52
N LYS A 19 -2.39 4.00 14.31
CA LYS A 19 -2.21 4.45 15.68
C LYS A 19 -0.93 5.27 15.82
N THR A 20 0.21 4.58 15.80
CA THR A 20 1.50 5.24 15.93
C THR A 20 1.97 5.80 14.58
N ARG A 21 1.27 5.41 13.51
CA ARG A 21 1.61 5.86 12.17
C ARG A 21 3.12 5.75 11.93
N GLU A 22 3.67 4.58 12.19
CA GLU A 22 5.09 4.34 12.01
C GLU A 22 5.36 3.56 10.73
N LYS A 23 6.31 4.03 9.93
CA LYS A 23 6.65 3.37 8.67
C LYS A 23 6.87 1.87 8.89
N LEU A 24 5.92 1.07 8.40
CA LEU A 24 6.01 -0.38 8.54
C LEU A 24 6.59 -1.01 7.28
N CYS A 25 6.18 -0.49 6.12
CA CYS A 25 6.66 -1.00 4.85
C CYS A 25 6.50 0.04 3.75
N PHE A 26 7.48 0.12 2.86
CA PHE A 26 7.45 1.08 1.76
C PHE A 26 7.70 0.39 0.42
N LEU A 27 6.64 0.22 -0.36
CA LEU A 27 6.75 -0.43 -1.66
C LEU A 27 6.83 0.61 -2.78
N ASP A 28 8.05 0.94 -3.19
CA ASP A 28 8.26 1.92 -4.26
C ASP A 28 8.35 1.22 -5.61
N LYS A 29 7.90 -0.02 -5.66
CA LYS A 29 7.92 -0.80 -6.90
C LYS A 29 6.58 -1.49 -7.13
N VAL A 30 5.48 -0.78 -6.86
CA VAL A 30 4.15 -1.32 -7.04
C VAL A 30 3.54 -0.85 -8.35
N GLU A 31 2.67 -1.68 -8.93
CA GLU A 31 2.02 -1.34 -10.20
C GLU A 31 0.75 -0.56 -9.95
N PRO A 32 0.38 0.29 -10.93
CA PRO A 32 -0.83 1.13 -10.85
C PRO A 32 -2.11 0.30 -10.95
N HIS A 33 -2.10 -0.70 -11.83
CA HIS A 33 -3.26 -1.56 -12.02
C HIS A 33 -3.42 -2.51 -10.84
N ALA A 34 -2.35 -2.72 -10.10
CA ALA A 34 -2.37 -3.61 -8.95
C ALA A 34 -3.53 -3.28 -8.02
N THR A 35 -4.34 -4.28 -7.71
CA THR A 35 -5.49 -4.10 -6.83
C THR A 35 -5.10 -4.27 -5.36
N ILE A 36 -5.95 -3.79 -4.47
CA ILE A 36 -5.70 -3.90 -3.04
C ILE A 36 -5.32 -5.32 -2.65
N ALA A 37 -6.04 -6.29 -3.20
CA ALA A 37 -5.79 -7.70 -2.92
C ALA A 37 -4.30 -8.02 -3.06
N GLU A 38 -3.72 -7.60 -4.17
CA GLU A 38 -2.30 -7.84 -4.42
C GLU A 38 -1.43 -7.15 -3.37
N ILE A 39 -1.73 -5.88 -3.11
CA ILE A 39 -0.97 -5.11 -2.12
C ILE A 39 -0.77 -5.91 -0.84
N LYS A 40 -1.83 -6.52 -0.35
CA LYS A 40 -1.77 -7.31 0.87
C LYS A 40 -0.75 -8.44 0.73
N ASN A 41 -0.79 -9.13 -0.41
CA ASN A 41 0.13 -10.23 -0.65
C ASN A 41 1.58 -9.77 -0.51
N LEU A 42 1.93 -8.70 -1.21
CA LEU A 42 3.28 -8.16 -1.15
C LEU A 42 3.77 -8.08 0.29
N PHE A 43 3.11 -7.26 1.10
CA PHE A 43 3.49 -7.10 2.50
C PHE A 43 3.75 -8.45 3.15
N THR A 44 2.92 -9.43 2.83
CA THR A 44 3.06 -10.77 3.39
C THR A 44 4.39 -11.40 2.98
N LYS A 45 4.75 -11.22 1.71
CA LYS A 45 6.01 -11.78 1.19
C LYS A 45 7.09 -11.74 2.26
N THR A 46 7.47 -10.54 2.70
CA THR A 46 8.49 -10.38 3.72
C THR A 46 8.07 -11.03 5.03
N HIS A 47 6.93 -10.60 5.56
CA HIS A 47 6.42 -11.14 6.81
C HIS A 47 5.27 -12.10 6.55
N PRO A 48 5.57 -13.41 6.54
CA PRO A 48 4.57 -14.46 6.30
C PRO A 48 3.60 -14.60 7.47
N GLN A 49 4.12 -14.57 8.69
CA GLN A 49 3.30 -14.69 9.88
C GLN A 49 2.08 -13.77 9.80
N TRP A 50 2.27 -12.62 9.19
CA TRP A 50 1.19 -11.64 9.05
C TRP A 50 0.31 -11.99 7.85
N TYR A 51 -0.78 -12.70 8.10
CA TYR A 51 -1.71 -13.10 7.04
C TYR A 51 -2.54 -11.92 6.58
N PRO A 52 -3.11 -12.03 5.37
CA PRO A 52 -3.94 -10.98 4.78
C PRO A 52 -5.27 -10.82 5.50
N ALA A 53 -5.72 -11.89 6.15
CA ALA A 53 -6.98 -11.88 6.89
C ALA A 53 -6.90 -10.93 8.09
N ARG A 54 -5.68 -10.62 8.50
CA ARG A 54 -5.47 -9.74 9.64
C ARG A 54 -5.11 -8.32 9.17
N GLN A 55 -4.13 -8.22 8.29
CA GLN A 55 -3.71 -6.93 7.77
C GLN A 55 -4.89 -6.15 7.20
N SER A 56 -5.18 -5.00 7.80
CA SER A 56 -6.28 -4.16 7.36
C SER A 56 -5.77 -2.84 6.79
N LEU A 57 -6.08 -2.59 5.52
CA LEU A 57 -5.65 -1.38 4.85
C LEU A 57 -6.82 -0.40 4.71
N ARG A 58 -6.54 0.88 4.95
CA ARG A 58 -7.56 1.92 4.85
C ARG A 58 -6.98 3.20 4.28
N LEU A 59 -7.70 3.81 3.34
CA LEU A 59 -7.25 5.05 2.71
C LEU A 59 -7.06 6.15 3.75
N ASP A 60 -7.69 5.98 4.91
CA ASP A 60 -7.59 6.96 5.99
C ASP A 60 -7.83 6.30 7.34
N PRO A 61 -7.25 6.89 8.40
CA PRO A 61 -7.37 6.37 9.76
C PRO A 61 -8.78 6.54 10.32
N LYS A 62 -9.58 7.37 9.65
CA LYS A 62 -10.96 7.61 10.08
C LYS A 62 -11.94 7.31 8.95
N GLY A 63 -11.59 6.33 8.11
CA GLY A 63 -12.46 5.96 7.01
C GLY A 63 -13.05 4.57 7.17
N LYS A 64 -12.79 3.71 6.19
CA LYS A 64 -13.30 2.34 6.22
C LYS A 64 -12.33 1.38 5.54
N SER A 65 -12.56 0.09 5.72
CA SER A 65 -11.71 -0.93 5.12
C SER A 65 -11.77 -0.87 3.60
N LEU A 66 -10.63 -1.09 2.95
CA LEU A 66 -10.56 -1.06 1.50
C LEU A 66 -11.01 -2.38 0.91
N LYS A 67 -11.47 -2.34 -0.34
CA LYS A 67 -11.93 -3.55 -1.03
C LYS A 67 -11.04 -3.86 -2.22
N ASP A 68 -10.84 -5.15 -2.48
CA ASP A 68 -10.02 -5.60 -3.60
C ASP A 68 -10.33 -4.79 -4.86
N GLU A 69 -11.61 -4.57 -5.11
CA GLU A 69 -12.04 -3.82 -6.28
C GLU A 69 -11.19 -2.57 -6.46
N ASP A 70 -10.84 -1.93 -5.35
CA ASP A 70 -10.02 -0.73 -5.38
C ASP A 70 -8.72 -0.97 -6.12
N VAL A 71 -8.18 0.09 -6.74
CA VAL A 71 -6.94 -0.01 -7.49
C VAL A 71 -6.05 1.20 -7.24
N LEU A 72 -4.74 1.01 -7.34
CA LEU A 72 -3.79 2.09 -7.14
C LEU A 72 -3.98 3.19 -8.17
N GLN A 73 -4.79 2.91 -9.19
CA GLN A 73 -5.06 3.87 -10.25
C GLN A 73 -6.51 4.36 -10.19
N LYS A 74 -7.35 3.60 -9.50
CA LYS A 74 -8.76 3.96 -9.36
C LYS A 74 -9.00 4.74 -8.08
N LEU A 75 -8.18 4.48 -7.07
CA LEU A 75 -8.31 5.17 -5.79
C LEU A 75 -8.17 6.68 -5.96
N PRO A 76 -8.75 7.45 -5.02
CA PRO A 76 -8.70 8.90 -5.05
C PRO A 76 -7.31 9.45 -4.76
N VAL A 77 -6.29 8.63 -5.03
CA VAL A 77 -4.91 9.03 -4.81
C VAL A 77 -4.11 9.01 -6.11
N GLY A 78 -2.89 9.55 -6.06
CA GLY A 78 -2.05 9.59 -7.24
C GLY A 78 -0.89 8.61 -7.16
N THR A 79 0.19 8.92 -7.86
CA THR A 79 1.37 8.06 -7.87
C THR A 79 1.77 7.65 -6.45
N THR A 80 1.74 8.62 -5.54
CA THR A 80 2.10 8.36 -4.15
C THR A 80 0.87 8.02 -3.33
N ALA A 81 0.61 6.72 -3.18
CA ALA A 81 -0.54 6.26 -2.42
C ALA A 81 -0.15 5.97 -0.97
N THR A 82 -1.09 6.18 -0.05
CA THR A 82 -0.85 5.95 1.36
C THR A 82 -1.90 5.04 1.96
N LEU A 83 -1.44 3.98 2.63
CA LEU A 83 -2.36 3.02 3.25
C LEU A 83 -2.10 2.93 4.75
N TYR A 84 -3.18 2.79 5.52
CA TYR A 84 -3.09 2.69 6.97
C TYR A 84 -3.36 1.26 7.44
N PHE A 85 -2.51 0.78 8.34
CA PHE A 85 -2.66 -0.57 8.88
C PHE A 85 -3.44 -0.56 10.18
N ARG A 86 -4.30 -1.55 10.36
CA ARG A 86 -5.12 -1.66 11.56
C ARG A 86 -5.03 -3.06 12.17
N ASP A 87 -4.61 -3.13 13.42
CA ASP A 87 -4.48 -4.41 14.11
C ASP A 87 -5.84 -4.97 14.48
N LEU A 88 -6.13 -6.18 13.99
CA LEU A 88 -7.40 -6.83 14.26
C LEU A 88 -7.24 -7.91 15.33
N GLY A 1 7.10 18.89 -13.12
CA GLY A 1 7.83 18.19 -14.18
C GLY A 1 7.81 16.69 -13.97
N SER A 2 8.46 15.97 -14.90
CA SER A 2 8.51 14.51 -14.82
C SER A 2 9.81 14.05 -14.18
N SER A 3 10.93 14.61 -14.65
CA SER A 3 12.24 14.26 -14.13
C SER A 3 12.45 12.74 -14.16
N GLY A 4 12.04 12.12 -15.26
CA GLY A 4 12.19 10.69 -15.40
C GLY A 4 12.78 10.29 -16.74
N SER A 5 13.98 10.80 -17.02
CA SER A 5 14.65 10.50 -18.29
C SER A 5 14.63 9.00 -18.58
N SER A 6 15.17 8.22 -17.65
CA SER A 6 15.22 6.77 -17.80
C SER A 6 13.81 6.18 -17.77
N GLY A 7 12.99 6.66 -16.85
CA GLY A 7 11.63 6.17 -16.74
C GLY A 7 11.42 5.30 -15.51
N MET A 8 10.74 4.17 -15.70
CA MET A 8 10.48 3.24 -14.60
C MET A 8 9.75 3.95 -13.46
N LYS A 9 8.86 4.87 -13.81
CA LYS A 9 8.10 5.60 -12.82
C LYS A 9 7.09 4.71 -12.12
N HIS A 10 7.56 3.94 -11.14
CA HIS A 10 6.70 3.04 -10.39
C HIS A 10 5.86 3.79 -9.37
N TYR A 11 4.94 3.09 -8.71
CA TYR A 11 4.08 3.70 -7.72
C TYR A 11 4.69 3.58 -6.33
N GLU A 12 4.48 4.61 -5.51
CA GLU A 12 5.01 4.62 -4.14
C GLU A 12 3.89 4.46 -3.12
N VAL A 13 3.85 3.30 -2.46
CA VAL A 13 2.83 3.03 -1.46
C VAL A 13 3.45 2.89 -0.08
N GLU A 14 3.27 3.93 0.75
CA GLU A 14 3.81 3.91 2.11
C GLU A 14 2.77 3.39 3.09
N ILE A 15 2.93 2.12 3.47
CA ILE A 15 2.01 1.50 4.41
C ILE A 15 2.32 1.93 5.85
N LEU A 16 1.55 2.91 6.33
CA LEU A 16 1.74 3.42 7.69
C LEU A 16 0.69 2.83 8.63
N ASP A 17 0.90 3.04 9.92
CA ASP A 17 -0.02 2.53 10.94
C ASP A 17 -1.14 3.54 11.22
N ALA A 18 -2.25 3.05 11.74
CA ALA A 18 -3.39 3.91 12.05
C ALA A 18 -3.29 4.45 13.47
N LYS A 19 -2.35 3.91 14.25
CA LYS A 19 -2.16 4.34 15.63
C LYS A 19 -0.88 5.15 15.77
N THR A 20 0.26 4.46 15.75
CA THR A 20 1.55 5.11 15.87
C THR A 20 1.98 5.73 14.55
N ARG A 21 1.31 5.35 13.47
CA ARG A 21 1.63 5.87 12.14
C ARG A 21 3.11 5.72 11.84
N GLU A 22 3.63 4.51 12.03
CA GLU A 22 5.04 4.24 11.78
C GLU A 22 5.22 3.49 10.47
N LYS A 23 6.31 3.79 9.77
CA LYS A 23 6.60 3.15 8.49
C LYS A 23 6.91 1.67 8.69
N LEU A 24 5.96 0.81 8.32
CA LEU A 24 6.14 -0.63 8.46
C LEU A 24 6.65 -1.23 7.15
N CYS A 25 6.18 -0.71 6.03
CA CYS A 25 6.58 -1.20 4.72
C CYS A 25 6.55 -0.08 3.68
N PHE A 26 7.54 -0.06 2.81
CA PHE A 26 7.63 0.96 1.77
C PHE A 26 7.85 0.32 0.40
N LEU A 27 6.80 0.31 -0.42
CA LEU A 27 6.87 -0.26 -1.75
C LEU A 27 6.92 0.83 -2.82
N ASP A 28 8.09 1.00 -3.43
CA ASP A 28 8.28 2.00 -4.47
C ASP A 28 8.32 1.36 -5.85
N LYS A 29 7.87 0.11 -5.92
CA LYS A 29 7.86 -0.62 -7.19
C LYS A 29 6.51 -1.34 -7.39
N VAL A 30 5.43 -0.65 -7.06
CA VAL A 30 4.09 -1.21 -7.21
C VAL A 30 3.46 -0.79 -8.52
N GLU A 31 2.53 -1.61 -9.02
CA GLU A 31 1.85 -1.32 -10.28
C GLU A 31 0.57 -0.51 -10.02
N PRO A 32 0.24 0.36 -10.98
CA PRO A 32 -0.96 1.20 -10.90
C PRO A 32 -2.26 0.40 -11.03
N HIS A 33 -2.18 -0.72 -11.72
CA HIS A 33 -3.34 -1.59 -11.92
C HIS A 33 -3.44 -2.62 -10.80
N ALA A 34 -2.53 -2.54 -9.85
CA ALA A 34 -2.51 -3.48 -8.72
C ALA A 34 -3.66 -3.19 -7.76
N THR A 35 -4.46 -4.21 -7.48
CA THR A 35 -5.60 -4.07 -6.58
C THR A 35 -5.19 -4.29 -5.13
N ILE A 36 -5.99 -3.81 -4.20
CA ILE A 36 -5.71 -3.96 -2.78
C ILE A 36 -5.36 -5.40 -2.43
N ALA A 37 -6.06 -6.34 -3.08
CA ALA A 37 -5.82 -7.76 -2.84
C ALA A 37 -4.34 -8.10 -3.00
N GLU A 38 -3.73 -7.58 -4.06
CA GLU A 38 -2.31 -7.84 -4.32
C GLU A 38 -1.43 -7.12 -3.29
N ILE A 39 -1.74 -5.84 -3.05
CA ILE A 39 -0.97 -5.05 -2.09
C ILE A 39 -0.76 -5.81 -0.79
N LYS A 40 -1.79 -6.52 -0.35
CA LYS A 40 -1.71 -7.30 0.88
C LYS A 40 -0.69 -8.43 0.75
N ASN A 41 -0.71 -9.10 -0.40
CA ASN A 41 0.22 -10.21 -0.64
C ASN A 41 1.66 -9.73 -0.52
N LEU A 42 1.98 -8.63 -1.16
CA LEU A 42 3.33 -8.07 -1.11
C LEU A 42 3.82 -7.94 0.32
N PHE A 43 3.05 -7.24 1.14
CA PHE A 43 3.40 -7.04 2.55
C PHE A 43 3.65 -8.38 3.24
N THR A 44 2.90 -9.40 2.82
CA THR A 44 3.04 -10.73 3.40
C THR A 44 4.38 -11.35 3.05
N LYS A 45 4.86 -11.08 1.84
CA LYS A 45 6.13 -11.61 1.37
C LYS A 45 7.17 -11.56 2.49
N THR A 46 7.57 -10.36 2.88
CA THR A 46 8.57 -10.19 3.93
C THR A 46 8.13 -10.89 5.22
N HIS A 47 6.91 -10.60 5.65
CA HIS A 47 6.36 -11.20 6.86
C HIS A 47 5.33 -12.26 6.53
N PRO A 48 5.77 -13.52 6.42
CA PRO A 48 4.89 -14.64 6.10
C PRO A 48 3.94 -14.99 7.24
N GLN A 49 4.38 -14.72 8.47
CA GLN A 49 3.57 -14.99 9.65
C GLN A 49 2.29 -14.15 9.64
N TRP A 50 2.37 -12.99 9.01
CA TRP A 50 1.22 -12.09 8.93
C TRP A 50 0.37 -12.40 7.70
N TYR A 51 -0.83 -12.91 7.93
CA TYR A 51 -1.73 -13.25 6.84
C TYR A 51 -2.59 -12.05 6.45
N PRO A 52 -3.18 -12.10 5.25
CA PRO A 52 -4.03 -11.04 4.73
C PRO A 52 -5.36 -10.94 5.48
N ALA A 53 -5.72 -12.02 6.16
CA ALA A 53 -6.97 -12.06 6.92
C ALA A 53 -6.91 -11.11 8.12
N ARG A 54 -5.77 -10.46 8.30
CA ARG A 54 -5.58 -9.53 9.40
C ARG A 54 -5.28 -8.13 8.89
N GLN A 55 -4.25 -8.02 8.06
CA GLN A 55 -3.86 -6.73 7.50
C GLN A 55 -5.07 -5.95 7.01
N SER A 56 -5.41 -4.88 7.71
CA SER A 56 -6.55 -4.05 7.36
C SER A 56 -6.10 -2.71 6.80
N LEU A 57 -6.28 -2.52 5.50
CA LEU A 57 -5.89 -1.28 4.84
C LEU A 57 -7.05 -0.29 4.81
N ARG A 58 -6.74 0.99 5.01
CA ARG A 58 -7.76 2.03 5.01
C ARG A 58 -7.19 3.34 4.48
N LEU A 59 -7.91 3.97 3.55
CA LEU A 59 -7.46 5.23 2.97
C LEU A 59 -7.20 6.27 4.05
N ASP A 60 -7.77 6.05 5.23
CA ASP A 60 -7.60 6.96 6.36
C ASP A 60 -7.74 6.22 7.67
N PRO A 61 -7.10 6.77 8.73
CA PRO A 61 -7.15 6.18 10.07
C PRO A 61 -8.52 6.32 10.72
N LYS A 62 -9.42 7.03 10.04
CA LYS A 62 -10.77 7.24 10.55
C LYS A 62 -11.81 6.91 9.48
N GLY A 63 -11.38 6.21 8.45
CA GLY A 63 -12.29 5.83 7.37
C GLY A 63 -12.85 4.44 7.54
N LYS A 64 -12.75 3.64 6.49
CA LYS A 64 -13.25 2.26 6.52
C LYS A 64 -12.24 1.30 5.92
N SER A 65 -12.56 0.00 5.97
CA SER A 65 -11.68 -1.02 5.43
C SER A 65 -11.76 -1.05 3.90
N LEU A 66 -10.60 -1.02 3.26
CA LEU A 66 -10.54 -1.04 1.80
C LEU A 66 -10.86 -2.44 1.27
N LYS A 67 -11.21 -2.51 -0.01
CA LYS A 67 -11.53 -3.78 -0.64
C LYS A 67 -10.75 -3.95 -1.96
N ASP A 68 -10.55 -5.20 -2.36
CA ASP A 68 -9.83 -5.49 -3.59
C ASP A 68 -10.32 -4.62 -4.74
N GLU A 69 -11.64 -4.46 -4.82
CA GLU A 69 -12.25 -3.65 -5.87
C GLU A 69 -11.42 -2.39 -6.13
N ASP A 70 -10.89 -1.81 -5.05
CA ASP A 70 -10.08 -0.60 -5.16
C ASP A 70 -8.82 -0.87 -5.99
N VAL A 71 -8.27 0.20 -6.55
CA VAL A 71 -7.05 0.08 -7.36
C VAL A 71 -6.12 1.27 -7.12
N LEU A 72 -4.83 1.05 -7.30
CA LEU A 72 -3.83 2.09 -7.10
C LEU A 72 -3.98 3.19 -8.15
N GLN A 73 -4.77 2.91 -9.19
CA GLN A 73 -5.00 3.87 -10.25
C GLN A 73 -6.44 4.39 -10.22
N LYS A 74 -7.30 3.68 -9.50
CA LYS A 74 -8.71 4.06 -9.38
C LYS A 74 -8.95 4.84 -8.09
N LEU A 75 -8.13 4.56 -7.08
CA LEU A 75 -8.26 5.24 -5.79
C LEU A 75 -8.11 6.75 -5.95
N PRO A 76 -8.69 7.50 -5.00
CA PRO A 76 -8.63 8.96 -5.01
C PRO A 76 -7.23 9.49 -4.71
N VAL A 77 -6.23 8.67 -4.98
CA VAL A 77 -4.84 9.06 -4.73
C VAL A 77 -4.03 9.06 -6.02
N GLY A 78 -2.81 9.59 -5.95
CA GLY A 78 -1.96 9.64 -7.11
C GLY A 78 -0.75 8.74 -6.99
N THR A 79 0.24 8.95 -7.86
CA THR A 79 1.45 8.15 -7.85
C THR A 79 1.83 7.75 -6.43
N THR A 80 1.76 8.71 -5.51
CA THR A 80 2.10 8.47 -4.12
C THR A 80 0.87 8.10 -3.30
N ALA A 81 0.66 6.80 -3.11
CA ALA A 81 -0.48 6.31 -2.34
C ALA A 81 -0.09 6.01 -0.90
N THR A 82 -1.02 6.23 0.02
CA THR A 82 -0.77 5.97 1.43
C THR A 82 -1.87 5.11 2.04
N LEU A 83 -1.48 3.97 2.60
CA LEU A 83 -2.43 3.05 3.21
C LEU A 83 -2.17 2.92 4.71
N TYR A 84 -3.24 2.76 5.48
CA TYR A 84 -3.13 2.62 6.93
C TYR A 84 -3.45 1.20 7.37
N PHE A 85 -2.59 0.65 8.21
CA PHE A 85 -2.77 -0.71 8.71
C PHE A 85 -3.47 -0.71 10.07
N ARG A 86 -4.42 -1.63 10.23
CA ARG A 86 -5.18 -1.73 11.47
C ARG A 86 -5.07 -3.13 12.07
N ASP A 87 -4.70 -3.20 13.34
CA ASP A 87 -4.57 -4.49 14.02
C ASP A 87 -5.89 -5.25 14.04
N LEU A 88 -5.99 -6.26 13.19
CA LEU A 88 -7.21 -7.07 13.10
C LEU A 88 -6.96 -8.48 13.63
N GLY A 1 26.65 12.07 -6.12
CA GLY A 1 26.65 13.03 -7.20
C GLY A 1 25.25 13.34 -7.70
N SER A 2 25.12 13.58 -9.00
CA SER A 2 23.83 13.89 -9.60
C SER A 2 23.61 13.07 -10.86
N SER A 3 22.52 12.31 -10.89
CA SER A 3 22.20 11.46 -12.03
C SER A 3 20.69 11.45 -12.28
N GLY A 4 20.31 11.16 -13.52
CA GLY A 4 18.90 11.12 -13.87
C GLY A 4 18.58 10.00 -14.85
N SER A 5 18.86 8.77 -14.45
CA SER A 5 18.60 7.61 -15.29
C SER A 5 17.13 7.22 -15.26
N SER A 6 16.35 7.79 -16.18
CA SER A 6 14.92 7.50 -16.24
C SER A 6 14.66 6.13 -16.84
N GLY A 7 13.63 5.46 -16.36
CA GLY A 7 13.29 4.14 -16.84
C GLY A 7 11.84 3.78 -16.60
N MET A 8 11.51 3.44 -15.37
CA MET A 8 10.14 3.07 -15.01
C MET A 8 9.72 3.75 -13.71
N LYS A 9 8.69 4.58 -13.81
CA LYS A 9 8.18 5.30 -12.64
C LYS A 9 7.10 4.49 -11.94
N HIS A 10 7.52 3.58 -11.06
CA HIS A 10 6.58 2.74 -10.32
C HIS A 10 5.80 3.57 -9.31
N TYR A 11 4.82 2.94 -8.67
CA TYR A 11 3.99 3.61 -7.67
C TYR A 11 4.63 3.54 -6.29
N GLU A 12 4.43 4.59 -5.49
CA GLU A 12 4.99 4.64 -4.14
C GLU A 12 3.88 4.46 -3.11
N VAL A 13 3.88 3.32 -2.43
CA VAL A 13 2.89 3.02 -1.41
C VAL A 13 3.54 2.86 -0.04
N GLU A 14 3.26 3.81 0.85
CA GLU A 14 3.82 3.77 2.21
C GLU A 14 2.78 3.29 3.21
N ILE A 15 2.88 2.02 3.59
CA ILE A 15 1.95 1.45 4.56
C ILE A 15 2.27 1.88 5.98
N LEU A 16 1.54 2.88 6.48
CA LEU A 16 1.75 3.39 7.82
C LEU A 16 0.74 2.80 8.79
N ASP A 17 0.96 3.03 10.09
CA ASP A 17 0.06 2.53 11.12
C ASP A 17 -1.08 3.50 11.36
N ALA A 18 -2.19 2.98 11.89
CA ALA A 18 -3.36 3.81 12.17
C ALA A 18 -3.32 4.35 13.60
N LYS A 19 -2.25 3.99 14.32
CA LYS A 19 -2.10 4.44 15.71
C LYS A 19 -0.80 5.22 15.87
N THR A 20 0.33 4.55 15.66
CA THR A 20 1.63 5.17 15.79
C THR A 20 2.06 5.82 14.47
N ARG A 21 1.30 5.55 13.41
CA ARG A 21 1.60 6.11 12.10
C ARG A 21 3.10 5.99 11.79
N GLU A 22 3.66 4.82 12.05
CA GLU A 22 5.07 4.58 11.80
C GLU A 22 5.28 3.80 10.51
N LYS A 23 6.35 4.11 9.79
CA LYS A 23 6.66 3.45 8.53
C LYS A 23 6.89 1.95 8.76
N LEU A 24 5.95 1.14 8.31
CA LEU A 24 6.05 -0.32 8.45
C LEU A 24 6.64 -0.95 7.21
N CYS A 25 6.25 -0.43 6.04
CA CYS A 25 6.74 -0.94 4.77
C CYS A 25 6.66 0.12 3.69
N PHE A 26 7.61 0.08 2.75
CA PHE A 26 7.65 1.05 1.66
C PHE A 26 7.84 0.35 0.32
N LEU A 27 6.76 0.21 -0.43
CA LEU A 27 6.82 -0.44 -1.74
C LEU A 27 6.81 0.59 -2.87
N ASP A 28 8.00 0.94 -3.35
CA ASP A 28 8.13 1.90 -4.42
C ASP A 28 8.16 1.21 -5.78
N LYS A 29 7.82 -0.07 -5.79
CA LYS A 29 7.80 -0.85 -7.02
C LYS A 29 6.46 -1.55 -7.21
N VAL A 30 5.39 -0.83 -6.89
CA VAL A 30 4.03 -1.37 -7.03
C VAL A 30 3.41 -0.97 -8.35
N GLU A 31 2.54 -1.83 -8.89
CA GLU A 31 1.88 -1.56 -10.15
C GLU A 31 0.61 -0.75 -9.94
N PRO A 32 0.28 0.12 -10.89
CA PRO A 32 -0.92 0.96 -10.84
C PRO A 32 -2.21 0.16 -11.00
N HIS A 33 -2.16 -0.86 -11.84
CA HIS A 33 -3.32 -1.70 -12.08
C HIS A 33 -3.55 -2.66 -10.92
N ALA A 34 -2.48 -2.94 -10.17
CA ALA A 34 -2.57 -3.84 -9.02
C ALA A 34 -3.67 -3.40 -8.07
N THR A 35 -4.48 -4.37 -7.63
CA THR A 35 -5.58 -4.09 -6.71
C THR A 35 -5.12 -4.20 -5.26
N ILE A 36 -5.99 -3.81 -4.34
CA ILE A 36 -5.68 -3.87 -2.92
C ILE A 36 -5.28 -5.28 -2.50
N ALA A 37 -6.05 -6.26 -2.97
CA ALA A 37 -5.77 -7.67 -2.65
C ALA A 37 -4.31 -8.00 -2.87
N GLU A 38 -3.76 -7.60 -4.00
CA GLU A 38 -2.36 -7.86 -4.33
C GLU A 38 -1.44 -7.17 -3.32
N ILE A 39 -1.73 -5.91 -3.03
CA ILE A 39 -0.93 -5.14 -2.08
C ILE A 39 -0.64 -5.95 -0.82
N LYS A 40 -1.69 -6.56 -0.27
CA LYS A 40 -1.55 -7.37 0.94
C LYS A 40 -0.45 -8.41 0.77
N ASN A 41 -0.54 -9.18 -0.32
CA ASN A 41 0.44 -10.22 -0.60
C ASN A 41 1.87 -9.66 -0.49
N LEU A 42 2.14 -8.61 -1.26
CA LEU A 42 3.45 -7.99 -1.27
C LEU A 42 4.01 -7.89 0.16
N PHE A 43 3.18 -7.41 1.08
CA PHE A 43 3.59 -7.26 2.48
C PHE A 43 3.81 -8.64 3.12
N THR A 44 2.94 -9.59 2.79
CA THR A 44 3.05 -10.93 3.34
C THR A 44 4.39 -11.56 3.01
N LYS A 45 4.88 -11.32 1.80
CA LYS A 45 6.16 -11.85 1.37
C LYS A 45 7.17 -11.84 2.51
N THR A 46 7.48 -10.65 2.99
CA THR A 46 8.45 -10.49 4.07
C THR A 46 7.94 -11.16 5.35
N HIS A 47 6.78 -10.73 5.82
CA HIS A 47 6.19 -11.29 7.02
C HIS A 47 5.08 -12.28 6.68
N PRO A 48 5.42 -13.58 6.70
CA PRO A 48 4.46 -14.66 6.40
C PRO A 48 3.40 -14.81 7.47
N GLN A 49 3.84 -14.82 8.73
CA GLN A 49 2.91 -14.97 9.85
C GLN A 49 1.71 -14.04 9.69
N TRP A 50 1.92 -12.90 9.05
CA TRP A 50 0.86 -11.93 8.83
C TRP A 50 0.06 -12.27 7.57
N TYR A 51 -1.20 -12.64 7.76
CA TYR A 51 -2.07 -13.00 6.64
C TYR A 51 -2.83 -11.78 6.13
N PRO A 52 -3.34 -11.88 4.90
CA PRO A 52 -4.10 -10.78 4.27
C PRO A 52 -5.45 -10.57 4.93
N ALA A 53 -5.83 -11.49 5.81
CA ALA A 53 -7.11 -11.39 6.52
C ALA A 53 -7.01 -10.44 7.70
N ARG A 54 -5.83 -10.36 8.30
CA ARG A 54 -5.60 -9.49 9.44
C ARG A 54 -5.13 -8.11 8.99
N GLN A 55 -4.12 -8.09 8.12
CA GLN A 55 -3.56 -6.84 7.61
C GLN A 55 -4.66 -5.95 7.04
N SER A 56 -5.19 -5.07 7.87
CA SER A 56 -6.25 -4.15 7.45
C SER A 56 -5.67 -2.90 6.82
N LEU A 57 -6.24 -2.49 5.68
CA LEU A 57 -5.78 -1.30 4.98
C LEU A 57 -6.93 -0.33 4.74
N ARG A 58 -6.66 0.96 4.96
CA ARG A 58 -7.67 1.98 4.77
C ARG A 58 -7.04 3.28 4.25
N LEU A 59 -7.77 3.99 3.40
CA LEU A 59 -7.29 5.25 2.83
C LEU A 59 -7.11 6.29 3.92
N ASP A 60 -7.73 6.05 5.08
CA ASP A 60 -7.64 6.99 6.20
C ASP A 60 -7.91 6.27 7.52
N PRO A 61 -7.30 6.79 8.60
CA PRO A 61 -7.47 6.21 9.94
C PRO A 61 -8.87 6.42 10.50
N LYS A 62 -9.65 7.26 9.83
CA LYS A 62 -11.01 7.54 10.25
C LYS A 62 -12.00 7.30 9.11
N GLY A 63 -11.61 6.45 8.16
CA GLY A 63 -12.47 6.14 7.04
C GLY A 63 -13.15 4.80 7.18
N LYS A 64 -12.92 3.92 6.21
CA LYS A 64 -13.52 2.59 6.24
C LYS A 64 -12.53 1.54 5.72
N SER A 65 -12.96 0.29 5.72
CA SER A 65 -12.11 -0.81 5.26
C SER A 65 -12.08 -0.86 3.74
N LEU A 66 -10.88 -0.74 3.17
CA LEU A 66 -10.71 -0.77 1.72
C LEU A 66 -11.16 -2.12 1.15
N LYS A 67 -11.47 -2.14 -0.14
CA LYS A 67 -11.90 -3.36 -0.81
C LYS A 67 -11.04 -3.65 -2.03
N ASP A 68 -10.87 -4.93 -2.34
CA ASP A 68 -10.07 -5.34 -3.48
C ASP A 68 -10.46 -4.56 -4.73
N GLU A 69 -11.76 -4.41 -4.95
CA GLU A 69 -12.27 -3.68 -6.11
C GLU A 69 -11.48 -2.40 -6.33
N ASP A 70 -10.89 -1.89 -5.25
CA ASP A 70 -10.11 -0.66 -5.32
C ASP A 70 -8.76 -0.91 -6.01
N VAL A 71 -8.30 0.08 -6.77
CA VAL A 71 -7.03 -0.02 -7.49
C VAL A 71 -6.14 1.17 -7.20
N LEU A 72 -4.83 0.97 -7.36
CA LEU A 72 -3.87 2.04 -7.13
C LEU A 72 -4.05 3.17 -8.14
N GLN A 73 -4.87 2.92 -9.15
CA GLN A 73 -5.13 3.92 -10.18
C GLN A 73 -6.57 4.42 -10.11
N LYS A 74 -7.44 3.61 -9.53
CA LYS A 74 -8.86 3.97 -9.40
C LYS A 74 -9.10 4.73 -8.11
N LEU A 75 -8.29 4.43 -7.08
CA LEU A 75 -8.42 5.08 -5.79
C LEU A 75 -8.29 6.59 -5.92
N PRO A 76 -8.86 7.33 -4.97
CA PRO A 76 -8.82 8.79 -4.96
C PRO A 76 -7.42 9.32 -4.64
N VAL A 77 -6.40 8.51 -4.94
CA VAL A 77 -5.02 8.89 -4.68
C VAL A 77 -4.22 8.90 -5.98
N GLY A 78 -2.99 9.43 -5.90
CA GLY A 78 -2.14 9.49 -7.08
C GLY A 78 -0.95 8.56 -6.98
N THR A 79 0.06 8.79 -7.80
CA THR A 79 1.25 7.96 -7.82
C THR A 79 1.68 7.61 -6.39
N THR A 80 1.56 8.57 -5.48
CA THR A 80 1.94 8.37 -4.09
C THR A 80 0.73 7.99 -3.25
N ALA A 81 0.50 6.69 -3.11
CA ALA A 81 -0.63 6.19 -2.33
C ALA A 81 -0.20 5.88 -0.90
N THR A 82 -1.13 6.07 0.03
CA THR A 82 -0.85 5.81 1.44
C THR A 82 -1.91 4.91 2.06
N LEU A 83 -1.47 3.84 2.72
CA LEU A 83 -2.38 2.90 3.36
C LEU A 83 -2.10 2.79 4.84
N TYR A 84 -3.16 2.77 5.64
CA TYR A 84 -3.03 2.67 7.10
C TYR A 84 -3.29 1.24 7.57
N PHE A 85 -2.48 0.79 8.51
CA PHE A 85 -2.61 -0.56 9.06
C PHE A 85 -3.45 -0.55 10.34
N ARG A 86 -4.31 -1.56 10.48
CA ARG A 86 -5.18 -1.67 11.65
C ARG A 86 -5.12 -3.06 12.24
N ASP A 87 -4.90 -3.14 13.55
CA ASP A 87 -4.82 -4.42 14.24
C ASP A 87 -6.22 -4.99 14.49
N LEU A 88 -6.45 -6.21 14.00
CA LEU A 88 -7.74 -6.87 14.16
C LEU A 88 -7.81 -7.59 15.49
N GLY A 1 29.51 4.77 -8.80
CA GLY A 1 28.97 3.49 -9.22
C GLY A 1 27.57 3.25 -8.70
N SER A 2 27.44 3.13 -7.38
CA SER A 2 26.14 2.89 -6.76
C SER A 2 25.05 3.68 -7.45
N SER A 3 25.33 4.94 -7.75
CA SER A 3 24.37 5.80 -8.43
C SER A 3 24.78 6.06 -9.87
N GLY A 4 24.34 5.19 -10.78
CA GLY A 4 24.68 5.35 -12.18
C GLY A 4 23.48 5.68 -13.04
N SER A 5 23.18 4.80 -14.00
CA SER A 5 22.05 5.00 -14.89
C SER A 5 20.86 4.13 -14.47
N SER A 6 19.69 4.74 -14.39
CA SER A 6 18.48 4.02 -14.00
C SER A 6 17.24 4.85 -14.31
N GLY A 7 16.13 4.16 -14.55
CA GLY A 7 14.88 4.85 -14.86
C GLY A 7 13.68 3.94 -14.72
N MET A 8 13.09 3.90 -13.53
CA MET A 8 11.93 3.07 -13.27
C MET A 8 10.72 3.94 -12.91
N LYS A 9 9.56 3.57 -13.45
CA LYS A 9 8.33 4.30 -13.19
C LYS A 9 7.29 3.41 -12.49
N HIS A 10 7.38 3.34 -11.17
CA HIS A 10 6.45 2.54 -10.39
C HIS A 10 5.66 3.40 -9.42
N TYR A 11 4.83 2.76 -8.60
CA TYR A 11 4.01 3.46 -7.64
C TYR A 11 4.62 3.40 -6.25
N GLU A 12 4.61 4.52 -5.53
CA GLU A 12 5.17 4.59 -4.20
C GLU A 12 4.07 4.51 -3.13
N VAL A 13 4.03 3.39 -2.42
CA VAL A 13 3.03 3.18 -1.38
C VAL A 13 3.68 3.04 -0.01
N GLU A 14 3.31 3.93 0.91
CA GLU A 14 3.87 3.89 2.27
C GLU A 14 2.80 3.47 3.27
N ILE A 15 2.84 2.19 3.66
CA ILE A 15 1.88 1.66 4.63
C ILE A 15 2.24 2.10 6.04
N LEU A 16 1.53 3.11 6.54
CA LEU A 16 1.76 3.62 7.89
C LEU A 16 0.73 3.06 8.86
N ASP A 17 0.95 3.30 10.15
CA ASP A 17 0.03 2.83 11.19
C ASP A 17 -1.08 3.83 11.43
N ALA A 18 -2.19 3.35 11.96
CA ALA A 18 -3.34 4.21 12.24
C ALA A 18 -3.26 4.80 13.64
N LYS A 19 -2.21 4.42 14.37
CA LYS A 19 -2.02 4.91 15.73
C LYS A 19 -0.73 5.73 15.84
N THR A 20 0.40 5.04 15.74
CA THR A 20 1.70 5.70 15.82
C THR A 20 2.16 6.19 14.45
N ARG A 21 1.39 5.86 13.42
CA ARG A 21 1.72 6.26 12.06
C ARG A 21 3.21 6.09 11.78
N GLU A 22 3.73 4.92 12.11
CA GLU A 22 5.15 4.62 11.89
C GLU A 22 5.36 3.79 10.63
N LYS A 23 6.29 4.23 9.80
CA LYS A 23 6.58 3.53 8.56
C LYS A 23 6.82 2.05 8.81
N LEU A 24 5.84 1.22 8.44
CA LEU A 24 5.95 -0.22 8.63
C LEU A 24 6.50 -0.89 7.37
N CYS A 25 6.13 -0.36 6.21
CA CYS A 25 6.58 -0.91 4.94
C CYS A 25 6.50 0.14 3.84
N PHE A 26 7.45 0.09 2.91
CA PHE A 26 7.50 1.04 1.80
C PHE A 26 7.71 0.31 0.48
N LEU A 27 6.64 0.21 -0.31
CA LEU A 27 6.71 -0.46 -1.60
C LEU A 27 6.79 0.56 -2.74
N ASP A 28 8.00 0.82 -3.21
CA ASP A 28 8.20 1.77 -4.30
C ASP A 28 8.24 1.06 -5.65
N LYS A 29 7.84 -0.21 -5.64
CA LYS A 29 7.83 -1.00 -6.87
C LYS A 29 6.47 -1.68 -7.05
N VAL A 30 5.40 -0.92 -6.89
CA VAL A 30 4.05 -1.45 -7.04
C VAL A 30 3.42 -0.99 -8.35
N GLU A 31 2.61 -1.86 -8.95
CA GLU A 31 1.96 -1.53 -10.21
C GLU A 31 0.67 -0.74 -9.96
N PRO A 32 0.30 0.10 -10.95
CA PRO A 32 -0.91 0.92 -10.85
C PRO A 32 -2.18 0.09 -10.95
N HIS A 33 -2.21 -0.83 -11.90
CA HIS A 33 -3.37 -1.69 -12.10
C HIS A 33 -3.52 -2.68 -10.95
N ALA A 34 -2.51 -2.73 -10.08
CA ALA A 34 -2.52 -3.63 -8.94
C ALA A 34 -3.68 -3.30 -8.00
N THR A 35 -4.46 -4.33 -7.65
CA THR A 35 -5.60 -4.15 -6.76
C THR A 35 -5.21 -4.38 -5.31
N ILE A 36 -6.02 -3.86 -4.39
CA ILE A 36 -5.75 -4.02 -2.97
C ILE A 36 -5.39 -5.46 -2.62
N ALA A 37 -6.13 -6.40 -3.23
CA ALA A 37 -5.89 -7.83 -3.00
C ALA A 37 -4.42 -8.16 -3.15
N GLU A 38 -3.81 -7.70 -4.25
CA GLU A 38 -2.40 -7.96 -4.51
C GLU A 38 -1.52 -7.33 -3.44
N ILE A 39 -1.72 -6.03 -3.22
CA ILE A 39 -0.95 -5.30 -2.22
C ILE A 39 -0.70 -6.17 -0.98
N LYS A 40 -1.74 -6.82 -0.50
CA LYS A 40 -1.64 -7.68 0.68
C LYS A 40 -0.56 -8.73 0.48
N ASN A 41 -0.66 -9.48 -0.62
CA ASN A 41 0.31 -10.53 -0.92
C ASN A 41 1.74 -10.01 -0.75
N LEU A 42 2.01 -8.83 -1.29
CA LEU A 42 3.33 -8.23 -1.19
C LEU A 42 3.81 -8.18 0.26
N PHE A 43 3.09 -7.42 1.09
CA PHE A 43 3.43 -7.29 2.49
C PHE A 43 3.67 -8.65 3.12
N THR A 44 2.91 -9.65 2.68
CA THR A 44 3.04 -11.00 3.19
C THR A 44 4.40 -11.60 2.82
N LYS A 45 4.78 -11.45 1.57
CA LYS A 45 6.06 -11.97 1.08
C LYS A 45 7.13 -11.86 2.16
N THR A 46 7.45 -10.62 2.54
CA THR A 46 8.47 -10.37 3.54
C THR A 46 8.10 -11.03 4.87
N HIS A 47 6.96 -10.62 5.43
CA HIS A 47 6.49 -11.17 6.69
C HIS A 47 5.36 -12.18 6.46
N PRO A 48 5.69 -13.47 6.55
CA PRO A 48 4.73 -14.55 6.35
C PRO A 48 3.72 -14.64 7.49
N GLN A 49 4.22 -14.55 8.72
CA GLN A 49 3.36 -14.62 9.90
C GLN A 49 2.16 -13.69 9.75
N TRP A 50 2.39 -12.53 9.15
CA TRP A 50 1.32 -11.56 8.96
C TRP A 50 0.45 -11.94 7.76
N TYR A 51 -0.74 -12.46 8.05
CA TYR A 51 -1.66 -12.88 7.01
C TYR A 51 -2.51 -11.71 6.54
N PRO A 52 -3.11 -11.84 5.34
CA PRO A 52 -3.95 -10.80 4.75
C PRO A 52 -5.28 -10.64 5.50
N ALA A 53 -5.72 -11.71 6.15
CA ALA A 53 -6.97 -11.69 6.90
C ALA A 53 -6.89 -10.70 8.06
N ARG A 54 -5.69 -10.51 8.59
CA ARG A 54 -5.48 -9.60 9.70
C ARG A 54 -5.11 -8.21 9.20
N GLN A 55 -4.01 -8.13 8.47
CA GLN A 55 -3.53 -6.86 7.93
C GLN A 55 -4.68 -6.07 7.31
N SER A 56 -4.99 -4.92 7.90
CA SER A 56 -6.07 -4.07 7.41
C SER A 56 -5.52 -2.79 6.81
N LEU A 57 -6.12 -2.36 5.70
CA LEU A 57 -5.70 -1.15 5.02
C LEU A 57 -6.85 -0.17 4.86
N ARG A 58 -6.58 1.11 5.08
CA ARG A 58 -7.60 2.15 4.97
C ARG A 58 -7.00 3.44 4.41
N LEU A 59 -7.73 4.07 3.49
CA LEU A 59 -7.28 5.31 2.88
C LEU A 59 -7.06 6.39 3.92
N ASP A 60 -7.72 6.25 5.06
CA ASP A 60 -7.60 7.21 6.15
C ASP A 60 -7.85 6.54 7.50
N PRO A 61 -7.26 7.11 8.56
CA PRO A 61 -7.40 6.59 9.92
C PRO A 61 -8.81 6.78 10.48
N LYS A 62 -9.59 7.61 9.79
CA LYS A 62 -10.96 7.88 10.22
C LYS A 62 -11.95 7.61 9.08
N GLY A 63 -11.62 6.64 8.23
CA GLY A 63 -12.49 6.31 7.12
C GLY A 63 -13.08 4.92 7.23
N LYS A 64 -12.87 4.10 6.20
CA LYS A 64 -13.39 2.74 6.20
C LYS A 64 -12.35 1.76 5.66
N SER A 65 -12.71 0.48 5.61
CA SER A 65 -11.81 -0.55 5.12
C SER A 65 -11.87 -0.65 3.60
N LEU A 66 -10.71 -0.66 2.96
CA LEU A 66 -10.63 -0.76 1.51
C LEU A 66 -10.99 -2.17 1.04
N LYS A 67 -11.30 -2.30 -0.25
CA LYS A 67 -11.66 -3.58 -0.83
C LYS A 67 -10.86 -3.85 -2.09
N ASP A 68 -10.79 -5.11 -2.49
CA ASP A 68 -10.05 -5.51 -3.68
C ASP A 68 -10.42 -4.61 -4.86
N GLU A 69 -11.72 -4.41 -5.06
CA GLU A 69 -12.20 -3.57 -6.15
C GLU A 69 -11.34 -2.33 -6.31
N ASP A 70 -10.89 -1.77 -5.19
CA ASP A 70 -10.06 -0.58 -5.20
C ASP A 70 -8.73 -0.85 -5.89
N VAL A 71 -8.22 0.13 -6.62
CA VAL A 71 -6.96 -0.01 -7.33
C VAL A 71 -6.06 1.20 -7.09
N LEU A 72 -4.75 1.00 -7.24
CA LEU A 72 -3.79 2.07 -7.04
C LEU A 72 -3.95 3.16 -8.10
N GLN A 73 -4.71 2.85 -9.15
CA GLN A 73 -4.95 3.81 -10.22
C GLN A 73 -6.39 4.28 -10.22
N LYS A 74 -7.24 3.57 -9.48
CA LYS A 74 -8.65 3.92 -9.40
C LYS A 74 -8.94 4.70 -8.12
N LEU A 75 -8.14 4.45 -7.08
CA LEU A 75 -8.31 5.13 -5.80
C LEU A 75 -8.18 6.64 -5.97
N PRO A 76 -8.80 7.39 -5.04
CA PRO A 76 -8.76 8.85 -5.06
C PRO A 76 -7.37 9.41 -4.73
N VAL A 77 -6.34 8.61 -4.99
CA VAL A 77 -4.97 9.02 -4.74
C VAL A 77 -4.14 9.01 -6.02
N GLY A 78 -2.94 9.57 -5.94
CA GLY A 78 -2.07 9.62 -7.10
C GLY A 78 -0.87 8.70 -6.96
N THR A 79 0.13 8.91 -7.81
CA THR A 79 1.34 8.09 -7.79
C THR A 79 1.71 7.70 -6.36
N THR A 80 1.69 8.68 -5.46
CA THR A 80 2.02 8.45 -4.07
C THR A 80 0.78 8.09 -3.26
N ALA A 81 0.56 6.80 -3.04
CA ALA A 81 -0.58 6.32 -2.28
C ALA A 81 -0.21 6.02 -0.84
N THR A 82 -1.08 6.38 0.09
CA THR A 82 -0.84 6.15 1.50
C THR A 82 -1.90 5.25 2.11
N LEU A 83 -1.45 4.16 2.74
CA LEU A 83 -2.36 3.20 3.36
C LEU A 83 -2.08 3.07 4.85
N TYR A 84 -3.14 3.10 5.65
CA TYR A 84 -3.01 2.98 7.10
C TYR A 84 -3.26 1.55 7.56
N PHE A 85 -2.50 1.11 8.55
CA PHE A 85 -2.66 -0.25 9.09
C PHE A 85 -3.47 -0.23 10.37
N ARG A 86 -4.31 -1.26 10.54
CA ARG A 86 -5.15 -1.37 11.72
C ARG A 86 -5.08 -2.77 12.31
N ASP A 87 -4.76 -2.84 13.61
CA ASP A 87 -4.65 -4.13 14.29
C ASP A 87 -6.03 -4.75 14.49
N LEU A 88 -6.20 -5.96 13.96
CA LEU A 88 -7.46 -6.68 14.06
C LEU A 88 -7.32 -7.94 14.91
N GLY A 1 9.66 18.72 -18.72
CA GLY A 1 10.90 18.70 -19.48
C GLY A 1 11.50 17.31 -19.56
N SER A 2 11.84 16.87 -20.78
CA SER A 2 12.42 15.55 -20.98
C SER A 2 13.94 15.61 -20.90
N SER A 3 14.57 14.44 -20.92
CA SER A 3 16.02 14.36 -20.84
C SER A 3 16.58 13.46 -21.94
N GLY A 4 16.16 12.19 -21.93
CA GLY A 4 16.63 11.25 -22.93
C GLY A 4 15.63 10.13 -23.17
N SER A 5 16.10 8.89 -23.07
CA SER A 5 15.25 7.73 -23.29
C SER A 5 15.17 6.87 -22.03
N SER A 6 14.31 7.26 -21.10
CA SER A 6 14.14 6.54 -19.85
C SER A 6 12.69 6.59 -19.38
N GLY A 7 12.02 5.43 -19.38
CA GLY A 7 10.64 5.37 -18.96
C GLY A 7 10.45 4.47 -17.75
N MET A 8 11.15 4.77 -16.68
CA MET A 8 11.06 3.98 -15.45
C MET A 8 10.41 4.78 -14.33
N LYS A 9 9.22 4.37 -13.91
CA LYS A 9 8.50 5.05 -12.85
C LYS A 9 7.42 4.14 -12.25
N HIS A 10 7.56 3.81 -10.97
CA HIS A 10 6.60 2.97 -10.30
C HIS A 10 5.77 3.77 -9.30
N TYR A 11 4.86 3.09 -8.61
CA TYR A 11 4.00 3.75 -7.63
C TYR A 11 4.62 3.67 -6.24
N GLU A 12 4.45 4.75 -5.47
CA GLU A 12 5.00 4.81 -4.11
C GLU A 12 3.89 4.60 -3.08
N VAL A 13 3.92 3.45 -2.41
CA VAL A 13 2.93 3.13 -1.39
C VAL A 13 3.58 2.96 -0.02
N GLU A 14 3.24 3.86 0.90
CA GLU A 14 3.78 3.81 2.25
C GLU A 14 2.75 3.31 3.24
N ILE A 15 2.84 2.03 3.59
CA ILE A 15 1.91 1.43 4.53
C ILE A 15 2.23 1.83 5.96
N LEU A 16 1.51 2.83 6.46
CA LEU A 16 1.71 3.33 7.82
C LEU A 16 0.67 2.75 8.77
N ASP A 17 0.86 2.98 10.06
CA ASP A 17 -0.06 2.48 11.07
C ASP A 17 -1.17 3.49 11.35
N ALA A 18 -2.30 3.01 11.83
CA ALA A 18 -3.44 3.87 12.14
C ALA A 18 -3.35 4.43 13.55
N LYS A 19 -2.29 4.05 14.27
CA LYS A 19 -2.08 4.51 15.64
C LYS A 19 -0.77 5.25 15.76
N THR A 20 0.34 4.50 15.72
CA THR A 20 1.66 5.10 15.83
C THR A 20 2.11 5.69 14.50
N ARG A 21 1.38 5.38 13.43
CA ARG A 21 1.70 5.87 12.10
C ARG A 21 3.19 5.67 11.79
N GLU A 22 3.75 4.61 12.36
CA GLU A 22 5.17 4.31 12.14
C GLU A 22 5.36 3.54 10.84
N LYS A 23 6.33 3.97 10.04
CA LYS A 23 6.62 3.32 8.76
C LYS A 23 6.81 1.82 8.95
N LEU A 24 5.96 1.03 8.30
CA LEU A 24 6.03 -0.42 8.39
C LEU A 24 6.66 -1.01 7.14
N CYS A 25 6.29 -0.46 5.98
CA CYS A 25 6.82 -0.94 4.70
C CYS A 25 6.68 0.14 3.63
N PHE A 26 7.64 0.17 2.71
CA PHE A 26 7.63 1.15 1.62
C PHE A 26 7.84 0.46 0.27
N LEU A 27 6.75 0.32 -0.48
CA LEU A 27 6.82 -0.33 -1.79
C LEU A 27 6.79 0.72 -2.90
N ASP A 28 7.97 1.03 -3.44
CA ASP A 28 8.09 2.01 -4.50
C ASP A 28 8.09 1.32 -5.87
N LYS A 29 7.82 0.03 -5.87
CA LYS A 29 7.79 -0.75 -7.11
C LYS A 29 6.43 -1.42 -7.30
N VAL A 30 5.37 -0.73 -6.91
CA VAL A 30 4.03 -1.27 -7.04
C VAL A 30 3.40 -0.87 -8.38
N GLU A 31 2.57 -1.75 -8.93
CA GLU A 31 1.91 -1.49 -10.20
C GLU A 31 0.64 -0.68 -9.99
N PRO A 32 0.33 0.20 -10.97
CA PRO A 32 -0.86 1.05 -10.92
C PRO A 32 -2.15 0.26 -11.09
N HIS A 33 -2.09 -0.84 -11.85
CA HIS A 33 -3.24 -1.68 -12.09
C HIS A 33 -3.43 -2.67 -10.94
N ALA A 34 -2.41 -2.80 -10.10
CA ALA A 34 -2.47 -3.71 -8.97
C ALA A 34 -3.61 -3.36 -8.03
N THR A 35 -4.41 -4.36 -7.66
CA THR A 35 -5.54 -4.15 -6.77
C THR A 35 -5.13 -4.32 -5.31
N ILE A 36 -5.92 -3.76 -4.41
CA ILE A 36 -5.65 -3.86 -2.98
C ILE A 36 -5.31 -5.29 -2.57
N ALA A 37 -6.08 -6.24 -3.10
CA ALA A 37 -5.87 -7.64 -2.81
C ALA A 37 -4.40 -8.03 -2.98
N GLU A 38 -3.82 -7.61 -4.10
CA GLU A 38 -2.42 -7.92 -4.38
C GLU A 38 -1.50 -7.26 -3.37
N ILE A 39 -1.75 -5.97 -3.09
CA ILE A 39 -0.94 -5.23 -2.13
C ILE A 39 -0.66 -6.06 -0.89
N LYS A 40 -1.70 -6.70 -0.36
CA LYS A 40 -1.56 -7.53 0.84
C LYS A 40 -0.48 -8.58 0.64
N ASN A 41 -0.57 -9.34 -0.44
CA ASN A 41 0.40 -10.38 -0.74
C ASN A 41 1.82 -9.85 -0.61
N LEU A 42 2.10 -8.75 -1.29
CA LEU A 42 3.42 -8.13 -1.25
C LEU A 42 3.95 -8.08 0.16
N PHE A 43 3.20 -7.43 1.05
CA PHE A 43 3.60 -7.30 2.45
C PHE A 43 3.84 -8.67 3.08
N THR A 44 2.90 -9.59 2.86
CA THR A 44 2.99 -10.93 3.40
C THR A 44 4.36 -11.55 3.08
N LYS A 45 4.82 -11.34 1.86
CA LYS A 45 6.11 -11.87 1.43
C LYS A 45 7.12 -11.84 2.57
N THR A 46 7.50 -10.63 2.98
CA THR A 46 8.46 -10.46 4.07
C THR A 46 7.98 -11.14 5.34
N HIS A 47 6.79 -10.75 5.80
CA HIS A 47 6.21 -11.32 7.00
C HIS A 47 5.07 -12.27 6.67
N PRO A 48 5.36 -13.57 6.65
CA PRO A 48 4.37 -14.62 6.35
C PRO A 48 3.33 -14.76 7.45
N GLN A 49 3.78 -14.72 8.70
CA GLN A 49 2.88 -14.85 9.84
C GLN A 49 1.71 -13.88 9.71
N TRP A 50 1.95 -12.73 9.12
CA TRP A 50 0.91 -11.72 8.94
C TRP A 50 0.07 -12.03 7.72
N TYR A 51 -1.06 -12.69 7.94
CA TYR A 51 -1.97 -13.05 6.85
C TYR A 51 -2.74 -11.83 6.36
N PRO A 52 -3.27 -11.93 5.14
CA PRO A 52 -4.05 -10.85 4.52
C PRO A 52 -5.40 -10.64 5.21
N ALA A 53 -5.80 -11.62 6.01
CA ALA A 53 -7.07 -11.54 6.72
C ALA A 53 -6.98 -10.61 7.94
N ARG A 54 -5.75 -10.38 8.39
CA ARG A 54 -5.52 -9.51 9.54
C ARG A 54 -5.02 -8.14 9.10
N GLN A 55 -4.13 -8.13 8.10
CA GLN A 55 -3.58 -6.88 7.58
C GLN A 55 -4.67 -6.06 6.89
N SER A 56 -5.20 -5.06 7.59
CA SER A 56 -6.24 -4.21 7.05
C SER A 56 -5.64 -2.92 6.49
N LEU A 57 -6.26 -2.40 5.44
CA LEU A 57 -5.79 -1.17 4.80
C LEU A 57 -6.93 -0.16 4.67
N ARG A 58 -6.62 1.12 4.91
CA ARG A 58 -7.61 2.17 4.82
C ARG A 58 -6.98 3.46 4.28
N LEU A 59 -7.70 4.14 3.40
CA LEU A 59 -7.22 5.38 2.80
C LEU A 59 -6.98 6.43 3.88
N ASP A 60 -7.68 6.29 5.01
CA ASP A 60 -7.53 7.24 6.11
C ASP A 60 -7.73 6.53 7.44
N PRO A 61 -7.08 7.06 8.49
CA PRO A 61 -7.17 6.50 9.85
C PRO A 61 -8.54 6.71 10.48
N LYS A 62 -9.35 7.56 9.83
CA LYS A 62 -10.69 7.85 10.33
C LYS A 62 -11.74 7.60 9.25
N GLY A 63 -11.38 6.79 8.26
CA GLY A 63 -12.30 6.49 7.18
C GLY A 63 -12.87 5.09 7.27
N LYS A 64 -12.95 4.40 6.13
CA LYS A 64 -13.48 3.05 6.09
C LYS A 64 -12.42 2.07 5.58
N SER A 65 -12.78 0.79 5.52
CA SER A 65 -11.87 -0.24 5.06
C SER A 65 -11.89 -0.36 3.54
N LEU A 66 -10.72 -0.53 2.95
CA LEU A 66 -10.61 -0.65 1.50
C LEU A 66 -10.98 -2.06 1.03
N LYS A 67 -11.25 -2.20 -0.26
CA LYS A 67 -11.62 -3.49 -0.83
C LYS A 67 -10.81 -3.78 -2.08
N ASP A 68 -10.63 -5.06 -2.37
CA ASP A 68 -9.88 -5.47 -3.56
C ASP A 68 -10.28 -4.65 -4.78
N GLU A 69 -11.59 -4.50 -4.97
CA GLU A 69 -12.11 -3.75 -6.10
C GLU A 69 -11.30 -2.47 -6.33
N ASP A 70 -10.88 -1.85 -5.23
CA ASP A 70 -10.09 -0.62 -5.32
C ASP A 70 -8.75 -0.88 -6.00
N VAL A 71 -8.27 0.11 -6.74
CA VAL A 71 -7.00 0.00 -7.45
C VAL A 71 -6.12 1.21 -7.20
N LEU A 72 -4.81 1.01 -7.27
CA LEU A 72 -3.86 2.10 -7.06
C LEU A 72 -4.05 3.20 -8.11
N GLN A 73 -4.86 2.91 -9.12
CA GLN A 73 -5.12 3.87 -10.19
C GLN A 73 -6.57 4.36 -10.14
N LYS A 74 -7.41 3.59 -9.47
CA LYS A 74 -8.83 3.93 -9.35
C LYS A 74 -9.08 4.75 -8.08
N LEU A 75 -8.27 4.50 -7.06
CA LEU A 75 -8.41 5.21 -5.79
C LEU A 75 -8.24 6.71 -5.98
N PRO A 76 -8.83 7.49 -5.07
CA PRO A 76 -8.76 8.96 -5.12
C PRO A 76 -7.37 9.48 -4.81
N VAL A 77 -6.35 8.64 -5.06
CA VAL A 77 -4.97 9.03 -4.82
C VAL A 77 -4.15 8.98 -6.10
N GLY A 78 -2.93 9.49 -6.04
CA GLY A 78 -2.06 9.50 -7.21
C GLY A 78 -0.86 8.58 -7.04
N THR A 79 0.12 8.74 -7.91
CA THR A 79 1.33 7.92 -7.86
C THR A 79 1.70 7.59 -6.43
N THR A 80 1.72 8.59 -5.57
CA THR A 80 2.06 8.40 -4.17
C THR A 80 0.82 8.08 -3.33
N ALA A 81 0.57 6.79 -3.12
CA ALA A 81 -0.57 6.35 -2.34
C ALA A 81 -0.18 6.04 -0.91
N THR A 82 -1.10 6.27 0.02
CA THR A 82 -0.84 6.01 1.44
C THR A 82 -1.92 5.11 2.02
N LEU A 83 -1.47 4.01 2.65
CA LEU A 83 -2.40 3.06 3.27
C LEU A 83 -2.12 2.92 4.76
N TYR A 84 -3.19 2.88 5.55
CA TYR A 84 -3.06 2.75 6.99
C TYR A 84 -3.38 1.33 7.45
N PHE A 85 -2.61 0.84 8.41
CA PHE A 85 -2.80 -0.51 8.93
C PHE A 85 -3.63 -0.48 10.22
N ARG A 86 -4.46 -1.50 10.40
CA ARG A 86 -5.31 -1.60 11.58
C ARG A 86 -5.18 -2.98 12.24
N ASP A 87 -5.05 -2.99 13.56
CA ASP A 87 -4.92 -4.23 14.30
C ASP A 87 -6.29 -4.86 14.56
N LEU A 88 -6.49 -6.06 14.03
CA LEU A 88 -7.76 -6.77 14.20
C LEU A 88 -7.76 -7.58 15.49
N GLY A 1 22.02 2.13 -12.11
CA GLY A 1 22.01 3.44 -12.73
C GLY A 1 20.81 3.64 -13.64
N SER A 2 20.40 4.89 -13.80
CA SER A 2 19.25 5.21 -14.64
C SER A 2 19.70 5.73 -16.01
N SER A 3 18.84 5.59 -17.00
CA SER A 3 19.15 6.04 -18.35
C SER A 3 18.59 7.44 -18.60
N GLY A 4 19.33 8.23 -19.36
CA GLY A 4 18.91 9.59 -19.67
C GLY A 4 18.32 10.29 -18.46
N SER A 5 17.07 10.74 -18.58
CA SER A 5 16.40 11.44 -17.50
C SER A 5 15.39 10.54 -16.81
N SER A 6 14.42 10.05 -17.59
CA SER A 6 13.38 9.18 -17.06
C SER A 6 13.79 7.71 -17.20
N GLY A 7 13.06 6.83 -16.50
CA GLY A 7 13.37 5.42 -16.55
C GLY A 7 12.30 4.58 -15.88
N MET A 8 12.58 4.12 -14.67
CA MET A 8 11.64 3.30 -13.92
C MET A 8 10.76 4.15 -13.01
N LYS A 9 9.53 4.38 -13.43
CA LYS A 9 8.59 5.18 -12.65
C LYS A 9 7.48 4.31 -12.06
N HIS A 10 7.71 3.80 -10.86
CA HIS A 10 6.74 2.95 -10.19
C HIS A 10 5.90 3.77 -9.20
N TYR A 11 4.98 3.09 -8.52
CA TYR A 11 4.11 3.76 -7.56
C TYR A 11 4.71 3.71 -6.16
N GLU A 12 4.50 4.77 -5.38
CA GLU A 12 5.03 4.84 -4.02
C GLU A 12 3.91 4.60 -3.01
N VAL A 13 3.97 3.45 -2.33
CA VAL A 13 2.97 3.10 -1.33
C VAL A 13 3.62 2.90 0.03
N GLU A 14 3.38 3.84 0.94
CA GLU A 14 3.94 3.77 2.29
C GLU A 14 2.87 3.33 3.29
N ILE A 15 2.92 2.06 3.67
CA ILE A 15 1.97 1.50 4.62
C ILE A 15 2.27 1.98 6.04
N LEU A 16 1.53 3.00 6.48
CA LEU A 16 1.71 3.54 7.82
C LEU A 16 0.66 3.01 8.78
N ASP A 17 0.85 3.27 10.07
CA ASP A 17 -0.08 2.81 11.09
C ASP A 17 -1.23 3.80 11.26
N ALA A 18 -2.35 3.31 11.78
CA ALA A 18 -3.52 4.14 11.99
C ALA A 18 -3.47 4.82 13.35
N LYS A 19 -2.45 4.49 14.15
CA LYS A 19 -2.29 5.06 15.48
C LYS A 19 -1.00 5.89 15.55
N THR A 20 0.13 5.20 15.63
CA THR A 20 1.42 5.86 15.70
C THR A 20 1.92 6.27 14.31
N ARG A 21 1.25 5.77 13.29
CA ARG A 21 1.62 6.07 11.91
C ARG A 21 3.08 5.73 11.65
N GLU A 22 3.61 4.78 12.41
CA GLU A 22 4.99 4.36 12.27
C GLU A 22 5.20 3.62 10.95
N LYS A 23 6.24 4.02 10.22
CA LYS A 23 6.55 3.40 8.94
C LYS A 23 6.72 1.89 9.08
N LEU A 24 5.75 1.14 8.55
CA LEU A 24 5.79 -0.31 8.63
C LEU A 24 6.46 -0.91 7.39
N CYS A 25 6.05 -0.44 6.21
CA CYS A 25 6.61 -0.92 4.96
C CYS A 25 6.59 0.18 3.90
N PHE A 26 7.49 0.09 2.94
CA PHE A 26 7.59 1.07 1.87
C PHE A 26 7.75 0.39 0.51
N LEU A 27 6.66 0.33 -0.25
CA LEU A 27 6.68 -0.29 -1.57
C LEU A 27 6.70 0.77 -2.67
N ASP A 28 7.88 0.99 -3.24
CA ASP A 28 8.03 1.97 -4.31
C ASP A 28 8.04 1.29 -5.68
N LYS A 29 7.86 -0.03 -5.68
CA LYS A 29 7.85 -0.80 -6.92
C LYS A 29 6.49 -1.46 -7.13
N VAL A 30 5.43 -0.74 -6.79
CA VAL A 30 4.07 -1.25 -6.95
C VAL A 30 3.50 -0.88 -8.31
N GLU A 31 2.56 -1.69 -8.79
CA GLU A 31 1.93 -1.45 -10.08
C GLU A 31 0.63 -0.67 -9.92
N PRO A 32 0.35 0.21 -10.89
CA PRO A 32 -0.86 1.05 -10.88
C PRO A 32 -2.13 0.23 -11.11
N HIS A 33 -2.00 -0.84 -11.89
CA HIS A 33 -3.13 -1.71 -12.19
C HIS A 33 -3.37 -2.72 -11.06
N ALA A 34 -2.36 -2.88 -10.21
CA ALA A 34 -2.45 -3.81 -9.09
C ALA A 34 -3.59 -3.42 -8.15
N THR A 35 -4.42 -4.39 -7.79
CA THR A 35 -5.54 -4.15 -6.90
C THR A 35 -5.12 -4.28 -5.44
N ILE A 36 -5.97 -3.78 -4.54
CA ILE A 36 -5.68 -3.85 -3.11
C ILE A 36 -5.35 -5.27 -2.68
N ALA A 37 -6.05 -6.24 -3.25
CA ALA A 37 -5.83 -7.64 -2.94
C ALA A 37 -4.38 -8.03 -3.13
N GLU A 38 -3.79 -7.61 -4.25
CA GLU A 38 -2.41 -7.92 -4.55
C GLU A 38 -1.47 -7.26 -3.53
N ILE A 39 -1.77 -6.02 -3.18
CA ILE A 39 -0.96 -5.29 -2.21
C ILE A 39 -0.69 -6.13 -0.97
N LYS A 40 -1.75 -6.75 -0.43
CA LYS A 40 -1.62 -7.58 0.75
C LYS A 40 -0.55 -8.65 0.55
N ASN A 41 -0.65 -9.40 -0.53
CA ASN A 41 0.31 -10.45 -0.84
C ASN A 41 1.73 -9.92 -0.73
N LEU A 42 1.99 -8.78 -1.35
CA LEU A 42 3.31 -8.16 -1.33
C LEU A 42 3.85 -8.09 0.09
N PHE A 43 3.06 -7.52 0.99
CA PHE A 43 3.46 -7.39 2.39
C PHE A 43 3.72 -8.76 3.01
N THR A 44 2.90 -9.74 2.64
CA THR A 44 3.05 -11.09 3.17
C THR A 44 4.39 -11.69 2.78
N LYS A 45 4.76 -11.52 1.51
CA LYS A 45 6.03 -12.04 1.00
C LYS A 45 7.12 -11.95 2.07
N THR A 46 7.50 -10.73 2.40
CA THR A 46 8.54 -10.49 3.40
C THR A 46 8.15 -11.11 4.74
N HIS A 47 6.97 -10.73 5.23
CA HIS A 47 6.48 -11.23 6.51
C HIS A 47 5.32 -12.20 6.30
N PRO A 48 5.62 -13.50 6.29
CA PRO A 48 4.62 -14.55 6.10
C PRO A 48 3.68 -14.68 7.29
N GLN A 49 4.23 -14.56 8.49
CA GLN A 49 3.45 -14.66 9.72
C GLN A 49 2.25 -13.71 9.67
N TRP A 50 2.47 -12.52 9.14
CA TRP A 50 1.41 -11.52 9.04
C TRP A 50 0.49 -11.82 7.87
N TYR A 51 -0.64 -12.45 8.16
CA TYR A 51 -1.61 -12.80 7.12
C TYR A 51 -2.44 -11.58 6.73
N PRO A 52 -3.05 -11.65 5.54
CA PRO A 52 -3.89 -10.58 5.01
C PRO A 52 -5.20 -10.42 5.79
N ALA A 53 -5.67 -11.53 6.35
CA ALA A 53 -6.91 -11.51 7.12
C ALA A 53 -6.80 -10.59 8.34
N ARG A 54 -5.57 -10.29 8.73
CA ARG A 54 -5.31 -9.42 9.87
C ARG A 54 -4.87 -8.03 9.42
N GLN A 55 -3.95 -7.99 8.46
CA GLN A 55 -3.46 -6.72 7.94
C GLN A 55 -4.57 -5.93 7.27
N SER A 56 -4.98 -4.83 7.90
CA SER A 56 -6.04 -3.99 7.36
C SER A 56 -5.46 -2.77 6.64
N LEU A 57 -6.14 -2.34 5.58
CA LEU A 57 -5.69 -1.19 4.81
C LEU A 57 -6.85 -0.24 4.55
N ARG A 58 -6.60 1.05 4.75
CA ARG A 58 -7.62 2.07 4.52
C ARG A 58 -6.99 3.37 4.03
N LEU A 59 -7.73 4.09 3.18
CA LEU A 59 -7.25 5.35 2.63
C LEU A 59 -7.08 6.40 3.73
N ASP A 60 -7.85 6.24 4.80
CA ASP A 60 -7.79 7.17 5.93
C ASP A 60 -8.02 6.44 7.25
N PRO A 61 -7.44 6.98 8.34
CA PRO A 61 -7.56 6.40 9.68
C PRO A 61 -8.97 6.53 10.23
N LYS A 62 -9.79 7.37 9.59
CA LYS A 62 -11.17 7.58 10.02
C LYS A 62 -12.14 7.33 8.88
N GLY A 63 -11.74 6.47 7.94
CA GLY A 63 -12.59 6.15 6.81
C GLY A 63 -13.26 4.80 6.95
N LYS A 64 -13.04 3.93 5.97
CA LYS A 64 -13.63 2.60 5.98
C LYS A 64 -12.60 1.55 5.54
N SER A 65 -13.05 0.31 5.44
CA SER A 65 -12.18 -0.78 5.03
C SER A 65 -12.12 -0.90 3.51
N LEU A 66 -10.92 -0.79 2.95
CA LEU A 66 -10.73 -0.87 1.51
C LEU A 66 -11.09 -2.26 0.99
N LYS A 67 -11.34 -2.35 -0.32
CA LYS A 67 -11.70 -3.62 -0.93
C LYS A 67 -10.89 -3.86 -2.20
N ASP A 68 -10.64 -5.12 -2.51
CA ASP A 68 -9.87 -5.48 -3.70
C ASP A 68 -10.31 -4.64 -4.90
N GLU A 69 -11.61 -4.57 -5.12
CA GLU A 69 -12.16 -3.80 -6.23
C GLU A 69 -11.34 -2.53 -6.47
N ASP A 70 -10.91 -1.90 -5.38
CA ASP A 70 -10.12 -0.67 -5.47
C ASP A 70 -8.81 -0.93 -6.19
N VAL A 71 -8.30 0.08 -6.87
CA VAL A 71 -7.04 -0.03 -7.60
C VAL A 71 -6.13 1.15 -7.31
N LEU A 72 -4.82 0.94 -7.44
CA LEU A 72 -3.85 1.99 -7.19
C LEU A 72 -3.98 3.11 -8.22
N GLN A 73 -4.75 2.85 -9.28
CA GLN A 73 -4.97 3.84 -10.32
C GLN A 73 -6.41 4.34 -10.31
N LYS A 74 -7.29 3.58 -9.68
CA LYS A 74 -8.70 3.95 -9.59
C LYS A 74 -8.98 4.71 -8.31
N LEU A 75 -8.20 4.42 -7.27
CA LEU A 75 -8.37 5.08 -5.98
C LEU A 75 -8.22 6.60 -6.11
N PRO A 76 -8.84 7.33 -5.18
CA PRO A 76 -8.79 8.79 -5.17
C PRO A 76 -7.40 9.33 -4.81
N VAL A 77 -6.38 8.51 -5.08
CA VAL A 77 -5.00 8.91 -4.79
C VAL A 77 -4.16 8.93 -6.06
N GLY A 78 -2.95 9.47 -5.95
CA GLY A 78 -2.06 9.54 -7.10
C GLY A 78 -0.88 8.60 -6.97
N THR A 79 0.14 8.82 -7.80
CA THR A 79 1.33 7.99 -7.78
C THR A 79 1.75 7.66 -6.35
N THR A 80 1.62 8.63 -5.45
CA THR A 80 1.98 8.45 -4.05
C THR A 80 0.76 8.05 -3.23
N ALA A 81 0.52 6.75 -3.13
CA ALA A 81 -0.61 6.23 -2.36
C ALA A 81 -0.21 5.95 -0.92
N THR A 82 -1.13 6.21 0.01
CA THR A 82 -0.87 5.99 1.43
C THR A 82 -1.92 5.07 2.04
N LEU A 83 -1.46 3.96 2.60
CA LEU A 83 -2.36 2.99 3.22
C LEU A 83 -2.11 2.90 4.72
N TYR A 84 -3.19 2.96 5.50
CA TYR A 84 -3.08 2.89 6.95
C TYR A 84 -3.32 1.47 7.45
N PHE A 85 -2.59 1.07 8.48
CA PHE A 85 -2.70 -0.26 9.06
C PHE A 85 -3.46 -0.22 10.38
N ARG A 86 -4.29 -1.23 10.62
CA ARG A 86 -5.07 -1.31 11.85
C ARG A 86 -4.98 -2.71 12.46
N ASP A 87 -4.45 -2.78 13.67
CA ASP A 87 -4.31 -4.06 14.37
C ASP A 87 -5.68 -4.66 14.70
N LEU A 88 -6.00 -5.77 14.05
CA LEU A 88 -7.27 -6.44 14.27
C LEU A 88 -7.16 -7.48 15.37
N GLY A 1 22.94 11.03 -10.62
CA GLY A 1 23.75 11.71 -9.63
C GLY A 1 22.91 12.41 -8.57
N SER A 2 22.17 13.43 -8.99
CA SER A 2 21.32 14.18 -8.06
C SER A 2 19.85 13.81 -8.25
N SER A 3 19.36 13.96 -9.48
CA SER A 3 17.97 13.66 -9.79
C SER A 3 17.88 12.53 -10.81
N GLY A 4 17.52 11.34 -10.33
CA GLY A 4 17.40 10.19 -11.21
C GLY A 4 15.96 9.81 -11.48
N SER A 5 15.56 8.63 -10.99
CA SER A 5 14.20 8.15 -11.19
C SER A 5 13.75 8.34 -12.64
N SER A 6 14.66 8.06 -13.57
CA SER A 6 14.36 8.21 -14.99
C SER A 6 13.63 6.97 -15.52
N GLY A 7 12.91 7.15 -16.62
CA GLY A 7 12.19 6.05 -17.22
C GLY A 7 10.96 5.65 -16.41
N MET A 8 10.43 4.46 -16.67
CA MET A 8 9.26 3.97 -15.97
C MET A 8 9.31 4.36 -14.48
N LYS A 9 8.24 4.95 -14.00
CA LYS A 9 8.16 5.38 -12.60
C LYS A 9 7.09 4.59 -11.85
N HIS A 10 7.50 3.54 -11.17
CA HIS A 10 6.57 2.70 -10.41
C HIS A 10 5.78 3.55 -9.41
N TYR A 11 4.87 2.90 -8.70
CA TYR A 11 4.04 3.59 -7.71
C TYR A 11 4.68 3.53 -6.33
N GLU A 12 4.61 4.64 -5.60
CA GLU A 12 5.18 4.72 -4.26
C GLU A 12 4.09 4.61 -3.20
N VAL A 13 4.08 3.49 -2.49
CA VAL A 13 3.08 3.27 -1.44
C VAL A 13 3.75 3.10 -0.08
N GLU A 14 3.39 3.97 0.86
CA GLU A 14 3.96 3.94 2.21
C GLU A 14 2.92 3.45 3.21
N ILE A 15 3.00 2.17 3.57
CA ILE A 15 2.07 1.58 4.53
C ILE A 15 2.39 2.03 5.94
N LEU A 16 1.59 2.95 6.47
CA LEU A 16 1.80 3.46 7.82
C LEU A 16 0.78 2.85 8.78
N ASP A 17 0.97 3.12 10.07
CA ASP A 17 0.07 2.60 11.10
C ASP A 17 -1.08 3.57 11.35
N ALA A 18 -2.20 3.04 11.84
CA ALA A 18 -3.37 3.87 12.13
C ALA A 18 -3.33 4.38 13.56
N LYS A 19 -2.25 4.08 14.27
CA LYS A 19 -2.10 4.53 15.65
C LYS A 19 -0.78 5.30 15.83
N THR A 20 0.33 4.60 15.64
CA THR A 20 1.65 5.22 15.78
C THR A 20 2.11 5.84 14.46
N ARG A 21 1.36 5.56 13.40
CA ARG A 21 1.69 6.10 12.08
C ARG A 21 3.18 5.93 11.78
N GLU A 22 3.72 4.75 12.07
CA GLU A 22 5.13 4.47 11.83
C GLU A 22 5.31 3.66 10.55
N LYS A 23 6.31 4.06 9.75
CA LYS A 23 6.60 3.39 8.50
C LYS A 23 6.79 1.89 8.72
N LEU A 24 5.84 1.10 8.25
CA LEU A 24 5.90 -0.35 8.40
C LEU A 24 6.53 -0.99 7.17
N CYS A 25 6.19 -0.46 6.00
CA CYS A 25 6.73 -0.98 4.74
C CYS A 25 6.59 0.05 3.62
N PHE A 26 7.61 0.12 2.77
CA PHE A 26 7.61 1.07 1.66
C PHE A 26 7.80 0.34 0.33
N LEU A 27 6.71 0.24 -0.44
CA LEU A 27 6.76 -0.42 -1.74
C LEU A 27 6.80 0.59 -2.87
N ASP A 28 8.00 0.84 -3.38
CA ASP A 28 8.17 1.80 -4.47
C ASP A 28 8.13 1.09 -5.83
N LYS A 29 7.77 -0.19 -5.81
CA LYS A 29 7.69 -0.98 -7.03
C LYS A 29 6.32 -1.66 -7.15
N VAL A 30 5.27 -0.89 -6.92
CA VAL A 30 3.91 -1.41 -7.00
C VAL A 30 3.25 -1.03 -8.33
N GLU A 31 2.46 -1.94 -8.87
CA GLU A 31 1.76 -1.69 -10.13
C GLU A 31 0.49 -0.88 -9.91
N PRO A 32 0.18 -0.01 -10.88
CA PRO A 32 -1.01 0.85 -10.82
C PRO A 32 -2.31 0.06 -10.96
N HIS A 33 -2.25 -1.01 -11.74
CA HIS A 33 -3.42 -1.86 -11.96
C HIS A 33 -3.60 -2.86 -10.83
N ALA A 34 -2.61 -2.92 -9.95
CA ALA A 34 -2.64 -3.84 -8.81
C ALA A 34 -3.77 -3.47 -7.85
N THR A 35 -4.59 -4.45 -7.51
CA THR A 35 -5.71 -4.24 -6.61
C THR A 35 -5.27 -4.36 -5.15
N ILE A 36 -6.02 -3.73 -4.25
CA ILE A 36 -5.70 -3.77 -2.82
C ILE A 36 -5.32 -5.18 -2.39
N ALA A 37 -6.05 -6.17 -2.90
CA ALA A 37 -5.78 -7.56 -2.58
C ALA A 37 -4.32 -7.91 -2.78
N GLU A 38 -3.79 -7.57 -3.95
CA GLU A 38 -2.40 -7.85 -4.28
C GLU A 38 -1.46 -7.17 -3.29
N ILE A 39 -1.81 -5.95 -2.89
CA ILE A 39 -1.00 -5.20 -1.94
C ILE A 39 -0.75 -6.00 -0.66
N LYS A 40 -1.83 -6.53 -0.10
CA LYS A 40 -1.74 -7.34 1.12
C LYS A 40 -0.74 -8.48 0.95
N ASN A 41 -0.80 -9.15 -0.19
CA ASN A 41 0.09 -10.26 -0.47
C ASN A 41 1.55 -9.81 -0.39
N LEU A 42 1.89 -8.79 -1.16
CA LEU A 42 3.25 -8.26 -1.18
C LEU A 42 3.80 -8.14 0.24
N PHE A 43 3.13 -7.35 1.06
CA PHE A 43 3.56 -7.14 2.45
C PHE A 43 3.80 -8.49 3.14
N THR A 44 3.00 -9.48 2.79
CA THR A 44 3.11 -10.81 3.38
C THR A 44 4.46 -11.44 3.04
N LYS A 45 4.89 -11.26 1.80
CA LYS A 45 6.17 -11.81 1.35
C LYS A 45 7.20 -11.79 2.47
N THR A 46 7.65 -10.60 2.84
CA THR A 46 8.63 -10.46 3.90
C THR A 46 8.15 -11.10 5.19
N HIS A 47 6.91 -10.83 5.57
CA HIS A 47 6.33 -11.39 6.77
C HIS A 47 5.20 -12.36 6.45
N PRO A 48 5.52 -13.66 6.40
CA PRO A 48 4.55 -14.71 6.08
C PRO A 48 3.54 -14.91 7.20
N GLN A 49 4.00 -14.79 8.45
CA GLN A 49 3.13 -14.96 9.60
C GLN A 49 1.95 -14.00 9.54
N TRP A 50 2.18 -12.82 8.98
CA TRP A 50 1.13 -11.81 8.86
C TRP A 50 0.24 -12.09 7.65
N TYR A 51 -0.80 -12.88 7.87
CA TYR A 51 -1.73 -13.24 6.81
C TYR A 51 -2.57 -12.03 6.39
N PRO A 52 -3.14 -12.10 5.18
CA PRO A 52 -3.97 -11.02 4.64
C PRO A 52 -5.29 -10.87 5.38
N ALA A 53 -5.88 -12.01 5.75
CA ALA A 53 -7.15 -12.01 6.46
C ALA A 53 -7.12 -11.03 7.64
N ARG A 54 -5.92 -10.72 8.12
CA ARG A 54 -5.76 -9.80 9.24
C ARG A 54 -5.30 -8.42 8.75
N GLN A 55 -4.18 -8.41 8.03
CA GLN A 55 -3.63 -7.16 7.51
C GLN A 55 -4.72 -6.31 6.87
N SER A 56 -5.13 -5.26 7.57
CA SER A 56 -6.17 -4.36 7.08
C SER A 56 -5.56 -3.12 6.44
N LEU A 57 -6.25 -2.58 5.44
CA LEU A 57 -5.79 -1.38 4.75
C LEU A 57 -6.89 -0.34 4.62
N ARG A 58 -6.53 0.93 4.75
CA ARG A 58 -7.50 2.02 4.66
C ARG A 58 -6.84 3.29 4.15
N LEU A 59 -7.55 4.03 3.31
CA LEU A 59 -7.04 5.27 2.75
C LEU A 59 -6.83 6.32 3.85
N ASP A 60 -7.45 6.08 5.01
CA ASP A 60 -7.32 6.99 6.14
C ASP A 60 -7.63 6.27 7.44
N PRO A 61 -7.06 6.79 8.55
CA PRO A 61 -7.25 6.21 9.89
C PRO A 61 -8.67 6.42 10.41
N LYS A 62 -9.43 7.25 9.71
CA LYS A 62 -10.81 7.54 10.10
C LYS A 62 -11.77 7.29 8.94
N GLY A 63 -11.32 6.51 7.96
CA GLY A 63 -12.15 6.20 6.82
C GLY A 63 -12.84 4.86 6.94
N LYS A 64 -12.87 4.11 5.85
CA LYS A 64 -13.51 2.79 5.84
C LYS A 64 -12.50 1.70 5.52
N SER A 65 -12.96 0.46 5.50
CA SER A 65 -12.09 -0.69 5.20
C SER A 65 -11.99 -0.91 3.70
N LEU A 66 -10.86 -0.49 3.12
CA LEU A 66 -10.62 -0.65 1.69
C LEU A 66 -11.01 -2.05 1.23
N LYS A 67 -11.28 -2.18 -0.06
CA LYS A 67 -11.65 -3.47 -0.64
C LYS A 67 -10.88 -3.74 -1.92
N ASP A 68 -10.64 -5.01 -2.21
CA ASP A 68 -9.91 -5.42 -3.40
C ASP A 68 -10.32 -4.56 -4.59
N GLU A 69 -11.62 -4.48 -4.84
CA GLU A 69 -12.15 -3.70 -5.95
C GLU A 69 -11.31 -2.45 -6.18
N ASP A 70 -10.88 -1.82 -5.09
CA ASP A 70 -10.07 -0.61 -5.18
C ASP A 70 -8.77 -0.88 -5.92
N VAL A 71 -8.28 0.14 -6.62
CA VAL A 71 -7.05 0.01 -7.39
C VAL A 71 -6.12 1.21 -7.15
N LEU A 72 -4.83 1.00 -7.30
CA LEU A 72 -3.84 2.06 -7.10
C LEU A 72 -4.00 3.14 -8.16
N GLN A 73 -4.79 2.85 -9.19
CA GLN A 73 -5.03 3.81 -10.27
C GLN A 73 -6.47 4.31 -10.24
N LYS A 74 -7.34 3.58 -9.52
CA LYS A 74 -8.73 3.95 -9.42
C LYS A 74 -9.00 4.75 -8.14
N LEU A 75 -8.19 4.49 -7.12
CA LEU A 75 -8.34 5.18 -5.84
C LEU A 75 -8.18 6.69 -6.02
N PRO A 76 -8.78 7.45 -5.09
CA PRO A 76 -8.74 8.92 -5.13
C PRO A 76 -7.33 9.45 -4.81
N VAL A 77 -6.32 8.64 -5.07
CA VAL A 77 -4.94 9.03 -4.82
C VAL A 77 -4.11 9.01 -6.11
N GLY A 78 -2.90 9.52 -6.03
CA GLY A 78 -2.03 9.55 -7.19
C GLY A 78 -0.84 8.64 -7.05
N THR A 79 0.17 8.86 -7.89
CA THR A 79 1.38 8.04 -7.84
C THR A 79 1.78 7.72 -6.41
N THR A 80 1.58 8.68 -5.51
CA THR A 80 1.93 8.50 -4.10
C THR A 80 0.69 8.11 -3.29
N ALA A 81 0.51 6.81 -3.10
CA ALA A 81 -0.63 6.31 -2.33
C ALA A 81 -0.23 6.01 -0.89
N THR A 82 -1.14 6.29 0.04
CA THR A 82 -0.88 6.04 1.46
C THR A 82 -1.91 5.10 2.05
N LEU A 83 -1.44 3.98 2.59
CA LEU A 83 -2.32 2.99 3.21
C LEU A 83 -2.04 2.84 4.70
N TYR A 84 -3.11 2.76 5.49
CA TYR A 84 -2.96 2.62 6.93
C TYR A 84 -3.24 1.18 7.37
N PHE A 85 -2.41 0.68 8.27
CA PHE A 85 -2.56 -0.68 8.77
C PHE A 85 -3.34 -0.70 10.08
N ARG A 86 -4.19 -1.69 10.26
CA ARG A 86 -4.99 -1.82 11.46
C ARG A 86 -4.96 -3.26 11.99
N ASP A 87 -4.45 -3.41 13.22
CA ASP A 87 -4.37 -4.73 13.84
C ASP A 87 -5.75 -5.26 14.19
N LEU A 88 -6.07 -6.45 13.68
CA LEU A 88 -7.37 -7.07 13.93
C LEU A 88 -7.21 -8.33 14.76
N GLY A 1 14.02 22.81 -15.30
CA GLY A 1 14.93 22.15 -16.21
C GLY A 1 14.35 20.87 -16.79
N SER A 2 14.93 19.74 -16.42
CA SER A 2 14.47 18.44 -16.91
C SER A 2 14.48 17.41 -15.79
N SER A 3 13.32 16.84 -15.50
CA SER A 3 13.19 15.83 -14.45
C SER A 3 13.33 14.43 -15.03
N GLY A 4 14.57 13.97 -15.16
CA GLY A 4 14.82 12.64 -15.70
C GLY A 4 14.59 11.54 -14.67
N SER A 5 13.91 10.48 -15.09
CA SER A 5 13.61 9.36 -14.20
C SER A 5 14.67 8.26 -14.35
N SER A 6 15.13 7.73 -13.22
CA SER A 6 16.13 6.68 -13.22
C SER A 6 15.82 5.64 -14.30
N GLY A 7 14.57 5.25 -14.39
CA GLY A 7 14.16 4.27 -15.39
C GLY A 7 12.66 4.19 -15.55
N MET A 8 12.02 3.38 -14.71
CA MET A 8 10.57 3.21 -14.77
C MET A 8 9.89 4.01 -13.65
N LYS A 9 8.68 4.48 -13.93
CA LYS A 9 7.92 5.25 -12.95
C LYS A 9 6.89 4.38 -12.24
N HIS A 10 7.32 3.75 -11.15
CA HIS A 10 6.44 2.89 -10.37
C HIS A 10 5.65 3.69 -9.35
N TYR A 11 4.71 3.03 -8.68
CA TYR A 11 3.87 3.68 -7.68
C TYR A 11 4.51 3.59 -6.29
N GLU A 12 4.46 4.69 -5.54
CA GLU A 12 5.03 4.74 -4.20
C GLU A 12 3.94 4.57 -3.15
N VAL A 13 3.96 3.42 -2.48
CA VAL A 13 2.98 3.12 -1.44
C VAL A 13 3.66 2.92 -0.08
N GLU A 14 3.34 3.80 0.86
CA GLU A 14 3.92 3.72 2.20
C GLU A 14 2.87 3.29 3.23
N ILE A 15 2.88 2.00 3.58
CA ILE A 15 1.94 1.48 4.55
C ILE A 15 2.28 1.93 5.97
N LEU A 16 1.57 2.95 6.43
CA LEU A 16 1.80 3.48 7.77
C LEU A 16 0.78 2.92 8.77
N ASP A 17 1.00 3.18 10.05
CA ASP A 17 0.10 2.71 11.09
C ASP A 17 -1.02 3.72 11.34
N ALA A 18 -2.15 3.24 11.86
CA ALA A 18 -3.28 4.11 12.15
C ALA A 18 -3.21 4.65 13.57
N LYS A 19 -2.18 4.24 14.30
CA LYS A 19 -1.99 4.70 15.68
C LYS A 19 -0.68 5.47 15.82
N THR A 20 0.44 4.76 15.66
CA THR A 20 1.75 5.38 15.77
C THR A 20 2.21 5.95 14.44
N ARG A 21 1.49 5.61 13.38
CA ARG A 21 1.82 6.09 12.05
C ARG A 21 3.31 5.89 11.75
N GLU A 22 3.81 4.70 12.05
CA GLU A 22 5.21 4.38 11.82
C GLU A 22 5.39 3.59 10.53
N LYS A 23 6.41 3.95 9.76
CA LYS A 23 6.69 3.28 8.50
C LYS A 23 6.90 1.78 8.71
N LEU A 24 5.92 0.99 8.29
CA LEU A 24 5.99 -0.46 8.43
C LEU A 24 6.60 -1.11 7.18
N CYS A 25 6.24 -0.57 6.03
CA CYS A 25 6.74 -1.08 4.75
C CYS A 25 6.64 -0.03 3.66
N PHE A 26 7.66 0.02 2.80
CA PHE A 26 7.69 0.99 1.71
C PHE A 26 7.87 0.29 0.37
N LEU A 27 6.81 0.30 -0.44
CA LEU A 27 6.84 -0.34 -1.75
C LEU A 27 6.83 0.70 -2.86
N ASP A 28 8.01 0.96 -3.43
CA ASP A 28 8.13 1.95 -4.51
C ASP A 28 8.13 1.26 -5.87
N LYS A 29 7.82 -0.04 -5.87
CA LYS A 29 7.77 -0.81 -7.10
C LYS A 29 6.42 -1.49 -7.27
N VAL A 30 5.35 -0.77 -6.94
CA VAL A 30 4.00 -1.31 -7.05
C VAL A 30 3.35 -0.88 -8.37
N GLU A 31 2.53 -1.76 -8.93
CA GLU A 31 1.85 -1.47 -10.19
C GLU A 31 0.56 -0.69 -9.94
N PRO A 32 0.19 0.15 -10.90
CA PRO A 32 -1.03 0.98 -10.82
C PRO A 32 -2.29 0.15 -10.92
N HIS A 33 -2.26 -0.87 -11.78
CA HIS A 33 -3.41 -1.75 -11.97
C HIS A 33 -3.54 -2.74 -10.83
N ALA A 34 -2.56 -2.73 -9.93
CA ALA A 34 -2.56 -3.64 -8.79
C ALA A 34 -3.68 -3.27 -7.81
N THR A 35 -4.47 -4.27 -7.44
CA THR A 35 -5.58 -4.06 -6.51
C THR A 35 -5.14 -4.31 -5.07
N ILE A 36 -5.86 -3.69 -4.13
CA ILE A 36 -5.55 -3.86 -2.71
C ILE A 36 -5.19 -5.30 -2.38
N ALA A 37 -5.97 -6.23 -2.91
CA ALA A 37 -5.74 -7.65 -2.68
C ALA A 37 -4.28 -8.01 -2.88
N GLU A 38 -3.72 -7.62 -4.03
CA GLU A 38 -2.34 -7.90 -4.34
C GLU A 38 -1.41 -7.24 -3.33
N ILE A 39 -1.68 -5.98 -3.02
CA ILE A 39 -0.87 -5.23 -2.07
C ILE A 39 -0.61 -6.05 -0.81
N LYS A 40 -1.67 -6.63 -0.25
CA LYS A 40 -1.55 -7.44 0.96
C LYS A 40 -0.52 -8.54 0.77
N ASN A 41 -0.62 -9.26 -0.35
CA ASN A 41 0.31 -10.35 -0.64
C ASN A 41 1.75 -9.87 -0.53
N LEU A 42 2.08 -8.79 -1.23
CA LEU A 42 3.42 -8.23 -1.21
C LEU A 42 3.96 -8.15 0.23
N PHE A 43 3.27 -7.38 1.06
CA PHE A 43 3.66 -7.21 2.45
C PHE A 43 3.90 -8.57 3.11
N THR A 44 3.07 -9.55 2.75
CA THR A 44 3.19 -10.89 3.31
C THR A 44 4.56 -11.48 3.03
N LYS A 45 5.05 -11.31 1.81
CA LYS A 45 6.35 -11.83 1.42
C LYS A 45 7.35 -11.72 2.57
N THR A 46 7.70 -10.49 2.92
CA THR A 46 8.65 -10.25 4.00
C THR A 46 8.13 -10.83 5.31
N HIS A 47 6.97 -10.37 5.75
CA HIS A 47 6.37 -10.85 6.99
C HIS A 47 5.25 -11.85 6.71
N PRO A 48 5.59 -13.14 6.77
CA PRO A 48 4.63 -14.23 6.52
C PRO A 48 3.60 -14.34 7.63
N GLN A 49 4.03 -14.17 8.87
CA GLN A 49 3.14 -14.26 10.02
C GLN A 49 1.91 -13.38 9.83
N TRP A 50 2.08 -12.31 9.05
CA TRP A 50 0.99 -11.38 8.78
C TRP A 50 0.17 -11.83 7.57
N TYR A 51 -1.10 -12.15 7.81
CA TYR A 51 -1.98 -12.61 6.75
C TYR A 51 -2.85 -11.46 6.24
N PRO A 52 -3.41 -11.62 5.03
CA PRO A 52 -4.27 -10.62 4.41
C PRO A 52 -5.62 -10.49 5.11
N ALA A 53 -6.06 -11.58 5.73
CA ALA A 53 -7.33 -11.59 6.44
C ALA A 53 -7.31 -10.64 7.63
N ARG A 54 -6.14 -10.53 8.27
CA ARG A 54 -5.98 -9.66 9.42
C ARG A 54 -5.54 -8.27 8.99
N GLN A 55 -4.47 -8.21 8.22
CA GLN A 55 -3.94 -6.94 7.74
C GLN A 55 -5.04 -6.08 7.11
N SER A 56 -5.35 -4.95 7.75
CA SER A 56 -6.39 -4.06 7.27
C SER A 56 -5.78 -2.79 6.67
N LEU A 57 -6.35 -2.34 5.55
CA LEU A 57 -5.86 -1.15 4.88
C LEU A 57 -6.98 -0.11 4.73
N ARG A 58 -6.63 1.15 4.88
CA ARG A 58 -7.60 2.24 4.76
C ARG A 58 -6.93 3.51 4.23
N LEU A 59 -7.63 4.19 3.33
CA LEU A 59 -7.10 5.42 2.74
C LEU A 59 -6.91 6.49 3.81
N ASP A 60 -7.68 6.39 4.89
CA ASP A 60 -7.59 7.34 5.98
C ASP A 60 -7.79 6.65 7.33
N PRO A 61 -7.16 7.20 8.38
CA PRO A 61 -7.25 6.65 9.74
C PRO A 61 -8.63 6.85 10.34
N LYS A 62 -9.45 7.66 9.69
CA LYS A 62 -10.81 7.92 10.17
C LYS A 62 -11.83 7.64 9.08
N GLY A 63 -11.45 6.80 8.13
CA GLY A 63 -12.35 6.45 7.04
C GLY A 63 -13.03 5.11 7.23
N LYS A 64 -12.80 4.19 6.31
CA LYS A 64 -13.39 2.86 6.39
C LYS A 64 -12.41 1.80 5.90
N SER A 65 -12.85 0.55 5.91
CA SER A 65 -12.01 -0.56 5.46
C SER A 65 -11.98 -0.64 3.94
N LEU A 66 -10.77 -0.71 3.38
CA LEU A 66 -10.60 -0.80 1.94
C LEU A 66 -10.98 -2.19 1.42
N LYS A 67 -11.25 -2.27 0.12
CA LYS A 67 -11.62 -3.54 -0.49
C LYS A 67 -10.82 -3.78 -1.77
N ASP A 68 -10.60 -5.05 -2.10
CA ASP A 68 -9.86 -5.41 -3.30
C ASP A 68 -10.32 -4.60 -4.50
N GLU A 69 -11.64 -4.53 -4.68
CA GLU A 69 -12.21 -3.80 -5.80
C GLU A 69 -11.45 -2.50 -6.04
N ASP A 70 -10.84 -1.96 -4.99
CA ASP A 70 -10.07 -0.74 -5.07
C ASP A 70 -8.76 -0.96 -5.82
N VAL A 71 -8.33 0.05 -6.58
CA VAL A 71 -7.10 -0.04 -7.34
C VAL A 71 -6.21 1.17 -7.10
N LEU A 72 -4.91 0.98 -7.23
CA LEU A 72 -3.94 2.07 -7.02
C LEU A 72 -4.14 3.17 -8.06
N GLN A 73 -4.93 2.88 -9.08
CA GLN A 73 -5.20 3.84 -10.14
C GLN A 73 -6.65 4.31 -10.10
N LYS A 74 -7.49 3.55 -9.41
CA LYS A 74 -8.90 3.89 -9.29
C LYS A 74 -9.17 4.68 -8.00
N LEU A 75 -8.36 4.42 -6.98
CA LEU A 75 -8.51 5.10 -5.70
C LEU A 75 -8.38 6.61 -5.87
N PRO A 76 -8.97 7.36 -4.94
CA PRO A 76 -8.94 8.83 -4.96
C PRO A 76 -7.56 9.38 -4.65
N VAL A 77 -6.53 8.58 -4.94
CA VAL A 77 -5.15 8.99 -4.70
C VAL A 77 -4.33 8.97 -5.98
N GLY A 78 -3.14 9.55 -5.93
CA GLY A 78 -2.29 9.59 -7.11
C GLY A 78 -1.10 8.66 -6.98
N THR A 79 -0.08 8.89 -7.80
CA THR A 79 1.13 8.07 -7.78
C THR A 79 1.53 7.72 -6.34
N THR A 80 1.51 8.72 -5.47
CA THR A 80 1.87 8.52 -4.08
C THR A 80 0.66 8.05 -3.25
N ALA A 81 0.51 6.74 -3.13
CA ALA A 81 -0.60 6.17 -2.37
C ALA A 81 -0.20 5.93 -0.92
N THR A 82 -1.12 6.23 0.00
CA THR A 82 -0.87 6.05 1.42
C THR A 82 -1.92 5.15 2.06
N LEU A 83 -1.48 4.01 2.58
CA LEU A 83 -2.38 3.05 3.22
C LEU A 83 -2.09 2.95 4.72
N TYR A 84 -3.15 2.85 5.52
CA TYR A 84 -3.01 2.74 6.96
C TYR A 84 -3.28 1.32 7.43
N PHE A 85 -2.48 0.84 8.37
CA PHE A 85 -2.63 -0.50 8.90
C PHE A 85 -3.35 -0.47 10.25
N ARG A 86 -4.27 -1.42 10.45
CA ARG A 86 -5.03 -1.51 11.69
C ARG A 86 -5.05 -2.93 12.22
N ASP A 87 -4.82 -3.08 13.51
CA ASP A 87 -4.81 -4.41 14.14
C ASP A 87 -6.24 -4.88 14.40
N LEU A 88 -6.59 -6.02 13.81
CA LEU A 88 -7.93 -6.59 13.97
C LEU A 88 -7.85 -7.97 14.62
N GLY A 1 12.77 23.39 -11.13
CA GLY A 1 11.50 23.09 -10.50
C GLY A 1 11.43 21.68 -9.96
N SER A 2 11.74 20.70 -10.82
CA SER A 2 11.72 19.30 -10.41
C SER A 2 12.76 18.49 -11.20
N SER A 3 12.86 17.21 -10.88
CA SER A 3 13.82 16.33 -11.54
C SER A 3 13.09 15.27 -12.36
N GLY A 4 12.18 14.55 -11.71
CA GLY A 4 11.44 13.52 -12.40
C GLY A 4 12.11 12.17 -12.32
N SER A 5 11.40 11.12 -12.72
CA SER A 5 11.94 9.76 -12.69
C SER A 5 12.79 9.48 -13.92
N SER A 6 13.94 8.85 -13.70
CA SER A 6 14.85 8.53 -14.79
C SER A 6 14.53 7.16 -15.39
N GLY A 7 14.38 6.16 -14.52
CA GLY A 7 14.07 4.83 -14.99
C GLY A 7 12.59 4.50 -14.88
N MET A 8 12.28 3.41 -14.19
CA MET A 8 10.89 2.99 -14.01
C MET A 8 10.11 4.03 -13.22
N LYS A 9 8.82 4.15 -13.52
CA LYS A 9 7.96 5.10 -12.82
C LYS A 9 6.87 4.38 -12.03
N HIS A 10 7.26 3.33 -11.32
CA HIS A 10 6.32 2.56 -10.51
C HIS A 10 5.58 3.46 -9.54
N TYR A 11 4.75 2.85 -8.69
CA TYR A 11 3.98 3.60 -7.71
C TYR A 11 4.62 3.52 -6.33
N GLU A 12 4.56 4.61 -5.58
CA GLU A 12 5.14 4.68 -4.25
C GLU A 12 4.04 4.56 -3.19
N VAL A 13 4.03 3.43 -2.48
CA VAL A 13 3.04 3.19 -1.44
C VAL A 13 3.71 2.99 -0.08
N GLU A 14 3.32 3.79 0.90
CA GLU A 14 3.88 3.69 2.23
C GLU A 14 2.84 3.23 3.24
N ILE A 15 2.87 1.95 3.58
CA ILE A 15 1.92 1.38 4.52
C ILE A 15 2.26 1.80 5.95
N LEU A 16 1.55 2.80 6.45
CA LEU A 16 1.77 3.29 7.81
C LEU A 16 0.76 2.71 8.78
N ASP A 17 0.99 2.92 10.07
CA ASP A 17 0.08 2.40 11.09
C ASP A 17 -1.04 3.41 11.38
N ALA A 18 -2.15 2.90 11.92
CA ALA A 18 -3.29 3.76 12.23
C ALA A 18 -3.17 4.31 13.65
N LYS A 19 -2.15 3.88 14.38
CA LYS A 19 -1.92 4.33 15.75
C LYS A 19 -0.64 5.14 15.84
N THR A 20 0.50 4.44 15.79
CA THR A 20 1.80 5.10 15.88
C THR A 20 2.19 5.71 14.54
N ARG A 21 1.46 5.35 13.48
CA ARG A 21 1.74 5.86 12.15
C ARG A 21 3.22 5.75 11.82
N GLU A 22 3.78 4.55 11.99
CA GLU A 22 5.18 4.30 11.71
C GLU A 22 5.35 3.51 10.41
N LYS A 23 6.34 3.92 9.61
CA LYS A 23 6.61 3.25 8.35
C LYS A 23 6.84 1.75 8.55
N LEU A 24 5.86 0.95 8.20
CA LEU A 24 5.96 -0.51 8.34
C LEU A 24 6.49 -1.14 7.07
N CYS A 25 6.20 -0.52 5.94
CA CYS A 25 6.65 -1.03 4.65
C CYS A 25 6.54 0.05 3.56
N PHE A 26 7.51 0.06 2.65
CA PHE A 26 7.53 1.04 1.58
C PHE A 26 7.71 0.36 0.23
N LEU A 27 6.62 0.23 -0.52
CA LEU A 27 6.67 -0.41 -1.84
C LEU A 27 6.71 0.65 -2.95
N ASP A 28 7.89 0.84 -3.52
CA ASP A 28 8.07 1.81 -4.60
C ASP A 28 8.05 1.12 -5.97
N LYS A 29 7.75 -0.18 -5.96
CA LYS A 29 7.69 -0.95 -7.19
C LYS A 29 6.30 -1.57 -7.39
N VAL A 30 5.27 -0.80 -7.06
CA VAL A 30 3.90 -1.27 -7.20
C VAL A 30 3.29 -0.80 -8.51
N GLU A 31 2.47 -1.65 -9.12
CA GLU A 31 1.82 -1.32 -10.38
C GLU A 31 0.55 -0.50 -10.15
N PRO A 32 0.24 0.39 -11.09
CA PRO A 32 -0.95 1.25 -11.01
C PRO A 32 -2.24 0.48 -11.17
N HIS A 33 -2.19 -0.61 -11.93
CA HIS A 33 -3.36 -1.45 -12.16
C HIS A 33 -3.52 -2.47 -11.05
N ALA A 34 -2.51 -2.58 -10.18
CA ALA A 34 -2.54 -3.53 -9.08
C ALA A 34 -3.69 -3.21 -8.12
N THR A 35 -4.41 -4.24 -7.69
CA THR A 35 -5.53 -4.07 -6.78
C THR A 35 -5.09 -4.24 -5.33
N ILE A 36 -5.88 -3.71 -4.40
CA ILE A 36 -5.57 -3.81 -2.98
C ILE A 36 -5.17 -5.23 -2.61
N ALA A 37 -5.90 -6.20 -3.14
CA ALA A 37 -5.62 -7.61 -2.86
C ALA A 37 -4.14 -7.92 -3.04
N GLU A 38 -3.60 -7.57 -4.21
CA GLU A 38 -2.20 -7.82 -4.50
C GLU A 38 -1.29 -7.12 -3.49
N ILE A 39 -1.67 -5.90 -3.12
CA ILE A 39 -0.89 -5.13 -2.16
C ILE A 39 -0.66 -5.92 -0.88
N LYS A 40 -1.74 -6.39 -0.27
CA LYS A 40 -1.66 -7.16 0.96
C LYS A 40 -0.64 -8.29 0.82
N ASN A 41 -0.73 -9.02 -0.28
CA ASN A 41 0.19 -10.13 -0.54
C ASN A 41 1.65 -9.68 -0.39
N LEU A 42 2.00 -8.60 -1.07
CA LEU A 42 3.35 -8.07 -1.01
C LEU A 42 3.84 -7.98 0.43
N PHE A 43 3.16 -7.17 1.24
CA PHE A 43 3.53 -7.01 2.64
C PHE A 43 3.74 -8.37 3.31
N THR A 44 3.01 -9.37 2.83
CA THR A 44 3.12 -10.72 3.39
C THR A 44 4.46 -11.35 3.04
N LYS A 45 4.91 -11.14 1.81
CA LYS A 45 6.18 -11.68 1.36
C LYS A 45 7.23 -11.63 2.46
N THR A 46 7.53 -10.41 2.91
CA THR A 46 8.52 -10.22 3.97
C THR A 46 8.09 -10.90 5.26
N HIS A 47 6.95 -10.50 5.78
CA HIS A 47 6.42 -11.08 7.02
C HIS A 47 5.33 -12.11 6.72
N PRO A 48 5.71 -13.40 6.72
CA PRO A 48 4.78 -14.50 6.45
C PRO A 48 3.75 -14.68 7.57
N GLN A 49 4.22 -14.59 8.81
CA GLN A 49 3.34 -14.74 9.97
C GLN A 49 2.11 -13.86 9.84
N TRP A 50 2.28 -12.70 9.23
CA TRP A 50 1.18 -11.76 9.04
C TRP A 50 0.34 -12.13 7.83
N TYR A 51 -0.91 -12.49 8.07
CA TYR A 51 -1.82 -12.88 6.99
C TYR A 51 -2.71 -11.71 6.58
N PRO A 52 -3.26 -11.79 5.36
CA PRO A 52 -4.13 -10.74 4.81
C PRO A 52 -5.48 -10.68 5.52
N ALA A 53 -5.92 -11.82 6.05
CA ALA A 53 -7.19 -11.90 6.76
C ALA A 53 -7.17 -11.03 8.02
N ARG A 54 -5.99 -10.90 8.62
CA ARG A 54 -5.83 -10.10 9.83
C ARG A 54 -5.49 -8.65 9.49
N GLN A 55 -4.58 -8.48 8.52
CA GLN A 55 -4.18 -7.14 8.10
C GLN A 55 -5.34 -6.38 7.49
N SER A 56 -5.44 -5.09 7.81
CA SER A 56 -6.51 -4.25 7.29
C SER A 56 -5.95 -2.95 6.71
N LEU A 57 -6.30 -2.67 5.46
CA LEU A 57 -5.85 -1.45 4.79
C LEU A 57 -6.96 -0.42 4.70
N ARG A 58 -6.62 0.84 4.95
CA ARG A 58 -7.59 1.92 4.89
C ARG A 58 -6.94 3.21 4.39
N LEU A 59 -7.64 3.90 3.50
CA LEU A 59 -7.13 5.15 2.94
C LEU A 59 -6.95 6.21 4.03
N ASP A 60 -7.66 6.03 5.14
CA ASP A 60 -7.56 6.96 6.26
C ASP A 60 -7.76 6.23 7.59
N PRO A 61 -7.14 6.77 8.65
CA PRO A 61 -7.23 6.19 9.99
C PRO A 61 -8.62 6.35 10.60
N LYS A 62 -9.45 7.17 9.97
CA LYS A 62 -10.80 7.42 10.44
C LYS A 62 -11.82 7.13 9.35
N GLY A 63 -11.41 6.37 8.35
CA GLY A 63 -12.30 6.03 7.25
C GLY A 63 -12.92 4.66 7.42
N LYS A 64 -12.77 3.82 6.39
CA LYS A 64 -13.33 2.48 6.43
C LYS A 64 -12.34 1.45 5.88
N SER A 65 -12.76 0.20 5.80
CA SER A 65 -11.91 -0.87 5.29
C SER A 65 -11.88 -0.86 3.77
N LEU A 66 -10.69 -1.04 3.20
CA LEU A 66 -10.53 -1.05 1.75
C LEU A 66 -10.90 -2.42 1.18
N LYS A 67 -11.16 -2.46 -0.12
CA LYS A 67 -11.54 -3.69 -0.80
C LYS A 67 -10.75 -3.86 -2.09
N ASP A 68 -10.50 -5.11 -2.48
CA ASP A 68 -9.77 -5.41 -3.69
C ASP A 68 -10.24 -4.52 -4.85
N GLU A 69 -11.55 -4.47 -5.05
CA GLU A 69 -12.13 -3.67 -6.12
C GLU A 69 -11.33 -2.38 -6.32
N ASP A 70 -10.81 -1.84 -5.23
CA ASP A 70 -10.02 -0.61 -5.29
C ASP A 70 -8.70 -0.85 -6.01
N VAL A 71 -8.26 0.16 -6.77
CA VAL A 71 -7.01 0.06 -7.51
C VAL A 71 -6.13 1.28 -7.26
N LEU A 72 -4.82 1.09 -7.40
CA LEU A 72 -3.86 2.17 -7.19
C LEU A 72 -4.06 3.28 -8.21
N GLN A 73 -4.85 3.00 -9.23
CA GLN A 73 -5.13 3.98 -10.28
C GLN A 73 -6.58 4.44 -10.23
N LYS A 74 -7.41 3.69 -9.50
CA LYS A 74 -8.82 4.03 -9.36
C LYS A 74 -9.07 4.79 -8.07
N LEU A 75 -8.25 4.52 -7.06
CA LEU A 75 -8.38 5.19 -5.77
C LEU A 75 -8.24 6.70 -5.91
N PRO A 76 -8.83 7.44 -4.96
CA PRO A 76 -8.79 8.91 -4.96
C PRO A 76 -7.39 9.44 -4.66
N VAL A 77 -6.38 8.64 -4.95
CA VAL A 77 -5.00 9.03 -4.71
C VAL A 77 -4.19 9.03 -6.00
N GLY A 78 -2.96 9.55 -5.94
CA GLY A 78 -2.12 9.60 -7.11
C GLY A 78 -0.93 8.65 -7.01
N THR A 79 0.06 8.84 -7.88
CA THR A 79 1.24 7.99 -7.88
C THR A 79 1.62 7.58 -6.47
N THR A 80 1.73 8.56 -5.57
CA THR A 80 2.09 8.29 -4.18
C THR A 80 0.86 8.00 -3.34
N ALA A 81 0.59 6.72 -3.12
CA ALA A 81 -0.56 6.30 -2.33
C ALA A 81 -0.16 5.97 -0.90
N THR A 82 -1.09 6.15 0.03
CA THR A 82 -0.82 5.88 1.45
C THR A 82 -1.88 4.94 2.03
N LEU A 83 -1.42 3.89 2.68
CA LEU A 83 -2.34 2.92 3.29
C LEU A 83 -2.07 2.79 4.79
N TYR A 84 -3.14 2.65 5.56
CA TYR A 84 -3.02 2.52 7.02
C TYR A 84 -3.30 1.08 7.46
N PHE A 85 -2.46 0.57 8.34
CA PHE A 85 -2.62 -0.80 8.84
C PHE A 85 -3.33 -0.80 10.20
N ARG A 86 -4.14 -1.83 10.43
CA ARG A 86 -4.88 -1.94 11.68
C ARG A 86 -4.84 -3.38 12.19
N ASP A 87 -4.36 -3.55 13.42
CA ASP A 87 -4.27 -4.87 14.04
C ASP A 87 -5.66 -5.37 14.44
N LEU A 88 -5.93 -6.63 14.13
CA LEU A 88 -7.22 -7.24 14.47
C LEU A 88 -7.06 -8.25 15.59
N GLY A 1 19.23 10.27 1.65
CA GLY A 1 19.41 11.25 0.59
C GLY A 1 18.88 10.75 -0.75
N SER A 2 19.65 10.98 -1.81
CA SER A 2 19.26 10.56 -3.14
C SER A 2 20.48 10.26 -4.00
N SER A 3 20.53 9.04 -4.53
CA SER A 3 21.66 8.62 -5.36
C SER A 3 21.83 9.58 -6.55
N GLY A 4 20.74 9.86 -7.24
CA GLY A 4 20.79 10.75 -8.38
C GLY A 4 21.00 10.00 -9.69
N SER A 5 20.72 10.68 -10.80
CA SER A 5 20.88 10.08 -12.12
C SER A 5 20.30 8.67 -12.15
N SER A 6 19.13 8.51 -11.54
CA SER A 6 18.47 7.21 -11.48
C SER A 6 17.03 7.36 -10.99
N GLY A 7 16.11 6.64 -11.63
CA GLY A 7 14.72 6.70 -11.23
C GLY A 7 13.85 5.74 -12.02
N MET A 8 12.95 5.05 -11.33
CA MET A 8 12.06 4.10 -11.98
C MET A 8 10.62 4.64 -12.02
N LYS A 9 9.86 4.22 -13.02
CA LYS A 9 8.48 4.65 -13.17
C LYS A 9 7.53 3.68 -12.46
N HIS A 10 7.42 3.82 -11.15
CA HIS A 10 6.55 2.96 -10.36
C HIS A 10 5.72 3.78 -9.37
N TYR A 11 4.88 3.10 -8.61
CA TYR A 11 4.02 3.77 -7.63
C TYR A 11 4.64 3.69 -6.23
N GLU A 12 4.46 4.75 -5.46
CA GLU A 12 4.99 4.82 -4.10
C GLU A 12 3.89 4.58 -3.08
N VAL A 13 3.94 3.43 -2.41
CA VAL A 13 2.95 3.09 -1.40
C VAL A 13 3.60 2.88 -0.04
N GLU A 14 3.24 3.73 0.93
CA GLU A 14 3.80 3.63 2.27
C GLU A 14 2.73 3.16 3.25
N ILE A 15 2.80 1.88 3.61
CA ILE A 15 1.85 1.30 4.55
C ILE A 15 2.15 1.74 5.98
N LEU A 16 1.42 2.75 6.45
CA LEU A 16 1.61 3.26 7.81
C LEU A 16 0.59 2.67 8.76
N ASP A 17 0.81 2.87 10.05
CA ASP A 17 -0.10 2.35 11.07
C ASP A 17 -1.24 3.34 11.33
N ALA A 18 -2.35 2.82 11.85
CA ALA A 18 -3.51 3.65 12.14
C ALA A 18 -3.45 4.19 13.57
N LYS A 19 -2.43 3.79 14.31
CA LYS A 19 -2.26 4.24 15.69
C LYS A 19 -0.95 4.99 15.86
N THR A 20 0.17 4.29 15.69
CA THR A 20 1.48 4.90 15.83
C THR A 20 1.95 5.50 14.51
N ARG A 21 1.16 5.30 13.46
CA ARG A 21 1.49 5.82 12.14
C ARG A 21 2.97 5.62 11.84
N GLU A 22 3.52 4.52 12.34
CA GLU A 22 4.93 4.21 12.12
C GLU A 22 5.13 3.50 10.77
N LYS A 23 6.20 3.87 10.07
CA LYS A 23 6.50 3.27 8.78
C LYS A 23 6.72 1.77 8.91
N LEU A 24 5.77 0.99 8.39
CA LEU A 24 5.85 -0.46 8.45
C LEU A 24 6.54 -1.02 7.20
N CYS A 25 6.17 -0.50 6.04
CA CYS A 25 6.75 -0.93 4.78
C CYS A 25 6.68 0.17 3.73
N PHE A 26 7.59 0.13 2.77
CA PHE A 26 7.64 1.13 1.71
C PHE A 26 7.85 0.47 0.35
N LEU A 27 6.80 0.45 -0.46
CA LEU A 27 6.86 -0.16 -1.79
C LEU A 27 6.84 0.91 -2.87
N ASP A 28 8.00 1.15 -3.48
CA ASP A 28 8.11 2.15 -4.54
C ASP A 28 8.10 1.49 -5.92
N LYS A 29 7.93 0.17 -5.93
CA LYS A 29 7.89 -0.59 -7.18
C LYS A 29 6.56 -1.29 -7.35
N VAL A 30 5.48 -0.60 -7.00
CA VAL A 30 4.14 -1.16 -7.12
C VAL A 30 3.49 -0.74 -8.43
N GLU A 31 2.65 -1.62 -8.99
CA GLU A 31 1.96 -1.34 -10.24
C GLU A 31 0.67 -0.57 -9.98
N PRO A 32 0.31 0.31 -10.93
CA PRO A 32 -0.91 1.12 -10.83
C PRO A 32 -2.18 0.29 -10.98
N HIS A 33 -2.08 -0.79 -11.75
CA HIS A 33 -3.23 -1.67 -11.97
C HIS A 33 -3.37 -2.68 -10.82
N ALA A 34 -2.37 -2.70 -9.95
CA ALA A 34 -2.39 -3.61 -8.80
C ALA A 34 -3.55 -3.30 -7.86
N THR A 35 -4.34 -4.32 -7.55
CA THR A 35 -5.49 -4.15 -6.67
C THR A 35 -5.09 -4.36 -5.21
N ILE A 36 -5.83 -3.74 -4.30
CA ILE A 36 -5.56 -3.86 -2.88
C ILE A 36 -5.25 -5.31 -2.50
N ALA A 37 -5.96 -6.24 -3.13
CA ALA A 37 -5.75 -7.66 -2.87
C ALA A 37 -4.30 -8.06 -3.06
N GLU A 38 -3.70 -7.58 -4.15
CA GLU A 38 -2.31 -7.88 -4.45
C GLU A 38 -1.37 -7.19 -3.46
N ILE A 39 -1.68 -5.94 -3.14
CA ILE A 39 -0.87 -5.16 -2.21
C ILE A 39 -0.62 -5.95 -0.93
N LYS A 40 -1.66 -6.59 -0.41
CA LYS A 40 -1.55 -7.38 0.80
C LYS A 40 -0.49 -8.46 0.66
N ASN A 41 -0.52 -9.18 -0.46
CA ASN A 41 0.44 -10.23 -0.72
C ASN A 41 1.88 -9.71 -0.57
N LEU A 42 2.20 -8.66 -1.30
CA LEU A 42 3.53 -8.07 -1.26
C LEU A 42 4.03 -7.97 0.18
N PHE A 43 3.20 -7.44 1.06
CA PHE A 43 3.56 -7.28 2.47
C PHE A 43 3.77 -8.65 3.12
N THR A 44 2.91 -9.61 2.78
CA THR A 44 3.02 -10.95 3.33
C THR A 44 4.33 -11.62 2.92
N LYS A 45 4.76 -11.36 1.69
CA LYS A 45 6.00 -11.93 1.18
C LYS A 45 7.07 -11.96 2.26
N THR A 46 7.50 -10.77 2.69
CA THR A 46 8.52 -10.65 3.73
C THR A 46 8.06 -11.29 5.03
N HIS A 47 6.93 -10.84 5.55
CA HIS A 47 6.37 -11.36 6.79
C HIS A 47 5.21 -12.32 6.51
N PRO A 48 5.52 -13.63 6.46
CA PRO A 48 4.51 -14.66 6.21
C PRO A 48 3.53 -14.82 7.36
N GLN A 49 4.05 -14.72 8.58
CA GLN A 49 3.21 -14.86 9.78
C GLN A 49 2.07 -13.85 9.76
N TRP A 50 2.32 -12.69 9.17
CA TRP A 50 1.32 -11.64 9.08
C TRP A 50 0.38 -11.86 7.90
N TYR A 51 -0.72 -12.55 8.14
CA TYR A 51 -1.69 -12.83 7.08
C TYR A 51 -2.48 -11.57 6.71
N PRO A 52 -3.06 -11.59 5.51
CA PRO A 52 -3.85 -10.45 5.00
C PRO A 52 -5.17 -10.28 5.76
N ALA A 53 -5.81 -11.40 6.09
CA ALA A 53 -7.07 -11.36 6.81
C ALA A 53 -7.01 -10.40 8.00
N ARG A 54 -5.79 -10.13 8.46
CA ARG A 54 -5.59 -9.23 9.59
C ARG A 54 -5.08 -7.87 9.11
N GLN A 55 -4.22 -7.90 8.09
CA GLN A 55 -3.66 -6.67 7.55
C GLN A 55 -4.74 -5.81 6.92
N SER A 56 -5.48 -5.09 7.75
CA SER A 56 -6.55 -4.22 7.28
C SER A 56 -5.99 -2.89 6.77
N LEU A 57 -6.19 -2.63 5.48
CA LEU A 57 -5.71 -1.39 4.87
C LEU A 57 -6.85 -0.40 4.69
N ARG A 58 -6.54 0.88 4.85
CA ARG A 58 -7.54 1.94 4.71
C ARG A 58 -6.89 3.23 4.21
N LEU A 59 -7.59 3.93 3.32
CA LEU A 59 -7.08 5.18 2.77
C LEU A 59 -6.84 6.21 3.87
N ASP A 60 -7.32 5.89 5.08
CA ASP A 60 -7.15 6.79 6.21
C ASP A 60 -7.55 6.09 7.51
N PRO A 61 -6.92 6.51 8.62
CA PRO A 61 -7.19 5.94 9.94
C PRO A 61 -8.58 6.31 10.47
N LYS A 62 -9.28 7.14 9.71
CA LYS A 62 -10.62 7.57 10.10
C LYS A 62 -11.61 7.35 8.97
N GLY A 63 -11.29 6.40 8.08
CA GLY A 63 -12.17 6.12 6.96
C GLY A 63 -12.75 4.72 7.04
N LYS A 64 -12.77 4.03 5.90
CA LYS A 64 -13.32 2.67 5.83
C LYS A 64 -12.26 1.69 5.32
N SER A 65 -12.41 0.42 5.68
CA SER A 65 -11.48 -0.61 5.25
C SER A 65 -11.52 -0.78 3.74
N LEU A 66 -10.38 -0.55 3.09
CA LEU A 66 -10.29 -0.68 1.64
C LEU A 66 -10.65 -2.09 1.19
N LYS A 67 -10.99 -2.23 -0.09
CA LYS A 67 -11.36 -3.53 -0.65
C LYS A 67 -10.58 -3.81 -1.93
N ASP A 68 -10.47 -5.09 -2.27
CA ASP A 68 -9.76 -5.49 -3.47
C ASP A 68 -10.20 -4.67 -4.67
N GLU A 69 -11.51 -4.55 -4.85
CA GLU A 69 -12.06 -3.78 -5.97
C GLU A 69 -11.26 -2.51 -6.21
N ASP A 70 -10.79 -1.89 -5.12
CA ASP A 70 -10.02 -0.67 -5.21
C ASP A 70 -8.70 -0.91 -5.95
N VAL A 71 -8.23 0.11 -6.65
CA VAL A 71 -6.99 0.01 -7.41
C VAL A 71 -6.10 1.23 -7.16
N LEU A 72 -4.79 1.03 -7.30
CA LEU A 72 -3.83 2.11 -7.09
C LEU A 72 -4.02 3.21 -8.13
N GLN A 73 -4.85 2.93 -9.12
CA GLN A 73 -5.12 3.90 -10.18
C GLN A 73 -6.56 4.40 -10.12
N LYS A 74 -7.43 3.60 -9.50
CA LYS A 74 -8.83 3.96 -9.37
C LYS A 74 -9.07 4.74 -8.09
N LEU A 75 -8.26 4.48 -7.07
CA LEU A 75 -8.38 5.16 -5.79
C LEU A 75 -8.23 6.67 -5.96
N PRO A 76 -8.82 7.43 -5.03
CA PRO A 76 -8.76 8.90 -5.05
C PRO A 76 -7.36 9.43 -4.75
N VAL A 77 -6.35 8.61 -5.01
CA VAL A 77 -4.96 8.99 -4.76
C VAL A 77 -4.16 8.99 -6.06
N GLY A 78 -2.94 9.52 -5.99
CA GLY A 78 -2.09 9.58 -7.16
C GLY A 78 -0.92 8.61 -7.06
N THR A 79 0.06 8.79 -7.96
CA THR A 79 1.24 7.92 -7.97
C THR A 79 1.65 7.54 -6.55
N THR A 80 1.62 8.51 -5.65
CA THR A 80 2.00 8.27 -4.25
C THR A 80 0.77 7.95 -3.41
N ALA A 81 0.53 6.66 -3.17
CA ALA A 81 -0.60 6.23 -2.37
C ALA A 81 -0.18 5.93 -0.94
N THR A 82 -1.12 6.09 -0.01
CA THR A 82 -0.84 5.84 1.40
C THR A 82 -1.90 4.94 2.02
N LEU A 83 -1.47 3.86 2.65
CA LEU A 83 -2.38 2.92 3.29
C LEU A 83 -2.18 2.89 4.79
N TYR A 84 -3.25 2.61 5.53
CA TYR A 84 -3.19 2.56 6.98
C TYR A 84 -3.51 1.15 7.49
N PHE A 85 -2.69 0.66 8.41
CA PHE A 85 -2.89 -0.66 8.98
C PHE A 85 -3.68 -0.59 10.27
N ARG A 86 -4.71 -1.42 10.39
CA ARG A 86 -5.55 -1.46 11.57
C ARG A 86 -5.61 -2.86 12.17
N ASP A 87 -5.33 -2.96 13.46
CA ASP A 87 -5.36 -4.24 14.15
C ASP A 87 -6.79 -4.76 14.30
N LEU A 88 -7.01 -6.00 13.87
CA LEU A 88 -8.33 -6.61 13.96
C LEU A 88 -8.56 -7.22 15.33
N GLY A 1 27.58 9.74 -17.29
CA GLY A 1 28.77 9.20 -16.67
C GLY A 1 28.45 8.33 -15.47
N SER A 2 29.15 8.58 -14.35
CA SER A 2 28.93 7.81 -13.14
C SER A 2 27.74 8.34 -12.36
N SER A 3 27.80 9.61 -11.98
CA SER A 3 26.72 10.24 -11.22
C SER A 3 25.60 10.68 -12.16
N GLY A 4 24.40 10.15 -11.92
CA GLY A 4 23.26 10.48 -12.74
C GLY A 4 22.15 11.17 -11.95
N SER A 5 20.92 11.01 -12.40
CA SER A 5 19.78 11.62 -11.72
C SER A 5 18.81 10.55 -11.21
N SER A 6 17.98 10.93 -10.24
CA SER A 6 17.02 10.01 -9.66
C SER A 6 15.74 9.94 -10.50
N GLY A 7 15.06 8.80 -10.45
CA GLY A 7 13.83 8.64 -11.20
C GLY A 7 13.31 7.22 -11.14
N MET A 8 12.04 7.08 -10.75
CA MET A 8 11.42 5.77 -10.65
C MET A 8 10.09 5.74 -11.40
N LYS A 9 9.89 4.70 -12.20
CA LYS A 9 8.67 4.55 -12.97
C LYS A 9 7.71 3.58 -12.29
N HIS A 10 7.59 3.69 -10.97
CA HIS A 10 6.70 2.82 -10.20
C HIS A 10 5.85 3.63 -9.23
N TYR A 11 5.00 2.95 -8.49
CA TYR A 11 4.12 3.60 -7.52
C TYR A 11 4.71 3.53 -6.12
N GLU A 12 4.64 4.64 -5.40
CA GLU A 12 5.17 4.70 -4.04
C GLU A 12 4.04 4.57 -3.01
N VAL A 13 4.02 3.43 -2.32
CA VAL A 13 3.00 3.17 -1.32
C VAL A 13 3.62 3.05 0.08
N GLU A 14 3.26 3.97 0.96
CA GLU A 14 3.78 3.95 2.32
C GLU A 14 2.74 3.41 3.30
N ILE A 15 2.85 2.12 3.59
CA ILE A 15 1.92 1.47 4.52
C ILE A 15 2.21 1.85 5.96
N LEU A 16 1.46 2.81 6.48
CA LEU A 16 1.65 3.27 7.85
C LEU A 16 0.64 2.61 8.79
N ASP A 17 0.86 2.77 10.09
CA ASP A 17 -0.04 2.19 11.09
C ASP A 17 -1.24 3.09 11.34
N ALA A 18 -2.32 2.51 11.83
CA ALA A 18 -3.54 3.26 12.11
C ALA A 18 -3.52 3.80 13.53
N LYS A 19 -2.46 3.51 14.27
CA LYS A 19 -2.32 3.97 15.64
C LYS A 19 -1.05 4.79 15.82
N THR A 20 0.10 4.14 15.63
CA THR A 20 1.39 4.80 15.76
C THR A 20 1.80 5.46 14.45
N ARG A 21 1.04 5.21 13.39
CA ARG A 21 1.33 5.77 12.09
C ARG A 21 2.82 5.71 11.78
N GLU A 22 3.41 4.53 11.95
CA GLU A 22 4.83 4.34 11.69
C GLU A 22 5.05 3.57 10.39
N LYS A 23 6.09 3.95 9.66
CA LYS A 23 6.42 3.30 8.40
C LYS A 23 6.67 1.81 8.59
N LEU A 24 5.67 0.99 8.27
CA LEU A 24 5.79 -0.45 8.41
C LEU A 24 6.36 -1.08 7.14
N CYS A 25 6.00 -0.52 6.00
CA CYS A 25 6.49 -1.03 4.71
C CYS A 25 6.44 0.06 3.65
N PHE A 26 7.45 0.09 2.79
CA PHE A 26 7.53 1.08 1.72
C PHE A 26 7.76 0.42 0.37
N LEU A 27 6.69 0.27 -0.40
CA LEU A 27 6.78 -0.35 -1.72
C LEU A 27 6.82 0.71 -2.82
N ASP A 28 8.02 0.98 -3.33
CA ASP A 28 8.20 1.96 -4.38
C ASP A 28 8.27 1.29 -5.75
N LYS A 29 7.88 0.01 -5.79
CA LYS A 29 7.89 -0.74 -7.04
C LYS A 29 6.56 -1.45 -7.25
N VAL A 30 5.47 -0.77 -6.91
CA VAL A 30 4.13 -1.34 -7.07
C VAL A 30 3.52 -0.92 -8.41
N GLU A 31 2.66 -1.78 -8.94
CA GLU A 31 2.00 -1.51 -10.22
C GLU A 31 0.71 -0.73 -10.01
N PRO A 32 0.36 0.14 -10.97
CA PRO A 32 -0.85 0.95 -10.92
C PRO A 32 -2.12 0.12 -11.07
N HIS A 33 -2.04 -0.93 -11.89
CA HIS A 33 -3.17 -1.80 -12.13
C HIS A 33 -3.35 -2.78 -10.97
N ALA A 34 -2.39 -2.79 -10.05
CA ALA A 34 -2.45 -3.68 -8.89
C ALA A 34 -3.62 -3.33 -7.99
N THR A 35 -4.38 -4.36 -7.60
CA THR A 35 -5.53 -4.17 -6.74
C THR A 35 -5.17 -4.35 -5.27
N ILE A 36 -5.89 -3.67 -4.39
CA ILE A 36 -5.64 -3.76 -2.96
C ILE A 36 -5.29 -5.19 -2.55
N ALA A 37 -5.94 -6.16 -3.17
CA ALA A 37 -5.70 -7.57 -2.88
C ALA A 37 -4.22 -7.91 -3.05
N GLU A 38 -3.65 -7.47 -4.17
CA GLU A 38 -2.24 -7.74 -4.45
C GLU A 38 -1.34 -7.08 -3.41
N ILE A 39 -1.63 -5.83 -3.08
CA ILE A 39 -0.85 -5.10 -2.09
C ILE A 39 -0.62 -5.93 -0.83
N LYS A 40 -1.70 -6.54 -0.34
CA LYS A 40 -1.62 -7.37 0.86
C LYS A 40 -0.63 -8.51 0.66
N ASN A 41 -0.69 -9.16 -0.50
CA ASN A 41 0.20 -10.27 -0.81
C ASN A 41 1.66 -9.86 -0.62
N LEU A 42 2.03 -8.74 -1.24
CA LEU A 42 3.40 -8.24 -1.14
C LEU A 42 3.85 -8.16 0.31
N PHE A 43 3.08 -7.44 1.12
CA PHE A 43 3.39 -7.29 2.53
C PHE A 43 3.66 -8.65 3.18
N THR A 44 3.01 -9.68 2.66
CA THR A 44 3.18 -11.03 3.19
C THR A 44 4.51 -11.63 2.77
N LYS A 45 4.87 -11.44 1.51
CA LYS A 45 6.12 -11.97 0.98
C LYS A 45 7.23 -11.86 2.01
N THR A 46 7.43 -10.65 2.53
CA THR A 46 8.47 -10.40 3.53
C THR A 46 8.10 -11.03 4.87
N HIS A 47 6.92 -10.69 5.37
CA HIS A 47 6.45 -11.23 6.64
C HIS A 47 5.36 -12.28 6.42
N PRO A 48 5.77 -13.55 6.41
CA PRO A 48 4.85 -14.68 6.21
C PRO A 48 3.92 -14.88 7.40
N GLN A 49 4.42 -14.60 8.60
CA GLN A 49 3.63 -14.75 9.81
C GLN A 49 2.41 -13.85 9.78
N TRP A 50 2.53 -12.70 9.12
CA TRP A 50 1.44 -11.74 9.02
C TRP A 50 0.53 -12.08 7.85
N TYR A 51 -0.70 -12.46 8.16
CA TYR A 51 -1.67 -12.81 7.12
C TYR A 51 -2.49 -11.60 6.71
N PRO A 52 -3.11 -11.68 5.52
CA PRO A 52 -3.94 -10.60 4.98
C PRO A 52 -5.24 -10.42 5.76
N ALA A 53 -5.72 -11.51 6.36
CA ALA A 53 -6.96 -11.47 7.13
C ALA A 53 -6.83 -10.52 8.31
N ARG A 54 -5.60 -10.32 8.78
CA ARG A 54 -5.34 -9.43 9.91
C ARG A 54 -5.06 -8.00 9.43
N GLN A 55 -4.09 -7.87 8.53
CA GLN A 55 -3.72 -6.57 8.00
C GLN A 55 -4.90 -5.91 7.30
N SER A 56 -5.33 -4.78 7.83
CA SER A 56 -6.46 -4.05 7.26
C SER A 56 -6.02 -2.69 6.72
N LEU A 57 -6.01 -2.56 5.40
CA LEU A 57 -5.60 -1.32 4.75
C LEU A 57 -6.78 -0.37 4.62
N ARG A 58 -6.52 0.92 4.80
CA ARG A 58 -7.58 1.94 4.69
C ARG A 58 -6.99 3.27 4.23
N LEU A 59 -7.71 3.94 3.33
CA LEU A 59 -7.27 5.23 2.81
C LEU A 59 -7.06 6.23 3.94
N ASP A 60 -7.53 5.88 5.13
CA ASP A 60 -7.39 6.75 6.29
C ASP A 60 -7.71 5.99 7.58
N PRO A 61 -7.05 6.39 8.69
CA PRO A 61 -7.26 5.77 10.00
C PRO A 61 -8.64 6.07 10.58
N LYS A 62 -9.40 6.90 9.88
CA LYS A 62 -10.73 7.28 10.33
C LYS A 62 -11.77 7.02 9.22
N GLY A 63 -11.46 6.06 8.35
CA GLY A 63 -12.37 5.74 7.26
C GLY A 63 -12.91 4.33 7.35
N LYS A 64 -12.74 3.56 6.28
CA LYS A 64 -13.20 2.18 6.25
C LYS A 64 -12.21 1.29 5.51
N SER A 65 -12.22 0.00 5.84
CA SER A 65 -11.32 -0.95 5.22
C SER A 65 -11.51 -0.97 3.71
N LEU A 66 -10.40 -0.86 2.98
CA LEU A 66 -10.44 -0.86 1.52
C LEU A 66 -10.79 -2.24 0.98
N LYS A 67 -11.28 -2.29 -0.26
CA LYS A 67 -11.65 -3.56 -0.88
C LYS A 67 -10.83 -3.78 -2.16
N ASP A 68 -10.60 -5.06 -2.47
CA ASP A 68 -9.84 -5.41 -3.67
C ASP A 68 -10.26 -4.54 -4.86
N GLU A 69 -11.56 -4.46 -5.09
CA GLU A 69 -12.09 -3.67 -6.20
C GLU A 69 -11.25 -2.41 -6.41
N ASP A 70 -10.85 -1.78 -5.32
CA ASP A 70 -10.04 -0.57 -5.38
C ASP A 70 -8.70 -0.84 -6.04
N VAL A 71 -8.19 0.14 -6.78
CA VAL A 71 -6.91 0.01 -7.47
C VAL A 71 -6.02 1.22 -7.22
N LEU A 72 -4.72 1.02 -7.34
CA LEU A 72 -3.76 2.10 -7.13
C LEU A 72 -3.88 3.16 -8.22
N GLN A 73 -4.71 2.87 -9.23
CA GLN A 73 -4.92 3.80 -10.32
C GLN A 73 -6.35 4.34 -10.31
N LYS A 74 -7.24 3.62 -9.64
CA LYS A 74 -8.64 4.02 -9.56
C LYS A 74 -8.92 4.76 -8.26
N LEU A 75 -8.11 4.47 -7.24
CA LEU A 75 -8.27 5.11 -5.94
C LEU A 75 -8.14 6.64 -6.06
N PRO A 76 -8.75 7.36 -5.11
CA PRO A 76 -8.71 8.83 -5.10
C PRO A 76 -7.32 9.37 -4.76
N VAL A 77 -6.30 8.57 -5.05
CA VAL A 77 -4.92 8.97 -4.78
C VAL A 77 -4.10 8.99 -6.05
N GLY A 78 -2.88 9.53 -5.96
CA GLY A 78 -2.01 9.61 -7.12
C GLY A 78 -0.83 8.66 -7.02
N THR A 79 0.18 8.89 -7.85
CA THR A 79 1.36 8.04 -7.86
C THR A 79 1.76 7.63 -6.44
N THR A 80 1.68 8.59 -5.51
CA THR A 80 2.02 8.32 -4.12
C THR A 80 0.78 7.97 -3.30
N ALA A 81 0.56 6.68 -3.08
CA ALA A 81 -0.59 6.22 -2.32
C ALA A 81 -0.20 5.93 -0.87
N THR A 82 -1.16 6.08 0.03
CA THR A 82 -0.92 5.84 1.45
C THR A 82 -1.97 4.92 2.03
N LEU A 83 -1.53 3.87 2.74
CA LEU A 83 -2.43 2.91 3.35
C LEU A 83 -2.22 2.84 4.85
N TYR A 84 -3.30 2.59 5.59
CA TYR A 84 -3.22 2.49 7.04
C TYR A 84 -3.55 1.08 7.52
N PHE A 85 -2.70 0.54 8.38
CA PHE A 85 -2.90 -0.81 8.92
C PHE A 85 -3.63 -0.76 10.26
N ARG A 86 -4.35 -1.83 10.57
CA ARG A 86 -5.10 -1.91 11.81
C ARG A 86 -4.92 -3.28 12.47
N ASP A 87 -4.65 -3.28 13.77
CA ASP A 87 -4.46 -4.51 14.51
C ASP A 87 -5.79 -5.13 14.90
N LEU A 88 -6.08 -6.31 14.38
CA LEU A 88 -7.31 -7.01 14.66
C LEU A 88 -7.16 -7.96 15.85
N GLY A 1 14.30 22.08 -17.47
CA GLY A 1 14.90 23.17 -16.74
C GLY A 1 15.59 22.71 -15.47
N SER A 2 14.96 21.79 -14.76
CA SER A 2 15.51 21.27 -13.52
C SER A 2 16.10 19.87 -13.71
N SER A 3 16.84 19.39 -12.72
CA SER A 3 17.45 18.07 -12.80
C SER A 3 16.45 16.98 -12.41
N GLY A 4 16.81 15.74 -12.68
CA GLY A 4 15.94 14.63 -12.34
C GLY A 4 16.61 13.28 -12.53
N SER A 5 16.04 12.25 -11.91
CA SER A 5 16.60 10.90 -12.01
C SER A 5 15.65 9.98 -12.78
N SER A 6 15.72 10.05 -14.10
CA SER A 6 14.87 9.23 -14.95
C SER A 6 15.30 7.76 -14.90
N GLY A 7 14.40 6.89 -14.47
CA GLY A 7 14.71 5.48 -14.37
C GLY A 7 13.49 4.63 -14.09
N MET A 8 13.48 3.96 -12.95
CA MET A 8 12.36 3.11 -12.56
C MET A 8 11.11 3.94 -12.34
N LYS A 9 10.04 3.59 -13.04
CA LYS A 9 8.77 4.29 -12.92
C LYS A 9 7.69 3.40 -12.33
N HIS A 10 7.54 3.45 -11.01
CA HIS A 10 6.54 2.64 -10.32
C HIS A 10 5.75 3.47 -9.32
N TYR A 11 4.77 2.85 -8.68
CA TYR A 11 3.93 3.55 -7.71
C TYR A 11 4.57 3.48 -6.31
N GLU A 12 4.52 4.60 -5.60
CA GLU A 12 5.09 4.68 -4.26
C GLU A 12 3.99 4.54 -3.20
N VAL A 13 4.01 3.42 -2.50
CA VAL A 13 3.01 3.17 -1.46
C VAL A 13 3.68 2.97 -0.10
N GLU A 14 3.39 3.87 0.83
CA GLU A 14 3.97 3.79 2.17
C GLU A 14 2.91 3.37 3.19
N ILE A 15 2.96 2.10 3.59
CA ILE A 15 2.02 1.57 4.56
C ILE A 15 2.36 2.03 5.98
N LEU A 16 1.58 2.97 6.50
CA LEU A 16 1.80 3.49 7.83
C LEU A 16 0.74 2.98 8.81
N ASP A 17 0.91 3.30 10.08
CA ASP A 17 -0.04 2.87 11.11
C ASP A 17 -1.14 3.91 11.30
N ALA A 18 -2.28 3.48 11.83
CA ALA A 18 -3.40 4.37 12.08
C ALA A 18 -3.32 5.00 13.46
N LYS A 19 -2.27 4.65 14.20
CA LYS A 19 -2.07 5.18 15.54
C LYS A 19 -0.75 5.94 15.64
N THR A 20 0.36 5.21 15.56
CA THR A 20 1.68 5.82 15.63
C THR A 20 2.19 6.21 14.25
N ARG A 21 1.40 5.90 13.23
CA ARG A 21 1.77 6.22 11.85
C ARG A 21 3.24 5.88 11.60
N GLU A 22 3.76 4.93 12.36
CA GLU A 22 5.16 4.53 12.22
C GLU A 22 5.36 3.74 10.92
N LYS A 23 6.38 4.13 10.16
CA LYS A 23 6.69 3.47 8.90
C LYS A 23 6.82 1.96 9.09
N LEU A 24 5.92 1.20 8.47
CA LEU A 24 5.94 -0.25 8.57
C LEU A 24 6.59 -0.88 7.34
N CYS A 25 6.20 -0.40 6.16
CA CYS A 25 6.76 -0.91 4.91
C CYS A 25 6.69 0.15 3.82
N PHE A 26 7.63 0.09 2.88
CA PHE A 26 7.68 1.03 1.78
C PHE A 26 7.86 0.32 0.44
N LEU A 27 6.79 0.29 -0.35
CA LEU A 27 6.84 -0.36 -1.66
C LEU A 27 6.82 0.67 -2.79
N ASP A 28 8.00 0.93 -3.35
CA ASP A 28 8.13 1.89 -4.45
C ASP A 28 8.15 1.18 -5.79
N LYS A 29 7.75 -0.09 -5.79
CA LYS A 29 7.73 -0.88 -7.02
C LYS A 29 6.39 -1.58 -7.19
N VAL A 30 5.31 -0.85 -6.91
CA VAL A 30 3.97 -1.40 -7.04
C VAL A 30 3.33 -0.99 -8.36
N GLU A 31 2.46 -1.85 -8.88
CA GLU A 31 1.78 -1.57 -10.15
C GLU A 31 0.49 -0.79 -9.91
N PRO A 32 0.13 0.05 -10.89
CA PRO A 32 -1.08 0.89 -10.82
C PRO A 32 -2.36 0.05 -10.93
N HIS A 33 -2.33 -0.95 -11.80
CA HIS A 33 -3.49 -1.81 -12.01
C HIS A 33 -3.63 -2.80 -10.86
N ALA A 34 -2.64 -2.81 -9.97
CA ALA A 34 -2.66 -3.71 -8.82
C ALA A 34 -3.82 -3.38 -7.88
N THR A 35 -4.56 -4.42 -7.49
CA THR A 35 -5.69 -4.22 -6.59
C THR A 35 -5.28 -4.43 -5.13
N ILE A 36 -6.06 -3.86 -4.22
CA ILE A 36 -5.78 -3.99 -2.79
C ILE A 36 -5.42 -5.41 -2.42
N ALA A 37 -6.13 -6.37 -3.00
CA ALA A 37 -5.88 -7.79 -2.74
C ALA A 37 -4.40 -8.12 -2.93
N GLU A 38 -3.84 -7.67 -4.04
CA GLU A 38 -2.43 -7.93 -4.34
C GLU A 38 -1.52 -7.26 -3.30
N ILE A 39 -1.75 -5.98 -3.06
CA ILE A 39 -0.97 -5.23 -2.09
C ILE A 39 -0.72 -6.05 -0.84
N LYS A 40 -1.78 -6.63 -0.30
CA LYS A 40 -1.68 -7.45 0.91
C LYS A 40 -0.63 -8.52 0.74
N ASN A 41 -0.65 -9.20 -0.39
CA ASN A 41 0.30 -10.27 -0.68
C ASN A 41 1.74 -9.75 -0.60
N LEU A 42 2.02 -8.67 -1.33
CA LEU A 42 3.35 -8.08 -1.34
C LEU A 42 3.90 -7.96 0.07
N PHE A 43 3.10 -7.43 0.98
CA PHE A 43 3.51 -7.27 2.37
C PHE A 43 3.81 -8.62 3.02
N THR A 44 2.93 -9.60 2.74
CA THR A 44 3.10 -10.93 3.30
C THR A 44 4.46 -11.52 2.92
N LYS A 45 4.87 -11.31 1.67
CA LYS A 45 6.15 -11.82 1.20
C LYS A 45 7.20 -11.78 2.31
N THR A 46 7.56 -10.57 2.73
CA THR A 46 8.56 -10.39 3.78
C THR A 46 8.07 -11.00 5.09
N HIS A 47 6.87 -10.61 5.51
CA HIS A 47 6.30 -11.11 6.76
C HIS A 47 5.16 -12.09 6.47
N PRO A 48 5.48 -13.38 6.43
CA PRO A 48 4.50 -14.43 6.16
C PRO A 48 3.52 -14.62 7.32
N GLN A 49 4.04 -14.58 8.54
CA GLN A 49 3.22 -14.74 9.73
C GLN A 49 1.99 -13.83 9.67
N TRP A 50 2.16 -12.67 9.05
CA TRP A 50 1.06 -11.71 8.93
C TRP A 50 0.20 -12.03 7.72
N TYR A 51 -0.93 -12.70 7.96
CA TYR A 51 -1.84 -13.06 6.88
C TYR A 51 -2.68 -11.87 6.44
N PRO A 52 -3.25 -11.95 5.23
CA PRO A 52 -4.09 -10.89 4.67
C PRO A 52 -5.42 -10.77 5.39
N ALA A 53 -5.92 -11.88 5.91
CA ALA A 53 -7.19 -11.90 6.63
C ALA A 53 -7.15 -10.94 7.82
N ARG A 54 -5.95 -10.66 8.32
CA ARG A 54 -5.79 -9.77 9.45
C ARG A 54 -5.35 -8.38 9.00
N GLN A 55 -4.22 -8.32 8.30
CA GLN A 55 -3.71 -7.05 7.81
C GLN A 55 -4.81 -6.22 7.16
N SER A 56 -5.24 -5.17 7.85
CA SER A 56 -6.29 -4.30 7.34
C SER A 56 -5.71 -3.00 6.80
N LEU A 57 -6.23 -2.56 5.65
CA LEU A 57 -5.77 -1.33 5.02
C LEU A 57 -6.90 -0.32 4.88
N ARG A 58 -6.59 0.96 5.05
CA ARG A 58 -7.58 2.01 4.93
C ARG A 58 -6.98 3.27 4.31
N LEU A 59 -7.74 3.90 3.42
CA LEU A 59 -7.27 5.11 2.75
C LEU A 59 -7.05 6.24 3.76
N ASP A 60 -7.63 6.09 4.95
CA ASP A 60 -7.50 7.10 5.99
C ASP A 60 -7.70 6.47 7.37
N PRO A 61 -7.08 7.08 8.39
CA PRO A 61 -7.17 6.60 9.77
C PRO A 61 -8.57 6.80 10.36
N LYS A 62 -9.36 7.65 9.72
CA LYS A 62 -10.72 7.92 10.17
C LYS A 62 -11.73 7.63 9.08
N GLY A 63 -11.43 6.64 8.25
CA GLY A 63 -12.33 6.26 7.16
C GLY A 63 -12.91 4.88 7.36
N LYS A 64 -12.70 4.02 6.37
CA LYS A 64 -13.21 2.65 6.43
C LYS A 64 -12.21 1.66 5.84
N SER A 65 -12.56 0.39 5.83
CA SER A 65 -11.69 -0.65 5.29
C SER A 65 -11.75 -0.68 3.77
N LEU A 66 -10.61 -0.87 3.14
CA LEU A 66 -10.53 -0.92 1.68
C LEU A 66 -10.89 -2.31 1.16
N LYS A 67 -11.27 -2.38 -0.10
CA LYS A 67 -11.65 -3.64 -0.73
C LYS A 67 -10.89 -3.86 -2.03
N ASP A 68 -10.68 -5.12 -2.39
CA ASP A 68 -9.97 -5.46 -3.61
C ASP A 68 -10.41 -4.56 -4.77
N GLU A 69 -11.71 -4.45 -4.96
CA GLU A 69 -12.27 -3.63 -6.03
C GLU A 69 -11.43 -2.37 -6.23
N ASP A 70 -10.91 -1.84 -5.14
CA ASP A 70 -10.09 -0.63 -5.19
C ASP A 70 -8.78 -0.90 -5.92
N VAL A 71 -8.31 0.09 -6.67
CA VAL A 71 -7.06 -0.03 -7.42
C VAL A 71 -6.17 1.18 -7.21
N LEU A 72 -4.86 0.97 -7.32
CA LEU A 72 -3.89 2.05 -7.14
C LEU A 72 -4.08 3.13 -8.21
N GLN A 73 -4.87 2.82 -9.23
CA GLN A 73 -5.13 3.76 -10.31
C GLN A 73 -6.58 4.24 -10.27
N LYS A 74 -7.41 3.56 -9.49
CA LYS A 74 -8.81 3.91 -9.36
C LYS A 74 -9.06 4.73 -8.09
N LEU A 75 -8.24 4.49 -7.08
CA LEU A 75 -8.36 5.20 -5.80
C LEU A 75 -8.19 6.70 -6.01
N PRO A 76 -8.77 7.49 -5.08
CA PRO A 76 -8.69 8.95 -5.14
C PRO A 76 -7.29 9.47 -4.84
N VAL A 77 -6.29 8.63 -5.09
CA VAL A 77 -4.90 9.01 -4.86
C VAL A 77 -4.08 8.93 -6.15
N GLY A 78 -2.85 9.44 -6.09
CA GLY A 78 -1.99 9.41 -7.26
C GLY A 78 -0.82 8.47 -7.10
N THR A 79 0.21 8.67 -7.92
CA THR A 79 1.40 7.82 -7.87
C THR A 79 1.80 7.53 -6.43
N THR A 80 1.73 8.56 -5.58
CA THR A 80 2.09 8.41 -4.17
C THR A 80 0.86 8.11 -3.32
N ALA A 81 0.58 6.82 -3.14
CA ALA A 81 -0.57 6.39 -2.34
C ALA A 81 -0.16 6.12 -0.89
N THR A 82 -1.09 6.34 0.02
CA THR A 82 -0.82 6.10 1.45
C THR A 82 -1.88 5.19 2.06
N LEU A 83 -1.43 4.07 2.61
CA LEU A 83 -2.34 3.11 3.23
C LEU A 83 -2.04 2.97 4.73
N TYR A 84 -3.10 2.96 5.54
CA TYR A 84 -2.95 2.83 6.98
C TYR A 84 -3.25 1.41 7.44
N PHE A 85 -2.48 0.92 8.40
CA PHE A 85 -2.67 -0.42 8.93
C PHE A 85 -3.54 -0.40 10.19
N ARG A 86 -4.51 -1.30 10.25
CA ARG A 86 -5.40 -1.38 11.40
C ARG A 86 -5.48 -2.82 11.93
N ASP A 87 -5.41 -2.94 13.26
CA ASP A 87 -5.47 -4.26 13.90
C ASP A 87 -6.85 -4.88 13.73
N LEU A 88 -6.91 -5.96 12.96
CA LEU A 88 -8.16 -6.66 12.71
C LEU A 88 -8.19 -8.02 13.43
N GLY A 1 14.48 24.33 -10.22
CA GLY A 1 14.54 25.35 -11.26
C GLY A 1 14.66 24.76 -12.65
N SER A 2 15.85 24.29 -12.99
CA SER A 2 16.10 23.70 -14.31
C SER A 2 16.50 22.23 -14.18
N SER A 3 17.41 21.95 -13.25
CA SER A 3 17.88 20.59 -13.02
C SER A 3 16.73 19.69 -12.60
N GLY A 4 16.64 18.52 -13.23
CA GLY A 4 15.59 17.58 -12.91
C GLY A 4 16.01 16.14 -13.13
N SER A 5 16.87 15.63 -12.26
CA SER A 5 17.36 14.26 -12.36
C SER A 5 16.26 13.26 -12.04
N SER A 6 15.88 12.46 -13.02
CA SER A 6 14.83 11.46 -12.85
C SER A 6 15.19 10.16 -13.55
N GLY A 7 14.42 9.11 -13.27
CA GLY A 7 14.68 7.82 -13.89
C GLY A 7 13.51 6.87 -13.73
N MET A 8 13.66 5.91 -12.81
CA MET A 8 12.61 4.93 -12.55
C MET A 8 11.91 5.20 -11.23
N LYS A 9 10.70 5.77 -11.31
CA LYS A 9 9.93 6.08 -10.11
C LYS A 9 8.52 5.52 -10.22
N HIS A 10 8.36 4.26 -9.81
CA HIS A 10 7.06 3.61 -9.86
C HIS A 10 6.14 4.13 -8.75
N TYR A 11 4.97 3.52 -8.62
CA TYR A 11 4.00 3.94 -7.62
C TYR A 11 4.59 3.80 -6.21
N GLU A 12 4.45 4.86 -5.42
CA GLU A 12 4.97 4.85 -4.06
C GLU A 12 3.86 4.51 -3.05
N VAL A 13 3.97 3.32 -2.47
CA VAL A 13 2.98 2.87 -1.49
C VAL A 13 3.61 2.65 -0.13
N GLU A 14 3.25 3.50 0.84
CA GLU A 14 3.79 3.41 2.18
C GLU A 14 2.70 2.99 3.18
N ILE A 15 2.80 1.76 3.67
CA ILE A 15 1.82 1.25 4.63
C ILE A 15 2.15 1.71 6.04
N LEU A 16 1.47 2.76 6.49
CA LEU A 16 1.69 3.31 7.83
C LEU A 16 0.68 2.72 8.82
N ASP A 17 0.93 2.93 10.11
CA ASP A 17 0.05 2.43 11.15
C ASP A 17 -1.10 3.39 11.39
N ALA A 18 -2.23 2.86 11.86
CA ALA A 18 -3.41 3.68 12.14
C ALA A 18 -3.40 4.18 13.57
N LYS A 19 -2.31 3.93 14.28
CA LYS A 19 -2.17 4.36 15.67
C LYS A 19 -0.88 5.14 15.88
N THR A 20 0.25 4.52 15.54
CA THR A 20 1.55 5.16 15.68
C THR A 20 2.00 5.80 14.38
N ARG A 21 1.28 5.50 13.31
CA ARG A 21 1.61 6.04 11.99
C ARG A 21 3.10 5.90 11.69
N GLU A 22 3.63 4.71 11.89
CA GLU A 22 5.04 4.44 11.65
C GLU A 22 5.23 3.61 10.39
N LYS A 23 6.26 3.94 9.61
CA LYS A 23 6.54 3.24 8.37
C LYS A 23 6.78 1.75 8.64
N LEU A 24 5.82 0.93 8.20
CA LEU A 24 5.91 -0.52 8.40
C LEU A 24 6.45 -1.20 7.13
N CYS A 25 6.04 -0.70 5.97
CA CYS A 25 6.48 -1.26 4.70
C CYS A 25 6.48 -0.19 3.61
N PHE A 26 7.60 -0.07 2.91
CA PHE A 26 7.73 0.92 1.84
C PHE A 26 7.93 0.23 0.49
N LEU A 27 6.93 0.32 -0.37
CA LEU A 27 7.00 -0.29 -1.69
C LEU A 27 7.06 0.77 -2.78
N ASP A 28 8.26 1.04 -3.29
CA ASP A 28 8.45 2.03 -4.33
C ASP A 28 8.32 1.39 -5.71
N LYS A 29 7.89 0.14 -5.74
CA LYS A 29 7.73 -0.59 -7.00
C LYS A 29 6.38 -1.31 -7.04
N VAL A 30 5.30 -0.53 -6.99
CA VAL A 30 3.95 -1.09 -7.02
C VAL A 30 3.29 -0.83 -8.37
N GLU A 31 2.47 -1.78 -8.81
CA GLU A 31 1.76 -1.66 -10.08
C GLU A 31 0.50 -0.82 -9.93
N PRO A 32 0.21 0.00 -10.95
CA PRO A 32 -0.97 0.87 -10.95
C PRO A 32 -2.27 0.08 -11.08
N HIS A 33 -2.20 -1.06 -11.76
CA HIS A 33 -3.37 -1.90 -11.96
C HIS A 33 -3.54 -2.88 -10.79
N ALA A 34 -2.55 -2.91 -9.91
CA ALA A 34 -2.59 -3.79 -8.75
C ALA A 34 -3.71 -3.40 -7.79
N THR A 35 -4.56 -4.36 -7.45
CA THR A 35 -5.67 -4.11 -6.54
C THR A 35 -5.25 -4.28 -5.09
N ILE A 36 -6.07 -3.78 -4.18
CA ILE A 36 -5.78 -3.86 -2.75
C ILE A 36 -5.40 -5.29 -2.36
N ALA A 37 -6.10 -6.26 -2.95
CA ALA A 37 -5.83 -7.66 -2.66
C ALA A 37 -4.36 -8.00 -2.89
N GLU A 38 -3.80 -7.52 -4.00
CA GLU A 38 -2.40 -7.77 -4.32
C GLU A 38 -1.49 -7.05 -3.34
N ILE A 39 -1.81 -5.80 -3.04
CA ILE A 39 -1.00 -5.01 -2.12
C ILE A 39 -0.69 -5.79 -0.85
N LYS A 40 -1.73 -6.33 -0.23
CA LYS A 40 -1.56 -7.11 0.99
C LYS A 40 -0.49 -8.18 0.82
N ASN A 41 -0.57 -8.91 -0.28
CA ASN A 41 0.39 -9.98 -0.57
C ASN A 41 1.81 -9.44 -0.52
N LEU A 42 2.08 -8.44 -1.35
CA LEU A 42 3.42 -7.83 -1.41
C LEU A 42 4.01 -7.68 0.00
N PHE A 43 3.16 -7.30 0.95
CA PHE A 43 3.60 -7.13 2.33
C PHE A 43 3.91 -8.48 2.98
N THR A 44 2.95 -9.40 2.90
CA THR A 44 3.12 -10.72 3.48
C THR A 44 4.49 -11.31 3.14
N LYS A 45 4.92 -11.11 1.89
CA LYS A 45 6.20 -11.60 1.44
C LYS A 45 7.24 -11.55 2.56
N THR A 46 7.60 -10.33 2.96
CA THR A 46 8.58 -10.15 4.02
C THR A 46 8.13 -10.82 5.31
N HIS A 47 6.88 -10.59 5.68
CA HIS A 47 6.32 -11.18 6.90
C HIS A 47 5.21 -12.17 6.56
N PRO A 48 5.57 -13.45 6.47
CA PRO A 48 4.62 -14.52 6.16
C PRO A 48 3.64 -14.79 7.30
N GLN A 49 4.07 -14.49 8.52
CA GLN A 49 3.24 -14.70 9.70
C GLN A 49 2.06 -13.73 9.69
N TRP A 50 2.25 -12.59 9.06
CA TRP A 50 1.20 -11.57 8.99
C TRP A 50 0.28 -11.83 7.80
N TYR A 51 -0.73 -12.67 7.99
CA TYR A 51 -1.68 -12.99 6.93
C TYR A 51 -2.49 -11.76 6.53
N PRO A 52 -3.07 -11.81 5.32
CA PRO A 52 -3.88 -10.71 4.80
C PRO A 52 -5.20 -10.55 5.54
N ALA A 53 -5.83 -11.67 5.87
CA ALA A 53 -7.10 -11.67 6.58
C ALA A 53 -7.06 -10.69 7.75
N ARG A 54 -5.87 -10.46 8.30
CA ARG A 54 -5.69 -9.55 9.42
C ARG A 54 -5.22 -8.18 8.94
N GLN A 55 -4.11 -8.17 8.22
CA GLN A 55 -3.54 -6.93 7.70
C GLN A 55 -4.61 -6.10 6.99
N SER A 56 -5.21 -5.17 7.72
CA SER A 56 -6.26 -4.33 7.15
C SER A 56 -5.66 -3.05 6.56
N LEU A 57 -6.20 -2.61 5.43
CA LEU A 57 -5.71 -1.41 4.77
C LEU A 57 -6.86 -0.42 4.54
N ARG A 58 -6.56 0.87 4.71
CA ARG A 58 -7.57 1.91 4.52
C ARG A 58 -6.92 3.18 3.97
N LEU A 59 -7.75 4.05 3.39
CA LEU A 59 -7.27 5.31 2.83
C LEU A 59 -7.03 6.33 3.92
N ASP A 60 -7.43 6.00 5.15
CA ASP A 60 -7.25 6.90 6.28
C ASP A 60 -7.63 6.21 7.59
N PRO A 61 -6.94 6.59 8.68
CA PRO A 61 -7.19 6.02 10.00
C PRO A 61 -8.54 6.46 10.58
N LYS A 62 -9.24 7.32 9.85
CA LYS A 62 -10.53 7.81 10.29
C LYS A 62 -11.60 7.56 9.22
N GLY A 63 -11.33 6.60 8.35
CA GLY A 63 -12.27 6.27 7.29
C GLY A 63 -12.85 4.88 7.43
N LYS A 64 -13.05 4.21 6.30
CA LYS A 64 -13.60 2.86 6.30
C LYS A 64 -12.67 1.89 5.58
N SER A 65 -12.61 0.66 6.06
CA SER A 65 -11.77 -0.36 5.44
C SER A 65 -11.89 -0.34 3.93
N LEU A 66 -10.77 -0.54 3.24
CA LEU A 66 -10.76 -0.55 1.78
C LEU A 66 -11.21 -1.90 1.24
N LYS A 67 -11.62 -1.92 -0.02
CA LYS A 67 -12.08 -3.15 -0.66
C LYS A 67 -11.17 -3.52 -1.83
N ASP A 68 -11.12 -4.81 -2.14
CA ASP A 68 -10.28 -5.30 -3.23
C ASP A 68 -10.63 -4.60 -4.54
N GLU A 69 -11.90 -4.24 -4.70
CA GLU A 69 -12.36 -3.56 -5.91
C GLU A 69 -11.55 -2.29 -6.15
N ASP A 70 -10.94 -1.77 -5.10
CA ASP A 70 -10.14 -0.56 -5.21
C ASP A 70 -8.84 -0.83 -5.96
N VAL A 71 -8.27 0.22 -6.54
CA VAL A 71 -7.03 0.09 -7.30
C VAL A 71 -6.15 1.33 -7.12
N LEU A 72 -4.85 1.15 -7.33
CA LEU A 72 -3.90 2.26 -7.21
C LEU A 72 -4.11 3.29 -8.30
N GLN A 73 -4.93 2.95 -9.29
CA GLN A 73 -5.22 3.85 -10.39
C GLN A 73 -6.65 4.36 -10.33
N LYS A 74 -7.45 3.75 -9.45
CA LYS A 74 -8.84 4.14 -9.29
C LYS A 74 -9.05 4.89 -7.97
N LEU A 75 -8.16 4.62 -7.00
CA LEU A 75 -8.25 5.27 -5.70
C LEU A 75 -8.07 6.77 -5.82
N PRO A 76 -8.63 7.52 -4.86
CA PRO A 76 -8.55 8.98 -4.83
C PRO A 76 -7.13 9.47 -4.54
N VAL A 77 -6.15 8.64 -4.84
CA VAL A 77 -4.75 9.00 -4.61
C VAL A 77 -3.97 9.04 -5.92
N GLY A 78 -2.74 9.55 -5.86
CA GLY A 78 -1.91 9.63 -7.04
C GLY A 78 -0.76 8.64 -7.01
N THR A 79 0.19 8.81 -7.93
CA THR A 79 1.34 7.92 -8.01
C THR A 79 1.75 7.41 -6.63
N THR A 80 1.75 8.32 -5.65
CA THR A 80 2.12 7.96 -4.29
C THR A 80 0.88 7.66 -3.45
N ALA A 81 0.66 6.38 -3.17
CA ALA A 81 -0.48 5.96 -2.38
C ALA A 81 -0.09 5.74 -0.91
N THR A 82 -1.01 6.04 0.00
CA THR A 82 -0.75 5.88 1.42
C THR A 82 -1.83 5.03 2.09
N LEU A 83 -1.45 3.86 2.57
CA LEU A 83 -2.38 2.96 3.23
C LEU A 83 -2.14 2.92 4.74
N TYR A 84 -3.18 2.59 5.50
CA TYR A 84 -3.08 2.52 6.95
C TYR A 84 -3.36 1.10 7.45
N PHE A 85 -2.57 0.65 8.40
CA PHE A 85 -2.73 -0.68 8.97
C PHE A 85 -3.57 -0.64 10.24
N ARG A 86 -4.58 -1.50 10.30
CA ARG A 86 -5.47 -1.56 11.45
C ARG A 86 -5.45 -2.95 12.08
N ASP A 87 -5.08 -3.02 13.36
CA ASP A 87 -5.03 -4.28 14.07
C ASP A 87 -6.43 -4.85 14.29
N LEU A 88 -6.63 -6.09 13.86
CA LEU A 88 -7.92 -6.76 14.00
C LEU A 88 -7.83 -7.92 14.98
N GLY A 1 26.40 1.18 -6.91
CA GLY A 1 26.95 1.46 -8.22
C GLY A 1 25.98 2.23 -9.09
N SER A 2 25.47 1.58 -10.13
CA SER A 2 24.54 2.20 -11.05
C SER A 2 23.11 2.12 -10.53
N SER A 3 22.20 2.80 -11.20
CA SER A 3 20.79 2.80 -10.80
C SER A 3 19.93 2.08 -11.83
N GLY A 4 19.99 2.55 -13.08
CA GLY A 4 19.21 1.94 -14.14
C GLY A 4 18.95 2.90 -15.29
N SER A 5 19.23 2.44 -16.51
CA SER A 5 19.02 3.26 -17.69
C SER A 5 17.54 3.46 -17.97
N SER A 6 16.80 2.37 -17.97
CA SER A 6 15.36 2.42 -18.23
C SER A 6 14.68 3.39 -17.27
N GLY A 7 14.80 3.13 -15.97
CA GLY A 7 14.19 4.00 -14.98
C GLY A 7 13.31 3.23 -14.01
N MET A 8 12.83 3.92 -12.98
CA MET A 8 11.97 3.30 -11.98
C MET A 8 10.59 3.93 -11.98
N LYS A 9 9.79 3.61 -12.99
CA LYS A 9 8.44 4.15 -13.10
C LYS A 9 7.43 3.24 -12.42
N HIS A 10 7.31 3.37 -11.10
CA HIS A 10 6.38 2.56 -10.33
C HIS A 10 5.62 3.42 -9.32
N TYR A 11 4.68 2.79 -8.62
CA TYR A 11 3.87 3.50 -7.63
C TYR A 11 4.50 3.39 -6.24
N GLU A 12 4.49 4.50 -5.51
CA GLU A 12 5.05 4.54 -4.16
C GLU A 12 3.96 4.44 -3.11
N VAL A 13 3.91 3.30 -2.42
CA VAL A 13 2.90 3.08 -1.39
C VAL A 13 3.56 2.87 -0.02
N GLU A 14 3.23 3.75 0.93
CA GLU A 14 3.79 3.66 2.27
C GLU A 14 2.73 3.21 3.27
N ILE A 15 2.82 1.95 3.69
CA ILE A 15 1.87 1.39 4.65
C ILE A 15 2.19 1.83 6.07
N LEU A 16 1.49 2.87 6.54
CA LEU A 16 1.71 3.38 7.88
C LEU A 16 0.68 2.82 8.87
N ASP A 17 0.91 3.04 10.15
CA ASP A 17 0.00 2.56 11.18
C ASP A 17 -1.12 3.57 11.43
N ALA A 18 -2.27 3.07 11.90
CA ALA A 18 -3.42 3.92 12.17
C ALA A 18 -3.39 4.43 13.61
N LYS A 19 -2.29 4.16 14.31
CA LYS A 19 -2.14 4.59 15.70
C LYS A 19 -0.85 5.38 15.87
N THR A 20 0.28 4.73 15.62
CA THR A 20 1.58 5.37 15.76
C THR A 20 2.06 5.94 14.43
N ARG A 21 1.30 5.67 13.37
CA ARG A 21 1.65 6.15 12.04
C ARG A 21 3.13 5.96 11.75
N GLU A 22 3.65 4.77 12.04
CA GLU A 22 5.05 4.46 11.82
C GLU A 22 5.24 3.67 10.53
N LYS A 23 6.31 3.97 9.81
CA LYS A 23 6.61 3.27 8.56
C LYS A 23 6.86 1.80 8.80
N LEU A 24 5.95 0.95 8.33
CA LEU A 24 6.06 -0.49 8.50
C LEU A 24 6.65 -1.13 7.24
N CYS A 25 6.30 -0.57 6.09
CA CYS A 25 6.79 -1.09 4.81
C CYS A 25 6.68 -0.04 3.71
N PHE A 26 7.64 -0.03 2.80
CA PHE A 26 7.64 0.93 1.70
C PHE A 26 7.79 0.21 0.36
N LEU A 27 6.71 0.17 -0.41
CA LEU A 27 6.72 -0.48 -1.71
C LEU A 27 6.75 0.56 -2.84
N ASP A 28 7.95 0.85 -3.34
CA ASP A 28 8.11 1.81 -4.42
C ASP A 28 8.19 1.11 -5.77
N LYS A 29 7.70 -0.12 -5.82
CA LYS A 29 7.71 -0.91 -7.05
C LYS A 29 6.35 -1.55 -7.31
N VAL A 30 5.29 -0.85 -6.92
CA VAL A 30 3.94 -1.37 -7.10
C VAL A 30 3.34 -0.87 -8.42
N GLU A 31 2.52 -1.70 -9.04
CA GLU A 31 1.88 -1.35 -10.31
C GLU A 31 0.60 -0.56 -10.07
N PRO A 32 0.23 0.29 -11.04
CA PRO A 32 -0.97 1.12 -10.96
C PRO A 32 -2.25 0.29 -11.06
N HIS A 33 -2.23 -0.72 -11.92
CA HIS A 33 -3.38 -1.58 -12.11
C HIS A 33 -3.51 -2.60 -10.98
N ALA A 34 -2.48 -2.64 -10.13
CA ALA A 34 -2.47 -3.57 -9.00
C ALA A 34 -3.63 -3.28 -8.05
N THR A 35 -4.39 -4.32 -7.72
CA THR A 35 -5.52 -4.19 -6.82
C THR A 35 -5.12 -4.44 -5.37
N ILE A 36 -5.78 -3.76 -4.45
CA ILE A 36 -5.48 -3.93 -3.03
C ILE A 36 -5.10 -5.37 -2.71
N ALA A 37 -5.83 -6.32 -3.29
CA ALA A 37 -5.57 -7.73 -3.08
C ALA A 37 -4.09 -8.05 -3.22
N GLU A 38 -3.52 -7.63 -4.35
CA GLU A 38 -2.11 -7.88 -4.62
C GLU A 38 -1.22 -7.17 -3.59
N ILE A 39 -1.68 -6.00 -3.14
CA ILE A 39 -0.94 -5.22 -2.16
C ILE A 39 -0.65 -6.05 -0.91
N LYS A 40 -1.71 -6.48 -0.23
CA LYS A 40 -1.57 -7.27 0.98
C LYS A 40 -0.53 -8.36 0.80
N ASN A 41 -0.61 -9.08 -0.33
CA ASN A 41 0.33 -10.15 -0.63
C ASN A 41 1.77 -9.65 -0.54
N LEU A 42 2.07 -8.59 -1.29
CA LEU A 42 3.41 -8.01 -1.30
C LEU A 42 3.95 -7.86 0.12
N PHE A 43 3.11 -7.34 1.01
CA PHE A 43 3.49 -7.15 2.40
C PHE A 43 3.73 -8.48 3.10
N THR A 44 2.98 -9.49 2.68
CA THR A 44 3.10 -10.83 3.27
C THR A 44 4.45 -11.45 2.93
N LYS A 45 4.87 -11.27 1.69
CA LYS A 45 6.15 -11.83 1.24
C LYS A 45 7.18 -11.79 2.35
N THR A 46 7.62 -10.59 2.72
CA THR A 46 8.60 -10.42 3.78
C THR A 46 8.17 -11.11 5.06
N HIS A 47 6.95 -10.79 5.52
CA HIS A 47 6.41 -11.38 6.73
C HIS A 47 5.28 -12.34 6.41
N PRO A 48 5.59 -13.63 6.33
CA PRO A 48 4.61 -14.68 6.03
C PRO A 48 3.63 -14.89 7.17
N GLN A 49 4.12 -14.83 8.40
CA GLN A 49 3.29 -15.03 9.58
C GLN A 49 2.08 -14.08 9.55
N TRP A 50 2.29 -12.89 8.98
CA TRP A 50 1.22 -11.89 8.89
C TRP A 50 0.35 -12.15 7.67
N TYR A 51 -0.89 -12.57 7.91
CA TYR A 51 -1.83 -12.85 6.83
C TYR A 51 -2.66 -11.62 6.51
N PRO A 52 -3.28 -11.62 5.32
CA PRO A 52 -4.13 -10.52 4.85
C PRO A 52 -5.43 -10.42 5.64
N ALA A 53 -5.88 -11.54 6.18
CA ALA A 53 -7.11 -11.58 6.96
C ALA A 53 -7.05 -10.62 8.14
N ARG A 54 -5.84 -10.15 8.45
CA ARG A 54 -5.64 -9.22 9.56
C ARG A 54 -5.36 -7.82 9.05
N GLN A 55 -4.26 -7.66 8.31
CA GLN A 55 -3.87 -6.37 7.78
C GLN A 55 -5.10 -5.58 7.29
N SER A 56 -5.43 -4.53 8.03
CA SER A 56 -6.59 -3.71 7.69
C SER A 56 -6.15 -2.42 7.00
N LEU A 57 -6.33 -2.35 5.69
CA LEU A 57 -5.95 -1.17 4.93
C LEU A 57 -7.10 -0.17 4.86
N ARG A 58 -6.77 1.11 4.95
CA ARG A 58 -7.78 2.16 4.90
C ARG A 58 -7.18 3.46 4.36
N LEU A 59 -7.84 4.05 3.37
CA LEU A 59 -7.38 5.29 2.77
C LEU A 59 -7.19 6.37 3.83
N ASP A 60 -7.83 6.19 4.98
CA ASP A 60 -7.73 7.15 6.08
C ASP A 60 -7.85 6.44 7.43
N PRO A 61 -7.22 7.02 8.45
CA PRO A 61 -7.24 6.46 9.81
C PRO A 61 -8.61 6.58 10.46
N LYS A 62 -9.49 7.37 9.85
CA LYS A 62 -10.85 7.56 10.37
C LYS A 62 -11.89 7.21 9.31
N GLY A 63 -11.49 6.41 8.33
CA GLY A 63 -12.40 6.01 7.28
C GLY A 63 -12.93 4.60 7.47
N LYS A 64 -12.86 3.80 6.42
CA LYS A 64 -13.35 2.43 6.47
C LYS A 64 -12.33 1.47 5.85
N SER A 65 -12.66 0.18 5.89
CA SER A 65 -11.77 -0.84 5.32
C SER A 65 -11.85 -0.84 3.80
N LEU A 66 -10.70 -0.95 3.15
CA LEU A 66 -10.64 -0.97 1.69
C LEU A 66 -10.93 -2.36 1.16
N LYS A 67 -11.32 -2.43 -0.11
CA LYS A 67 -11.63 -3.71 -0.75
C LYS A 67 -10.76 -3.93 -1.98
N ASP A 68 -10.65 -5.18 -2.41
CA ASP A 68 -9.85 -5.52 -3.58
C ASP A 68 -10.26 -4.69 -4.79
N GLU A 69 -11.57 -4.56 -5.00
CA GLU A 69 -12.10 -3.79 -6.11
C GLU A 69 -11.32 -2.50 -6.31
N ASP A 70 -10.81 -1.96 -5.21
CA ASP A 70 -10.03 -0.72 -5.26
C ASP A 70 -8.71 -0.93 -6.00
N VAL A 71 -8.30 0.08 -6.76
CA VAL A 71 -7.05 0.00 -7.52
C VAL A 71 -6.16 1.21 -7.24
N LEU A 72 -4.86 1.02 -7.36
CA LEU A 72 -3.90 2.09 -7.11
C LEU A 72 -4.07 3.21 -8.13
N GLN A 73 -4.89 2.96 -9.16
CA GLN A 73 -5.15 3.95 -10.19
C GLN A 73 -6.59 4.44 -10.14
N LYS A 74 -7.46 3.62 -9.55
CA LYS A 74 -8.87 3.97 -9.42
C LYS A 74 -9.13 4.73 -8.13
N LEU A 75 -8.34 4.44 -7.11
CA LEU A 75 -8.48 5.10 -5.82
C LEU A 75 -8.35 6.61 -5.96
N PRO A 76 -8.95 7.35 -5.01
CA PRO A 76 -8.90 8.82 -5.01
C PRO A 76 -7.51 9.35 -4.68
N VAL A 77 -6.49 8.55 -4.97
CA VAL A 77 -5.11 8.94 -4.70
C VAL A 77 -4.28 8.96 -5.98
N GLY A 78 -3.08 9.50 -5.90
CA GLY A 78 -2.21 9.57 -7.07
C GLY A 78 -1.03 8.62 -6.96
N THR A 79 -0.05 8.81 -7.84
CA THR A 79 1.14 7.97 -7.84
C THR A 79 1.54 7.57 -6.42
N THR A 80 1.58 8.56 -5.52
CA THR A 80 1.94 8.31 -4.14
C THR A 80 0.72 7.97 -3.30
N ALA A 81 0.47 6.68 -3.13
CA ALA A 81 -0.68 6.22 -2.34
C ALA A 81 -0.27 5.92 -0.90
N THR A 82 -1.19 6.15 0.03
CA THR A 82 -0.93 5.90 1.45
C THR A 82 -1.99 5.00 2.05
N LEU A 83 -1.55 3.96 2.75
CA LEU A 83 -2.45 3.02 3.38
C LEU A 83 -2.18 2.92 4.88
N TYR A 84 -3.25 2.77 5.66
CA TYR A 84 -3.12 2.66 7.11
C TYR A 84 -3.44 1.24 7.58
N PHE A 85 -2.58 0.72 8.46
CA PHE A 85 -2.77 -0.63 8.99
C PHE A 85 -3.40 -0.58 10.38
N ARG A 86 -4.33 -1.51 10.63
CA ARG A 86 -5.01 -1.57 11.91
C ARG A 86 -4.98 -2.99 12.48
N ASP A 87 -4.37 -3.16 13.64
CA ASP A 87 -4.28 -4.46 14.29
C ASP A 87 -5.67 -4.98 14.66
N LEU A 88 -5.93 -6.24 14.31
CA LEU A 88 -7.22 -6.85 14.62
C LEU A 88 -7.04 -8.12 15.44
N GLY A 1 10.88 17.03 -20.72
CA GLY A 1 11.50 15.83 -21.24
C GLY A 1 12.50 15.23 -20.26
N SER A 2 13.50 14.54 -20.79
CA SER A 2 14.52 13.91 -19.95
C SER A 2 14.87 14.80 -18.76
N SER A 3 15.09 14.16 -17.61
CA SER A 3 15.43 14.89 -16.39
C SER A 3 16.16 13.99 -15.41
N GLY A 4 16.81 14.60 -14.42
CA GLY A 4 17.55 13.85 -13.42
C GLY A 4 16.77 12.65 -12.92
N SER A 5 15.47 12.84 -12.66
CA SER A 5 14.62 11.77 -12.17
C SER A 5 14.99 10.44 -12.83
N SER A 6 14.79 9.35 -12.09
CA SER A 6 15.09 8.02 -12.60
C SER A 6 14.19 7.67 -13.78
N GLY A 7 14.63 6.72 -14.59
CA GLY A 7 13.85 6.29 -15.74
C GLY A 7 12.59 5.56 -15.34
N MET A 8 12.74 4.45 -14.65
CA MET A 8 11.59 3.65 -14.22
C MET A 8 10.65 4.48 -13.36
N LYS A 9 9.36 4.38 -13.66
CA LYS A 9 8.34 5.12 -12.92
C LYS A 9 7.33 4.19 -12.28
N HIS A 10 7.56 3.87 -11.00
CA HIS A 10 6.66 2.99 -10.26
C HIS A 10 5.82 3.76 -9.27
N TYR A 11 4.93 3.07 -8.58
CA TYR A 11 4.06 3.69 -7.59
C TYR A 11 4.66 3.59 -6.19
N GLU A 12 4.47 4.64 -5.39
CA GLU A 12 5.00 4.66 -4.03
C GLU A 12 3.88 4.46 -3.01
N VAL A 13 3.89 3.30 -2.35
CA VAL A 13 2.88 2.98 -1.36
C VAL A 13 3.50 2.80 0.02
N GLU A 14 3.31 3.78 0.89
CA GLU A 14 3.86 3.74 2.24
C GLU A 14 2.81 3.27 3.23
N ILE A 15 2.90 2.01 3.64
CA ILE A 15 1.95 1.44 4.59
C ILE A 15 2.27 1.87 6.01
N LEU A 16 1.56 2.88 6.49
CA LEU A 16 1.77 3.40 7.83
C LEU A 16 0.70 2.86 8.79
N ASP A 17 0.89 3.12 10.08
CA ASP A 17 -0.05 2.66 11.10
C ASP A 17 -1.16 3.68 11.31
N ALA A 18 -2.29 3.22 11.83
CA ALA A 18 -3.43 4.09 12.08
C ALA A 18 -3.33 4.75 13.46
N LYS A 19 -2.27 4.41 14.19
CA LYS A 19 -2.05 4.97 15.52
C LYS A 19 -0.76 5.78 15.58
N THR A 20 0.37 5.07 15.60
CA THR A 20 1.67 5.73 15.66
C THR A 20 2.09 6.23 14.28
N ARG A 21 1.46 5.69 13.24
CA ARG A 21 1.76 6.09 11.87
C ARG A 21 3.23 5.81 11.53
N GLU A 22 3.78 4.79 12.19
CA GLU A 22 5.17 4.41 11.95
C GLU A 22 5.33 3.69 10.62
N LYS A 23 6.41 3.99 9.91
CA LYS A 23 6.67 3.36 8.62
C LYS A 23 6.90 1.86 8.78
N LEU A 24 5.92 1.08 8.34
CA LEU A 24 6.00 -0.38 8.43
C LEU A 24 6.58 -0.97 7.16
N CYS A 25 6.13 -0.46 6.03
CA CYS A 25 6.60 -0.95 4.72
C CYS A 25 6.51 0.15 3.68
N PHE A 26 7.46 0.16 2.75
CA PHE A 26 7.50 1.16 1.69
C PHE A 26 7.74 0.50 0.33
N LEU A 27 6.66 0.31 -0.42
CA LEU A 27 6.75 -0.31 -1.74
C LEU A 27 6.76 0.75 -2.84
N ASP A 28 7.94 0.98 -3.41
CA ASP A 28 8.09 1.97 -4.48
C ASP A 28 8.11 1.29 -5.85
N LYS A 29 7.81 0.00 -5.86
CA LYS A 29 7.79 -0.77 -7.10
C LYS A 29 6.46 -1.49 -7.29
N VAL A 30 5.37 -0.76 -7.05
CA VAL A 30 4.03 -1.32 -7.19
C VAL A 30 3.38 -0.89 -8.50
N GLU A 31 2.55 -1.76 -9.06
CA GLU A 31 1.86 -1.47 -10.31
C GLU A 31 0.58 -0.67 -10.06
N PRO A 32 0.24 0.22 -11.00
CA PRO A 32 -0.96 1.05 -10.90
C PRO A 32 -2.25 0.25 -11.06
N HIS A 33 -2.19 -0.77 -11.92
CA HIS A 33 -3.35 -1.63 -12.16
C HIS A 33 -3.49 -2.69 -11.07
N ALA A 34 -2.57 -2.66 -10.10
CA ALA A 34 -2.58 -3.62 -9.01
C ALA A 34 -3.73 -3.35 -8.06
N THR A 35 -4.49 -4.39 -7.72
CA THR A 35 -5.63 -4.26 -6.82
C THR A 35 -5.21 -4.47 -5.37
N ILE A 36 -5.96 -3.90 -4.45
CA ILE A 36 -5.67 -4.03 -3.03
C ILE A 36 -5.31 -5.46 -2.66
N ALA A 37 -6.03 -6.41 -3.24
CA ALA A 37 -5.78 -7.82 -2.98
C ALA A 37 -4.30 -8.16 -3.16
N GLU A 38 -3.71 -7.67 -4.25
CA GLU A 38 -2.31 -7.92 -4.53
C GLU A 38 -1.42 -7.27 -3.48
N ILE A 39 -1.70 -6.00 -3.18
CA ILE A 39 -0.92 -5.25 -2.20
C ILE A 39 -0.70 -6.08 -0.93
N LYS A 40 -1.78 -6.65 -0.41
CA LYS A 40 -1.70 -7.46 0.79
C LYS A 40 -0.62 -8.53 0.66
N ASN A 41 -0.62 -9.23 -0.47
CA ASN A 41 0.36 -10.27 -0.72
C ASN A 41 1.78 -9.75 -0.54
N LEU A 42 2.10 -8.69 -1.30
CA LEU A 42 3.42 -8.09 -1.24
C LEU A 42 3.92 -8.01 0.21
N PHE A 43 3.14 -7.34 1.06
CA PHE A 43 3.49 -7.19 2.46
C PHE A 43 3.74 -8.55 3.11
N THR A 44 2.93 -9.54 2.75
CA THR A 44 3.07 -10.88 3.29
C THR A 44 4.41 -11.50 2.91
N LYS A 45 4.83 -11.26 1.67
CA LYS A 45 6.09 -11.79 1.17
C LYS A 45 7.16 -11.77 2.27
N THR A 46 7.53 -10.57 2.70
CA THR A 46 8.54 -10.43 3.75
C THR A 46 8.11 -11.14 5.03
N HIS A 47 6.99 -10.70 5.59
CA HIS A 47 6.46 -11.29 6.81
C HIS A 47 5.30 -12.23 6.52
N PRO A 48 5.60 -13.53 6.43
CA PRO A 48 4.60 -14.55 6.15
C PRO A 48 3.63 -14.76 7.31
N GLN A 49 4.16 -14.71 8.53
CA GLN A 49 3.35 -14.89 9.72
C GLN A 49 2.13 -13.97 9.70
N TRP A 50 2.29 -12.81 9.06
CA TRP A 50 1.20 -11.84 8.96
C TRP A 50 0.33 -12.13 7.75
N TYR A 51 -0.90 -12.58 8.00
CA TYR A 51 -1.83 -12.89 6.93
C TYR A 51 -2.65 -11.66 6.54
N PRO A 52 -3.24 -11.70 5.34
CA PRO A 52 -4.05 -10.60 4.81
C PRO A 52 -5.37 -10.44 5.57
N ALA A 53 -5.87 -11.55 6.09
CA ALA A 53 -7.13 -11.53 6.84
C ALA A 53 -7.03 -10.61 8.06
N ARG A 54 -5.81 -10.41 8.55
CA ARG A 54 -5.58 -9.57 9.71
C ARG A 54 -5.26 -8.13 9.27
N GLN A 55 -4.12 -7.97 8.59
CA GLN A 55 -3.70 -6.66 8.11
C GLN A 55 -4.88 -5.87 7.56
N SER A 56 -5.27 -4.82 8.27
CA SER A 56 -6.39 -3.99 7.85
C SER A 56 -5.89 -2.70 7.21
N LEU A 57 -6.27 -2.47 5.97
CA LEU A 57 -5.87 -1.27 5.24
C LEU A 57 -7.03 -0.29 5.12
N ARG A 58 -6.71 1.01 5.11
CA ARG A 58 -7.73 2.05 4.99
C ARG A 58 -7.13 3.33 4.44
N LEU A 59 -7.84 3.95 3.51
CA LEU A 59 -7.38 5.19 2.89
C LEU A 59 -7.20 6.28 3.94
N ASP A 60 -7.77 6.06 5.11
CA ASP A 60 -7.67 7.03 6.21
C ASP A 60 -7.92 6.35 7.56
N PRO A 61 -7.29 6.90 8.61
CA PRO A 61 -7.42 6.36 9.97
C PRO A 61 -8.81 6.60 10.55
N LYS A 62 -9.61 7.39 9.85
CA LYS A 62 -10.97 7.69 10.30
C LYS A 62 -11.97 7.46 9.17
N GLY A 63 -11.67 6.51 8.30
CA GLY A 63 -12.55 6.21 7.19
C GLY A 63 -13.11 4.80 7.26
N LYS A 64 -12.87 4.02 6.22
CA LYS A 64 -13.36 2.64 6.17
C LYS A 64 -12.29 1.70 5.60
N SER A 65 -12.58 0.41 5.62
CA SER A 65 -11.65 -0.58 5.12
C SER A 65 -11.69 -0.66 3.59
N LEU A 66 -10.54 -0.82 2.97
CA LEU A 66 -10.45 -0.90 1.52
C LEU A 66 -10.80 -2.31 1.03
N LYS A 67 -11.19 -2.41 -0.24
CA LYS A 67 -11.54 -3.68 -0.84
C LYS A 67 -10.73 -3.94 -2.10
N ASP A 68 -10.65 -5.21 -2.49
CA ASP A 68 -9.90 -5.60 -3.68
C ASP A 68 -10.34 -4.77 -4.89
N GLU A 69 -11.64 -4.49 -4.97
CA GLU A 69 -12.19 -3.72 -6.08
C GLU A 69 -11.36 -2.45 -6.31
N ASP A 70 -10.87 -1.87 -5.22
CA ASP A 70 -10.07 -0.65 -5.30
C ASP A 70 -8.75 -0.92 -6.00
N VAL A 71 -8.20 0.10 -6.66
CA VAL A 71 -6.95 -0.04 -7.37
C VAL A 71 -6.05 1.19 -7.15
N LEU A 72 -4.75 1.00 -7.30
CA LEU A 72 -3.80 2.09 -7.12
C LEU A 72 -3.95 3.14 -8.20
N GLN A 73 -4.77 2.84 -9.21
CA GLN A 73 -5.01 3.75 -10.31
C GLN A 73 -6.45 4.26 -10.30
N LYS A 74 -7.30 3.59 -9.53
CA LYS A 74 -8.70 3.96 -9.43
C LYS A 74 -8.98 4.69 -8.13
N LEU A 75 -8.16 4.43 -7.11
CA LEU A 75 -8.31 5.07 -5.82
C LEU A 75 -8.20 6.58 -5.93
N PRO A 76 -8.81 7.29 -4.98
CA PRO A 76 -8.80 8.76 -4.95
C PRO A 76 -7.42 9.32 -4.61
N VAL A 77 -6.38 8.54 -4.90
CA VAL A 77 -5.02 8.96 -4.63
C VAL A 77 -4.20 9.02 -5.92
N GLY A 78 -3.00 9.59 -5.81
CA GLY A 78 -2.14 9.70 -6.98
C GLY A 78 -0.92 8.80 -6.89
N THR A 79 0.06 9.05 -7.76
CA THR A 79 1.27 8.24 -7.77
C THR A 79 1.69 7.84 -6.36
N THR A 80 1.61 8.79 -5.43
CA THR A 80 1.97 8.53 -4.05
C THR A 80 0.76 8.10 -3.23
N ALA A 81 0.60 6.80 -3.06
CA ALA A 81 -0.52 6.26 -2.29
C ALA A 81 -0.11 5.95 -0.86
N THR A 82 -1.03 6.14 0.07
CA THR A 82 -0.76 5.87 1.48
C THR A 82 -1.85 5.01 2.10
N LEU A 83 -1.45 3.95 2.77
CA LEU A 83 -2.39 3.04 3.41
C LEU A 83 -2.11 2.94 4.92
N TYR A 84 -3.19 2.93 5.70
CA TYR A 84 -3.06 2.84 7.15
C TYR A 84 -3.34 1.41 7.63
N PHE A 85 -2.55 0.95 8.59
CA PHE A 85 -2.72 -0.39 9.15
C PHE A 85 -3.50 -0.35 10.46
N ARG A 86 -4.53 -1.18 10.56
CA ARG A 86 -5.35 -1.23 11.76
C ARG A 86 -5.37 -2.65 12.34
N ASP A 87 -5.25 -2.73 13.66
CA ASP A 87 -5.26 -4.03 14.34
C ASP A 87 -6.65 -4.63 14.36
N LEU A 88 -6.80 -5.80 13.77
CA LEU A 88 -8.09 -6.49 13.71
C LEU A 88 -7.96 -7.93 14.21
N GLY A 1 13.64 1.53 -23.24
CA GLY A 1 12.48 2.31 -22.88
C GLY A 1 11.55 2.54 -24.05
N SER A 2 10.93 3.72 -24.10
CA SER A 2 10.01 4.05 -25.18
C SER A 2 10.41 5.37 -25.83
N SER A 3 11.66 5.46 -26.28
CA SER A 3 12.16 6.68 -26.91
C SER A 3 11.90 7.90 -26.04
N GLY A 4 12.19 7.76 -24.75
CA GLY A 4 11.99 8.86 -23.82
C GLY A 4 13.15 9.04 -22.86
N SER A 5 13.10 8.31 -21.74
CA SER A 5 14.15 8.39 -20.74
C SER A 5 14.32 7.06 -20.02
N SER A 6 15.52 6.51 -20.08
CA SER A 6 15.82 5.23 -19.45
C SER A 6 15.39 5.24 -17.98
N GLY A 7 14.49 4.33 -17.63
CA GLY A 7 14.02 4.25 -16.26
C GLY A 7 12.51 4.42 -16.15
N MET A 8 11.84 3.43 -15.56
CA MET A 8 10.40 3.48 -15.40
C MET A 8 10.02 4.22 -14.14
N LYS A 9 8.73 4.51 -13.98
CA LYS A 9 8.24 5.22 -12.81
C LYS A 9 7.17 4.39 -12.09
N HIS A 10 7.60 3.59 -11.12
CA HIS A 10 6.68 2.75 -10.35
C HIS A 10 5.88 3.59 -9.37
N TYR A 11 4.94 2.95 -8.69
CA TYR A 11 4.10 3.64 -7.71
C TYR A 11 4.71 3.58 -6.31
N GLU A 12 4.50 4.63 -5.53
CA GLU A 12 5.03 4.69 -4.18
C GLU A 12 3.92 4.50 -3.15
N VAL A 13 3.94 3.36 -2.47
CA VAL A 13 2.94 3.04 -1.46
C VAL A 13 3.58 2.85 -0.09
N GLU A 14 3.29 3.75 0.83
CA GLU A 14 3.84 3.68 2.18
C GLU A 14 2.77 3.25 3.18
N ILE A 15 2.82 1.99 3.59
CA ILE A 15 1.86 1.45 4.54
C ILE A 15 2.19 1.88 5.97
N LEU A 16 1.51 2.91 6.45
CA LEU A 16 1.74 3.43 7.79
C LEU A 16 0.69 2.87 8.76
N ASP A 17 0.93 3.09 10.05
CA ASP A 17 0.00 2.63 11.09
C ASP A 17 -1.14 3.62 11.27
N ALA A 18 -2.26 3.12 11.81
CA ALA A 18 -3.43 3.96 12.04
C ALA A 18 -3.37 4.60 13.43
N LYS A 19 -2.37 4.23 14.20
CA LYS A 19 -2.20 4.77 15.55
C LYS A 19 -0.91 5.58 15.65
N THR A 20 0.22 4.89 15.66
CA THR A 20 1.52 5.54 15.76
C THR A 20 1.95 6.12 14.40
N ARG A 21 1.26 5.71 13.35
CA ARG A 21 1.56 6.19 12.00
C ARG A 21 3.05 6.07 11.70
N GLU A 22 3.60 4.88 11.94
CA GLU A 22 5.01 4.62 11.70
C GLU A 22 5.21 3.81 10.43
N LYS A 23 6.30 4.09 9.70
CA LYS A 23 6.60 3.38 8.47
C LYS A 23 6.80 1.88 8.74
N LEU A 24 5.83 1.08 8.30
CA LEU A 24 5.90 -0.37 8.49
C LEU A 24 6.46 -1.05 7.24
N CYS A 25 6.05 -0.58 6.08
CA CYS A 25 6.51 -1.14 4.81
C CYS A 25 6.46 -0.09 3.70
N PHE A 26 7.50 -0.07 2.87
CA PHE A 26 7.58 0.87 1.77
C PHE A 26 7.78 0.15 0.45
N LEU A 27 6.74 0.15 -0.38
CA LEU A 27 6.80 -0.50 -1.68
C LEU A 27 6.83 0.51 -2.81
N ASP A 28 8.04 0.86 -3.25
CA ASP A 28 8.21 1.83 -4.33
C ASP A 28 8.23 1.13 -5.69
N LYS A 29 7.89 -0.15 -5.70
CA LYS A 29 7.88 -0.93 -6.92
C LYS A 29 6.52 -1.59 -7.13
N VAL A 30 5.45 -0.85 -6.86
CA VAL A 30 4.10 -1.37 -7.01
C VAL A 30 3.50 -0.96 -8.35
N GLU A 31 2.66 -1.81 -8.91
CA GLU A 31 2.02 -1.54 -10.18
C GLU A 31 0.75 -0.71 -9.99
N PRO A 32 0.43 0.13 -10.98
CA PRO A 32 -0.76 0.98 -10.94
C PRO A 32 -2.05 0.19 -11.07
N HIS A 33 -2.00 -0.91 -11.81
CA HIS A 33 -3.16 -1.76 -12.01
C HIS A 33 -3.35 -2.71 -10.83
N ALA A 34 -2.32 -2.81 -9.99
CA ALA A 34 -2.38 -3.68 -8.82
C ALA A 34 -3.52 -3.29 -7.89
N THR A 35 -4.39 -4.25 -7.60
CA THR A 35 -5.53 -4.01 -6.72
C THR A 35 -5.15 -4.18 -5.25
N ILE A 36 -5.99 -3.69 -4.37
CA ILE A 36 -5.74 -3.78 -2.93
C ILE A 36 -5.42 -5.22 -2.52
N ALA A 37 -6.16 -6.16 -3.08
CA ALA A 37 -5.95 -7.58 -2.78
C ALA A 37 -4.48 -7.96 -2.94
N GLU A 38 -3.89 -7.55 -4.06
CA GLU A 38 -2.48 -7.85 -4.33
C GLU A 38 -1.57 -7.18 -3.30
N ILE A 39 -1.81 -5.90 -3.04
CA ILE A 39 -1.02 -5.15 -2.08
C ILE A 39 -0.83 -5.94 -0.79
N LYS A 40 -1.93 -6.48 -0.27
CA LYS A 40 -1.89 -7.27 0.95
C LYS A 40 -0.91 -8.43 0.84
N ASN A 41 -0.95 -9.12 -0.30
CA ASN A 41 -0.06 -10.25 -0.54
C ASN A 41 1.39 -9.84 -0.37
N LEU A 42 1.79 -8.78 -1.08
CA LEU A 42 3.16 -8.29 -1.01
C LEU A 42 3.64 -8.22 0.43
N PHE A 43 3.00 -7.35 1.22
CA PHE A 43 3.37 -7.19 2.62
C PHE A 43 3.67 -8.53 3.27
N THR A 44 2.95 -9.56 2.84
CA THR A 44 3.15 -10.91 3.38
C THR A 44 4.52 -11.45 3.00
N LYS A 45 4.93 -11.22 1.76
CA LYS A 45 6.22 -11.68 1.28
C LYS A 45 7.27 -11.64 2.39
N THR A 46 7.56 -10.44 2.87
CA THR A 46 8.54 -10.25 3.93
C THR A 46 8.13 -11.01 5.20
N HIS A 47 6.97 -10.65 5.74
CA HIS A 47 6.46 -11.30 6.94
C HIS A 47 5.32 -12.24 6.62
N PRO A 48 5.63 -13.54 6.53
CA PRO A 48 4.64 -14.58 6.22
C PRO A 48 3.65 -14.79 7.36
N GLN A 49 4.15 -14.83 8.59
CA GLN A 49 3.32 -15.03 9.75
C GLN A 49 2.11 -14.09 9.72
N TRP A 50 2.32 -12.88 9.24
CA TRP A 50 1.25 -11.89 9.15
C TRP A 50 0.40 -12.12 7.92
N TYR A 51 -0.55 -13.05 8.04
CA TYR A 51 -1.45 -13.38 6.94
C TYR A 51 -2.20 -12.14 6.46
N PRO A 52 -2.76 -12.21 5.25
CA PRO A 52 -3.53 -11.11 4.66
C PRO A 52 -4.86 -10.88 5.36
N ALA A 53 -5.35 -11.91 6.05
CA ALA A 53 -6.61 -11.84 6.78
C ALA A 53 -6.55 -10.76 7.87
N ARG A 54 -5.34 -10.28 8.15
CA ARG A 54 -5.15 -9.26 9.17
C ARG A 54 -4.86 -7.91 8.53
N GLN A 55 -3.83 -7.86 7.69
CA GLN A 55 -3.44 -6.63 7.02
C GLN A 55 -4.67 -5.81 6.64
N SER A 56 -5.04 -4.87 7.51
CA SER A 56 -6.20 -4.02 7.26
C SER A 56 -5.78 -2.67 6.69
N LEU A 57 -6.04 -2.48 5.40
CA LEU A 57 -5.68 -1.23 4.73
C LEU A 57 -6.88 -0.29 4.64
N ARG A 58 -6.63 1.00 4.83
CA ARG A 58 -7.70 2.00 4.78
C ARG A 58 -7.17 3.32 4.23
N LEU A 59 -7.93 3.93 3.33
CA LEU A 59 -7.54 5.21 2.73
C LEU A 59 -7.34 6.27 3.81
N ASP A 60 -7.91 6.03 4.99
CA ASP A 60 -7.79 6.97 6.10
C ASP A 60 -7.98 6.26 7.44
N PRO A 61 -7.35 6.79 8.48
CA PRO A 61 -7.44 6.22 9.83
C PRO A 61 -8.82 6.40 10.45
N LYS A 62 -9.69 7.12 9.75
CA LYS A 62 -11.04 7.36 10.23
C LYS A 62 -12.07 6.96 9.17
N GLY A 63 -11.66 6.07 8.26
CA GLY A 63 -12.56 5.62 7.22
C GLY A 63 -13.00 4.19 7.43
N LYS A 64 -13.17 3.46 6.32
CA LYS A 64 -13.60 2.07 6.38
C LYS A 64 -12.68 1.18 5.56
N SER A 65 -12.51 -0.06 6.00
CA SER A 65 -11.65 -1.01 5.31
C SER A 65 -11.79 -0.87 3.80
N LEU A 66 -10.68 -1.03 3.09
CA LEU A 66 -10.68 -0.92 1.64
C LEU A 66 -11.11 -2.23 0.98
N LYS A 67 -11.63 -2.14 -0.23
CA LYS A 67 -12.08 -3.32 -0.96
C LYS A 67 -11.16 -3.61 -2.15
N ASP A 68 -10.98 -4.90 -2.45
CA ASP A 68 -10.13 -5.31 -3.55
C ASP A 68 -10.46 -4.52 -4.82
N GLU A 69 -11.75 -4.23 -5.01
CA GLU A 69 -12.20 -3.50 -6.18
C GLU A 69 -11.35 -2.24 -6.39
N ASP A 70 -10.88 -1.67 -5.29
CA ASP A 70 -10.06 -0.46 -5.35
C ASP A 70 -8.75 -0.74 -6.09
N VAL A 71 -8.21 0.30 -6.72
CA VAL A 71 -6.96 0.16 -7.47
C VAL A 71 -6.05 1.36 -7.23
N LEU A 72 -4.75 1.13 -7.34
CA LEU A 72 -3.76 2.20 -7.13
C LEU A 72 -3.91 3.29 -8.19
N GLN A 73 -4.67 2.99 -9.24
CA GLN A 73 -4.89 3.95 -10.32
C GLN A 73 -6.33 4.45 -10.31
N LYS A 74 -7.19 3.76 -9.57
CA LYS A 74 -8.59 4.15 -9.48
C LYS A 74 -8.86 4.94 -8.21
N LEU A 75 -8.07 4.68 -7.17
CA LEU A 75 -8.22 5.37 -5.90
C LEU A 75 -8.05 6.88 -6.07
N PRO A 76 -8.65 7.64 -5.15
CA PRO A 76 -8.57 9.11 -5.18
C PRO A 76 -7.18 9.63 -4.86
N VAL A 77 -6.17 8.81 -5.12
CA VAL A 77 -4.78 9.19 -4.86
C VAL A 77 -3.97 9.17 -6.15
N GLY A 78 -2.77 9.73 -6.09
CA GLY A 78 -1.89 9.77 -7.25
C GLY A 78 -0.79 8.73 -7.19
N THR A 79 0.35 9.05 -7.79
CA THR A 79 1.48 8.13 -7.80
C THR A 79 1.92 7.77 -6.39
N THR A 80 1.63 8.66 -5.44
CA THR A 80 1.98 8.44 -4.04
C THR A 80 0.77 8.05 -3.21
N ALA A 81 0.51 6.76 -3.13
CA ALA A 81 -0.63 6.25 -2.36
C ALA A 81 -0.23 5.94 -0.93
N THR A 82 -1.13 6.21 0.01
CA THR A 82 -0.87 5.96 1.42
C THR A 82 -1.92 5.04 2.02
N LEU A 83 -1.48 3.94 2.61
CA LEU A 83 -2.38 2.97 3.23
C LEU A 83 -2.13 2.87 4.73
N TYR A 84 -3.20 2.73 5.50
CA TYR A 84 -3.09 2.61 6.95
C TYR A 84 -3.36 1.18 7.40
N PHE A 85 -2.49 0.67 8.26
CA PHE A 85 -2.63 -0.69 8.77
C PHE A 85 -3.35 -0.69 10.12
N ARG A 86 -4.21 -1.68 10.32
CA ARG A 86 -4.97 -1.80 11.56
C ARG A 86 -4.85 -3.20 12.14
N ASP A 87 -4.62 -3.29 13.45
CA ASP A 87 -4.48 -4.58 14.12
C ASP A 87 -5.85 -5.21 14.35
N LEU A 88 -6.01 -6.44 13.87
CA LEU A 88 -7.27 -7.16 14.02
C LEU A 88 -7.19 -8.16 15.17
#